data_2N7O
# 
_entry.id   2N7O 
# 
_audit_conform.dict_name       mmcif_pdbx.dic 
_audit_conform.dict_version    5.399 
_audit_conform.dict_location   http://mmcif.pdb.org/dictionaries/ascii/mmcif_pdbx.dic 
# 
loop_
_database_2.database_code 
_database_2.database_id 
_database_2.pdbx_database_accession 
_database_2.pdbx_DOI 
RCSB104525   RCSB  ?            ?                   
2N7O         PDB   pdb_00002n7o 10.2210/pdb2n7o/pdb 
25814        BMRB  ?            10.13018/BMR25814   
D_1000104525 WWPDB ?            ?                   
# 
loop_
_pdbx_audit_revision_history.ordinal 
_pdbx_audit_revision_history.data_content_type 
_pdbx_audit_revision_history.major_revision 
_pdbx_audit_revision_history.minor_revision 
_pdbx_audit_revision_history.revision_date 
1 'Structure model' 1 0 2015-12-16 
2 'Structure model' 1 1 2016-01-06 
3 'Structure model' 1 2 2017-10-11 
4 'Structure model' 1 3 2024-11-20 
# 
_pdbx_audit_revision_details.ordinal             1 
_pdbx_audit_revision_details.revision_ordinal    1 
_pdbx_audit_revision_details.data_content_type   'Structure model' 
_pdbx_audit_revision_details.provider            repository 
_pdbx_audit_revision_details.type                'Initial release' 
_pdbx_audit_revision_details.description         ? 
_pdbx_audit_revision_details.details             ? 
# 
loop_
_pdbx_audit_revision_group.ordinal 
_pdbx_audit_revision_group.revision_ordinal 
_pdbx_audit_revision_group.data_content_type 
_pdbx_audit_revision_group.group 
1 2 'Structure model' 'Database references'  
2 3 'Structure model' 'Source and taxonomy'  
3 3 'Structure model' 'Structure summary'    
4 4 'Structure model' 'Data collection'      
5 4 'Structure model' 'Database references'  
6 4 'Structure model' 'Derived calculations' 
7 4 'Structure model' 'Structure summary'    
# 
loop_
_pdbx_audit_revision_category.ordinal 
_pdbx_audit_revision_category.revision_ordinal 
_pdbx_audit_revision_category.data_content_type 
_pdbx_audit_revision_category.category 
1 3 'Structure model' pdbx_entity_src_syn       
2 3 'Structure model' pdbx_nmr_representative   
3 4 'Structure model' chem_comp_atom            
4 4 'Structure model' chem_comp_bond            
5 4 'Structure model' database_2                
6 4 'Structure model' pdbx_entry_details        
7 4 'Structure model' pdbx_modification_feature 
8 4 'Structure model' struct_conn               
# 
loop_
_pdbx_audit_revision_item.ordinal 
_pdbx_audit_revision_item.revision_ordinal 
_pdbx_audit_revision_item.data_content_type 
_pdbx_audit_revision_item.item 
1  3 'Structure model' '_pdbx_nmr_representative.conformer_id' 
2  4 'Structure model' '_database_2.pdbx_DOI'                  
3  4 'Structure model' '_database_2.pdbx_database_accession'   
4  4 'Structure model' '_struct_conn.pdbx_dist_value'          
5  4 'Structure model' '_struct_conn.pdbx_leaving_atom_flag'   
6  4 'Structure model' '_struct_conn.ptnr1_auth_comp_id'       
7  4 'Structure model' '_struct_conn.ptnr1_auth_seq_id'        
8  4 'Structure model' '_struct_conn.ptnr1_label_atom_id'      
9  4 'Structure model' '_struct_conn.ptnr1_label_comp_id'      
10 4 'Structure model' '_struct_conn.ptnr1_label_seq_id'       
11 4 'Structure model' '_struct_conn.ptnr2_auth_comp_id'       
12 4 'Structure model' '_struct_conn.ptnr2_auth_seq_id'        
13 4 'Structure model' '_struct_conn.ptnr2_label_atom_id'      
14 4 'Structure model' '_struct_conn.ptnr2_label_comp_id'      
15 4 'Structure model' '_struct_conn.ptnr2_label_seq_id'       
# 
_pdbx_database_status.deposit_site                    BMRB 
_pdbx_database_status.entry_id                        2N7O 
_pdbx_database_status.process_site                    RCSB 
_pdbx_database_status.recvd_initial_deposition_date   2015-09-16 
_pdbx_database_status.SG_entry                        ? 
_pdbx_database_status.status_code                     REL 
_pdbx_database_status.status_code_mr                  REL 
_pdbx_database_status.status_code_sf                  ? 
_pdbx_database_status.status_code_cs                  REL 
_pdbx_database_status.methods_development_category    ? 
_pdbx_database_status.pdb_format_compatible           Y 
_pdbx_database_status.status_code_nmr_data            ? 
# 
loop_
_pdbx_database_related.db_id 
_pdbx_database_related.db_name 
_pdbx_database_related.content_type 
_pdbx_database_related.details 
25814 BMRB unspecified . 
2N7N  PDB  unspecified . 
# 
loop_
_audit_author.name 
_audit_author.pdbx_ordinal 
'Carotenuto, A.' 1 
'Merlino, F.'    2 
'Chai, M.'       3 
'Brancaccio, D.' 4 
'Yousif, A.'     5 
'Novellino, E.'  6 
'Hruby, V.'      7 
'Grieco, P.'     8 
# 
_citation.id                        primary 
_citation.title                     'Discovery of Novel Potent and Selective Agonists at the Melanocortin-3 Receptor.' 
_citation.journal_abbrev            J.Med.Chem. 
_citation.journal_volume            58 
_citation.page_first                9773 
_citation.page_last                 9778 
_citation.year                      2015 
_citation.journal_id_ASTM           JMCMAR 
_citation.country                   US 
_citation.journal_id_ISSN           0022-2623 
_citation.journal_id_CSD            0151 
_citation.book_publisher            ? 
_citation.pdbx_database_id_PubMed   26599352 
_citation.pdbx_database_id_DOI      10.1021/acs.jmedchem.5b01285 
# 
loop_
_citation_author.citation_id 
_citation_author.name 
_citation_author.ordinal 
_citation_author.identifier_ORCID 
primary 'Carotenuto, A.' 1 ? 
primary 'Merlino, F.'    2 ? 
primary 'Cai, M.'        3 ? 
primary 'Brancaccio, D.' 4 ? 
primary 'Yousif, A.M.'   5 ? 
primary 'Novellino, E.'  6 ? 
primary 'Hruby, V.J.'    7 ? 
primary 'Grieco, P.'     8 ? 
# 
_entity.id                         1 
_entity.type                       polymer 
_entity.src_method                 syn 
_entity.pdbx_description           'Peptide PG-990' 
_entity.formula_weight             1134.352 
_entity.pdbx_number_of_molecules   1 
_entity.pdbx_ec                    ? 
_entity.pdbx_mutation              ? 
_entity.pdbx_fragment              ? 
_entity.details                    ? 
# 
_entity_poly.entity_id                      1 
_entity_poly.type                           'polypeptide(L)' 
_entity_poly.nstd_linkage                   no 
_entity_poly.nstd_monomer                   yes 
_entity_poly.pdbx_seq_one_letter_code       '(ACE)(NLE)DPP(4J2)RWK(NH2)' 
_entity_poly.pdbx_seq_one_letter_code_can   XLDPPXRWKX 
_entity_poly.pdbx_strand_id                 A 
_entity_poly.pdbx_target_identifier         ? 
# 
loop_
_entity_poly_seq.entity_id 
_entity_poly_seq.num 
_entity_poly_seq.mon_id 
_entity_poly_seq.hetero 
1 1  ACE n 
1 2  NLE n 
1 3  ASP n 
1 4  PRO n 
1 5  PRO n 
1 6  4J2 n 
1 7  ARG n 
1 8  TRP n 
1 9  LYS n 
1 10 NH2 n 
# 
_pdbx_entity_src_syn.entity_id              1 
_pdbx_entity_src_syn.pdbx_src_id            1 
_pdbx_entity_src_syn.pdbx_alt_source_flag   sample 
_pdbx_entity_src_syn.pdbx_beg_seq_num       ? 
_pdbx_entity_src_syn.pdbx_end_seq_num       ? 
_pdbx_entity_src_syn.organism_scientific    'synthetic construct' 
_pdbx_entity_src_syn.organism_common_name   ? 
_pdbx_entity_src_syn.ncbi_taxonomy_id       32630 
_pdbx_entity_src_syn.details                ? 
# 
loop_
_chem_comp.id 
_chem_comp.type 
_chem_comp.mon_nstd_flag 
_chem_comp.name 
_chem_comp.pdbx_synonyms 
_chem_comp.formula 
_chem_comp.formula_weight 
4J2 'D-peptide linking' . '(2R)-2-amino-3-(naphthalen-2-yl)propanoic acid' ? 'C13 H13 N O2'   215.248 
ACE non-polymer         . 'ACETYL GROUP'                                   ? 'C2 H4 O'        44.053  
ARG 'L-peptide linking' y ARGININE                                         ? 'C6 H15 N4 O2 1' 175.209 
ASP 'L-peptide linking' y 'ASPARTIC ACID'                                  ? 'C4 H7 N O4'     133.103 
LYS 'L-peptide linking' y LYSINE                                           ? 'C6 H15 N2 O2 1' 147.195 
NH2 non-polymer         . 'AMINO GROUP'                                    ? 'H2 N'           16.023  
NLE 'L-peptide linking' n NORLEUCINE                                       ? 'C6 H13 N O2'    131.173 
PRO 'L-peptide linking' y PROLINE                                          ? 'C5 H9 N O2'     115.130 
TRP 'L-peptide linking' y TRYPTOPHAN                                       ? 'C11 H12 N2 O2'  204.225 
# 
loop_
_pdbx_poly_seq_scheme.asym_id 
_pdbx_poly_seq_scheme.entity_id 
_pdbx_poly_seq_scheme.seq_id 
_pdbx_poly_seq_scheme.mon_id 
_pdbx_poly_seq_scheme.ndb_seq_num 
_pdbx_poly_seq_scheme.pdb_seq_num 
_pdbx_poly_seq_scheme.auth_seq_num 
_pdbx_poly_seq_scheme.pdb_mon_id 
_pdbx_poly_seq_scheme.auth_mon_id 
_pdbx_poly_seq_scheme.pdb_strand_id 
_pdbx_poly_seq_scheme.pdb_ins_code 
_pdbx_poly_seq_scheme.hetero 
A 1 1  ACE 1  3  3  ACE ACE A . n 
A 1 2  NLE 2  4  4  NLE NLE A . n 
A 1 3  ASP 3  5  5  ASP ASP A . n 
A 1 4  PRO 4  6  6  PRO PRO A . n 
A 1 5  PRO 5  7  7  PRO PRO A . n 
A 1 6  4J2 6  8  8  4J2 BNA A . n 
A 1 7  ARG 7  9  9  ARG ARG A . n 
A 1 8  TRP 8  10 10 TRP TRP A . n 
A 1 9  LYS 9  11 11 LYS LYS A . n 
A 1 10 NH2 10 12 12 NH2 NH2 A . n 
# 
_exptl.absorpt_coefficient_mu     ? 
_exptl.absorpt_correction_T_max   ? 
_exptl.absorpt_correction_T_min   ? 
_exptl.absorpt_correction_type    ? 
_exptl.absorpt_process_details    ? 
_exptl.crystals_number            ? 
_exptl.details                    ? 
_exptl.entry_id                   2N7O 
_exptl.method                     'SOLUTION NMR' 
_exptl.method_details             ? 
# 
_struct.entry_id                  2N7O 
_struct.title                     'NMR Structure of Peptide PG-990 in DPC micelles' 
_struct.pdbx_model_details        'lowest energy, model50' 
_struct.pdbx_CASP_flag            ? 
_struct.pdbx_model_type_details   ? 
# 
_struct_keywords.entry_id        2N7O 
_struct_keywords.pdbx_keywords   'DE NOVO PROTEIN' 
_struct_keywords.text            'DE NOVO PROTEIN' 
# 
_struct_asym.id                            A 
_struct_asym.pdbx_blank_PDB_chainid_flag   N 
_struct_asym.pdbx_modified                 N 
_struct_asym.entity_id                     1 
_struct_asym.details                       ? 
# 
_struct_ref.id                         1 
_struct_ref.db_name                    PDB 
_struct_ref.db_code                    2N7O 
_struct_ref.pdbx_db_accession          2N7O 
_struct_ref.entity_id                  1 
_struct_ref.pdbx_align_begin           ? 
_struct_ref.pdbx_seq_one_letter_code   ? 
_struct_ref.pdbx_db_isoform            ? 
# 
_struct_ref_seq.align_id                      1 
_struct_ref_seq.ref_id                        1 
_struct_ref_seq.pdbx_PDB_id_code              2N7O 
_struct_ref_seq.pdbx_strand_id                A 
_struct_ref_seq.seq_align_beg                 1 
_struct_ref_seq.pdbx_seq_align_beg_ins_code   ? 
_struct_ref_seq.seq_align_end                 10 
_struct_ref_seq.pdbx_seq_align_end_ins_code   ? 
_struct_ref_seq.pdbx_db_accession             2N7O 
_struct_ref_seq.db_align_beg                  3 
_struct_ref_seq.pdbx_db_align_beg_ins_code    ? 
_struct_ref_seq.db_align_end                  12 
_struct_ref_seq.pdbx_db_align_end_ins_code    ? 
_struct_ref_seq.pdbx_auth_seq_align_beg       3 
_struct_ref_seq.pdbx_auth_seq_align_end       12 
# 
_pdbx_struct_assembly.id                   1 
_pdbx_struct_assembly.details              author_defined_assembly 
_pdbx_struct_assembly.method_details       ? 
_pdbx_struct_assembly.oligomeric_details   monomeric 
_pdbx_struct_assembly.oligomeric_count     1 
# 
_pdbx_struct_assembly_gen.assembly_id       1 
_pdbx_struct_assembly_gen.oper_expression   1 
_pdbx_struct_assembly_gen.asym_id_list      A 
# 
_pdbx_struct_oper_list.id                   1 
_pdbx_struct_oper_list.type                 'identity operation' 
_pdbx_struct_oper_list.name                 1_555 
_pdbx_struct_oper_list.symmetry_operation   x,y,z 
_pdbx_struct_oper_list.matrix[1][1]         1.0000000000 
_pdbx_struct_oper_list.matrix[1][2]         0.0000000000 
_pdbx_struct_oper_list.matrix[1][3]         0.0000000000 
_pdbx_struct_oper_list.vector[1]            0.0000000000 
_pdbx_struct_oper_list.matrix[2][1]         0.0000000000 
_pdbx_struct_oper_list.matrix[2][2]         1.0000000000 
_pdbx_struct_oper_list.matrix[2][3]         0.0000000000 
_pdbx_struct_oper_list.vector[2]            0.0000000000 
_pdbx_struct_oper_list.matrix[3][1]         0.0000000000 
_pdbx_struct_oper_list.matrix[3][2]         0.0000000000 
_pdbx_struct_oper_list.matrix[3][3]         1.0000000000 
_pdbx_struct_oper_list.vector[3]            0.0000000000 
# 
loop_
_struct_conn.id 
_struct_conn.conn_type_id 
_struct_conn.pdbx_leaving_atom_flag 
_struct_conn.pdbx_PDB_id 
_struct_conn.ptnr1_label_asym_id 
_struct_conn.ptnr1_label_comp_id 
_struct_conn.ptnr1_label_seq_id 
_struct_conn.ptnr1_label_atom_id 
_struct_conn.pdbx_ptnr1_label_alt_id 
_struct_conn.pdbx_ptnr1_PDB_ins_code 
_struct_conn.pdbx_ptnr1_standard_comp_id 
_struct_conn.ptnr1_symmetry 
_struct_conn.ptnr2_label_asym_id 
_struct_conn.ptnr2_label_comp_id 
_struct_conn.ptnr2_label_seq_id 
_struct_conn.ptnr2_label_atom_id 
_struct_conn.pdbx_ptnr2_label_alt_id 
_struct_conn.pdbx_ptnr2_PDB_ins_code 
_struct_conn.ptnr1_auth_asym_id 
_struct_conn.ptnr1_auth_comp_id 
_struct_conn.ptnr1_auth_seq_id 
_struct_conn.ptnr2_auth_asym_id 
_struct_conn.ptnr2_auth_comp_id 
_struct_conn.ptnr2_auth_seq_id 
_struct_conn.ptnr2_symmetry 
_struct_conn.pdbx_ptnr3_label_atom_id 
_struct_conn.pdbx_ptnr3_label_seq_id 
_struct_conn.pdbx_ptnr3_label_comp_id 
_struct_conn.pdbx_ptnr3_label_asym_id 
_struct_conn.pdbx_ptnr3_label_alt_id 
_struct_conn.pdbx_ptnr3_PDB_ins_code 
_struct_conn.details 
_struct_conn.pdbx_dist_value 
_struct_conn.pdbx_value_order 
_struct_conn.pdbx_role 
covale1 covale both ? A ACE 1 C  ? ? ? 1_555 A NLE 2  N  ? ? A ACE 3  A NLE 4  1_555 ? ? ? ? ? ? ? 1.335 ? ? 
covale2 covale both ? A NLE 2 C  ? ? ? 1_555 A ASP 3  N  ? ? A NLE 4  A ASP 5  1_555 ? ? ? ? ? ? ? 1.340 ? ? 
covale3 covale none ? A ASP 3 CG ? ? ? 1_555 A LYS 9  NZ ? ? A ASP 5  A LYS 11 1_555 ? ? ? ? ? ? ? 1.338 ? ? 
covale4 covale both ? A PRO 5 C  ? ? ? 1_555 A 4J2 6  N  ? ? A PRO 7  A 4J2 8  1_555 ? ? ? ? ? ? ? 1.342 ? ? 
covale5 covale both ? A 4J2 6 C  ? ? ? 1_555 A ARG 7  N  ? ? A 4J2 8  A ARG 9  1_555 ? ? ? ? ? ? ? 1.345 ? ? 
covale6 covale both ? A LYS 9 C  ? ? ? 1_555 A NH2 10 N  ? ? A LYS 11 A NH2 12 1_555 ? ? ? ? ? ? ? 1.323 ? ? 
# 
_struct_conn_type.id          covale 
_struct_conn_type.criteria    ? 
_struct_conn_type.reference   ? 
# 
loop_
_pdbx_modification_feature.ordinal 
_pdbx_modification_feature.label_comp_id 
_pdbx_modification_feature.label_asym_id 
_pdbx_modification_feature.label_seq_id 
_pdbx_modification_feature.label_alt_id 
_pdbx_modification_feature.modified_residue_label_comp_id 
_pdbx_modification_feature.modified_residue_label_asym_id 
_pdbx_modification_feature.modified_residue_label_seq_id 
_pdbx_modification_feature.modified_residue_label_alt_id 
_pdbx_modification_feature.auth_comp_id 
_pdbx_modification_feature.auth_asym_id 
_pdbx_modification_feature.auth_seq_id 
_pdbx_modification_feature.PDB_ins_code 
_pdbx_modification_feature.symmetry 
_pdbx_modification_feature.modified_residue_auth_comp_id 
_pdbx_modification_feature.modified_residue_auth_asym_id 
_pdbx_modification_feature.modified_residue_auth_seq_id 
_pdbx_modification_feature.modified_residue_PDB_ins_code 
_pdbx_modification_feature.modified_residue_symmetry 
_pdbx_modification_feature.comp_id_linking_atom 
_pdbx_modification_feature.modified_residue_id_linking_atom 
_pdbx_modification_feature.modified_residue_id 
_pdbx_modification_feature.ref_pcm_id 
_pdbx_modification_feature.ref_comp_id 
_pdbx_modification_feature.type 
_pdbx_modification_feature.category 
1 NLE A 2  ? .   . . . NLE A 4  ? 1_555 .   . .  . .     .  .  LEU 1  NLE Norleucine 'Named protein modification' 
2 4J2 A 6  ? .   . . . 4J2 A 8  ? 1_555 .   . .  . .     .  .  ?   1  4J2 None       'Non-standard residue'       
3 ACE A 1  ? NLE A 2 ? ACE A 3  ? 1_555 NLE A 4  ? 1_555 .  .  NLE 42 ACE None       'Terminal acetylation'       
4 NH2 A 10 ? LYS A 9 ? NH2 A 12 ? 1_555 LYS A 11 ? 1_555 .  .  LYS 20 NH2 None       'Terminal amidation'         
5 ASP A 3  ? LYS A 9 ? ASP A 5  ? 1_555 LYS A 11 ? 1_555 CG NZ .   .  .   None       'Isopeptide bond'            
# 
loop_
_struct_mon_prot_cis.pdbx_id 
_struct_mon_prot_cis.label_comp_id 
_struct_mon_prot_cis.label_seq_id 
_struct_mon_prot_cis.label_asym_id 
_struct_mon_prot_cis.label_alt_id 
_struct_mon_prot_cis.pdbx_PDB_ins_code 
_struct_mon_prot_cis.auth_comp_id 
_struct_mon_prot_cis.auth_seq_id 
_struct_mon_prot_cis.auth_asym_id 
_struct_mon_prot_cis.pdbx_label_comp_id_2 
_struct_mon_prot_cis.pdbx_label_seq_id_2 
_struct_mon_prot_cis.pdbx_label_asym_id_2 
_struct_mon_prot_cis.pdbx_PDB_ins_code_2 
_struct_mon_prot_cis.pdbx_auth_comp_id_2 
_struct_mon_prot_cis.pdbx_auth_seq_id_2 
_struct_mon_prot_cis.pdbx_auth_asym_id_2 
_struct_mon_prot_cis.pdbx_PDB_model_num 
_struct_mon_prot_cis.pdbx_omega_angle 
1  PRO 4 A . ? PRO 6 A PRO 5 A ? PRO 7 A 1  12.39 
2  PRO 4 A . ? PRO 6 A PRO 5 A ? PRO 7 A 2  9.42  
3  PRO 4 A . ? PRO 6 A PRO 5 A ? PRO 7 A 3  6.11  
4  PRO 4 A . ? PRO 6 A PRO 5 A ? PRO 7 A 4  11.69 
5  PRO 4 A . ? PRO 6 A PRO 5 A ? PRO 7 A 5  6.62  
6  PRO 4 A . ? PRO 6 A PRO 5 A ? PRO 7 A 6  0.07  
7  PRO 4 A . ? PRO 6 A PRO 5 A ? PRO 7 A 7  9.11  
8  PRO 4 A . ? PRO 6 A PRO 5 A ? PRO 7 A 8  6.02  
9  PRO 4 A . ? PRO 6 A PRO 5 A ? PRO 7 A 9  4.47  
10 PRO 4 A . ? PRO 6 A PRO 5 A ? PRO 7 A 10 10.96 
# 
_pdbx_entry_details.entry_id                   2N7O 
_pdbx_entry_details.compound_details           ? 
_pdbx_entry_details.source_details             ? 
_pdbx_entry_details.nonpolymer_details         ? 
_pdbx_entry_details.sequence_details           ? 
_pdbx_entry_details.has_ligand_of_interest     ? 
_pdbx_entry_details.has_protein_modification   Y 
# 
loop_
_pdbx_validate_rmsd_angle.id 
_pdbx_validate_rmsd_angle.PDB_model_num 
_pdbx_validate_rmsd_angle.auth_atom_id_1 
_pdbx_validate_rmsd_angle.auth_asym_id_1 
_pdbx_validate_rmsd_angle.auth_comp_id_1 
_pdbx_validate_rmsd_angle.auth_seq_id_1 
_pdbx_validate_rmsd_angle.PDB_ins_code_1 
_pdbx_validate_rmsd_angle.label_alt_id_1 
_pdbx_validate_rmsd_angle.auth_atom_id_2 
_pdbx_validate_rmsd_angle.auth_asym_id_2 
_pdbx_validate_rmsd_angle.auth_comp_id_2 
_pdbx_validate_rmsd_angle.auth_seq_id_2 
_pdbx_validate_rmsd_angle.PDB_ins_code_2 
_pdbx_validate_rmsd_angle.label_alt_id_2 
_pdbx_validate_rmsd_angle.auth_atom_id_3 
_pdbx_validate_rmsd_angle.auth_asym_id_3 
_pdbx_validate_rmsd_angle.auth_comp_id_3 
_pdbx_validate_rmsd_angle.auth_seq_id_3 
_pdbx_validate_rmsd_angle.PDB_ins_code_3 
_pdbx_validate_rmsd_angle.label_alt_id_3 
_pdbx_validate_rmsd_angle.angle_value 
_pdbx_validate_rmsd_angle.angle_target_value 
_pdbx_validate_rmsd_angle.angle_deviation 
_pdbx_validate_rmsd_angle.angle_standard_deviation 
_pdbx_validate_rmsd_angle.linker_flag 
1  1  NE A ARG 9 ? ? CZ A ARG 9 ? ? NH1 A ARG 9 ? ? 124.51 120.30 4.21  0.50 N 
2  1  NE A ARG 9 ? ? CZ A ARG 9 ? ? NH2 A ARG 9 ? ? 117.24 120.30 -3.06 0.50 N 
3  2  NE A ARG 9 ? ? CZ A ARG 9 ? ? NH1 A ARG 9 ? ? 124.71 120.30 4.41  0.50 N 
4  2  NE A ARG 9 ? ? CZ A ARG 9 ? ? NH2 A ARG 9 ? ? 117.16 120.30 -3.14 0.50 N 
5  3  NE A ARG 9 ? ? CZ A ARG 9 ? ? NH1 A ARG 9 ? ? 124.26 120.30 3.96  0.50 N 
6  4  NE A ARG 9 ? ? CZ A ARG 9 ? ? NH1 A ARG 9 ? ? 124.06 120.30 3.76  0.50 N 
7  5  NE A ARG 9 ? ? CZ A ARG 9 ? ? NH1 A ARG 9 ? ? 124.50 120.30 4.20  0.50 N 
8  5  NE A ARG 9 ? ? CZ A ARG 9 ? ? NH2 A ARG 9 ? ? 117.27 120.30 -3.03 0.50 N 
9  6  NE A ARG 9 ? ? CZ A ARG 9 ? ? NH1 A ARG 9 ? ? 124.82 120.30 4.52  0.50 N 
10 6  NE A ARG 9 ? ? CZ A ARG 9 ? ? NH2 A ARG 9 ? ? 117.08 120.30 -3.22 0.50 N 
11 7  NE A ARG 9 ? ? CZ A ARG 9 ? ? NH1 A ARG 9 ? ? 124.39 120.30 4.09  0.50 N 
12 7  NE A ARG 9 ? ? CZ A ARG 9 ? ? NH2 A ARG 9 ? ? 117.28 120.30 -3.02 0.50 N 
13 8  NE A ARG 9 ? ? CZ A ARG 9 ? ? NH1 A ARG 9 ? ? 124.61 120.30 4.31  0.50 N 
14 8  NE A ARG 9 ? ? CZ A ARG 9 ? ? NH2 A ARG 9 ? ? 117.23 120.30 -3.07 0.50 N 
15 9  NE A ARG 9 ? ? CZ A ARG 9 ? ? NH1 A ARG 9 ? ? 124.39 120.30 4.09  0.50 N 
16 10 NE A ARG 9 ? ? CZ A ARG 9 ? ? NH1 A ARG 9 ? ? 124.52 120.30 4.22  0.50 N 
# 
loop_
_pdbx_validate_torsion.id 
_pdbx_validate_torsion.PDB_model_num 
_pdbx_validate_torsion.auth_comp_id 
_pdbx_validate_torsion.auth_asym_id 
_pdbx_validate_torsion.auth_seq_id 
_pdbx_validate_torsion.PDB_ins_code 
_pdbx_validate_torsion.label_alt_id 
_pdbx_validate_torsion.phi 
_pdbx_validate_torsion.psi 
1 1  4J2 A 8 ? ? 125.56 56.50 
2 2  4J2 A 8 ? ? 127.39 52.01 
3 4  4J2 A 8 ? ? 130.65 55.61 
4 5  PRO A 7 ? ? -92.23 57.98 
5 6  4J2 A 8 ? ? 132.18 53.53 
6 7  4J2 A 8 ? ? 133.89 54.64 
7 8  4J2 A 8 ? ? 103.86 64.37 
8 9  4J2 A 8 ? ? 125.87 54.12 
9 10 PRO A 7 ? ? -91.78 45.81 
# 
_pdbx_struct_mod_residue.id               1 
_pdbx_struct_mod_residue.label_asym_id    A 
_pdbx_struct_mod_residue.label_comp_id    NLE 
_pdbx_struct_mod_residue.label_seq_id     2 
_pdbx_struct_mod_residue.auth_asym_id     A 
_pdbx_struct_mod_residue.auth_comp_id     NLE 
_pdbx_struct_mod_residue.auth_seq_id      4 
_pdbx_struct_mod_residue.PDB_ins_code     ? 
_pdbx_struct_mod_residue.parent_comp_id   LEU 
_pdbx_struct_mod_residue.details          NORLEUCINE 
# 
_pdbx_nmr_ensemble.average_constraint_violations_per_residue     ? 
_pdbx_nmr_ensemble.average_constraints_per_residue               ? 
_pdbx_nmr_ensemble.average_distance_constraint_violation         ? 
_pdbx_nmr_ensemble.average_torsion_angle_constraint_violation    ? 
_pdbx_nmr_ensemble.conformer_selection_criteria                  'back calculated data agree with experimental NOESY spectrum' 
_pdbx_nmr_ensemble.conformers_calculated_total_number            100 
_pdbx_nmr_ensemble.conformers_submitted_total_number             10 
_pdbx_nmr_ensemble.distance_constraint_violation_method          ? 
_pdbx_nmr_ensemble.entry_id                                      2N7O 
_pdbx_nmr_ensemble.maximum_distance_constraint_violation         ? 
_pdbx_nmr_ensemble.maximum_lower_distance_constraint_violation   ? 
_pdbx_nmr_ensemble.maximum_torsion_angle_constraint_violation    ? 
_pdbx_nmr_ensemble.maximum_upper_distance_constraint_violation   ? 
_pdbx_nmr_ensemble.torsion_angle_constraint_violation_method     ? 
# 
_pdbx_nmr_representative.conformer_id         1 
_pdbx_nmr_representative.entry_id             2N7O 
_pdbx_nmr_representative.selection_criteria   'lowest energy' 
# 
_pdbx_nmr_sample_details.contents         '2 mM PG, 200 mM [U-2H] DPC, 90% H2O/10% D2O' 
_pdbx_nmr_sample_details.solution_id      1 
_pdbx_nmr_sample_details.solvent_system   '90% H2O/10% D2O' 
_pdbx_nmr_sample_details.label            ? 
_pdbx_nmr_sample_details.type             ? 
_pdbx_nmr_sample_details.details          ? 
# 
loop_
_pdbx_nmr_exptl_sample.component 
_pdbx_nmr_exptl_sample.concentration 
_pdbx_nmr_exptl_sample.concentration_range 
_pdbx_nmr_exptl_sample.concentration_units 
_pdbx_nmr_exptl_sample.isotopic_labeling 
_pdbx_nmr_exptl_sample.solution_id 
PG-990-1 2   ? mM ?        1 
DPC-2    200 ? mM '[U-2H]' 1 
# 
_pdbx_nmr_exptl_sample_conditions.conditions_id          1 
_pdbx_nmr_exptl_sample_conditions.ionic_strength         10 
_pdbx_nmr_exptl_sample_conditions.pH                     5.5 
_pdbx_nmr_exptl_sample_conditions.pressure               ambient 
_pdbx_nmr_exptl_sample_conditions.pressure_units         ? 
_pdbx_nmr_exptl_sample_conditions.temperature            298.0 
_pdbx_nmr_exptl_sample_conditions.temperature_units      K 
_pdbx_nmr_exptl_sample_conditions.label                  ? 
_pdbx_nmr_exptl_sample_conditions.pH_units               ? 
_pdbx_nmr_exptl_sample_conditions.ionic_strength_units   ? 
# 
loop_
_pdbx_nmr_exptl.conditions_id 
_pdbx_nmr_exptl.experiment_id 
_pdbx_nmr_exptl.solution_id 
_pdbx_nmr_exptl.type 
1 1 1 '2D 1H-1H NOESY' 
1 2 1 '2D 1H-1H TOCSY' 
1 3 1 '2D DQF-COSY'    
# 
_pdbx_nmr_refine.entry_id           2N7O 
_pdbx_nmr_refine.method             'simulated annealing' 
_pdbx_nmr_refine.details            ? 
_pdbx_nmr_refine.software_ordinal   1 
# 
loop_
_pdbx_nmr_software.authors 
_pdbx_nmr_software.classification 
_pdbx_nmr_software.name 
_pdbx_nmr_software.version 
_pdbx_nmr_software.ordinal 
'Guntert, Mumenthaler and Wuthrich' 'structure solution'        CYANA ? 1 
'Bartels et al.'                    'chemical shift assignment' XEASY ? 2 
'Guntert, Mumenthaler and Wuthrich' refinement                  CYANA ? 3 
# 
loop_
_chem_comp_atom.comp_id 
_chem_comp_atom.atom_id 
_chem_comp_atom.type_symbol 
_chem_comp_atom.pdbx_aromatic_flag 
_chem_comp_atom.pdbx_stereo_config 
_chem_comp_atom.pdbx_ordinal 
4J2 N    N N N 1   
4J2 CA   C N R 2   
4J2 CB   C N N 3   
4J2 CG   C Y N 4   
4J2 CD1  C Y N 5   
4J2 CD2  C Y N 6   
4J2 CE1  C Y N 7   
4J2 CZ1  C Y N 8   
4J2 CZ2  C Y N 9   
4J2 CZ3  C Y N 10  
4J2 CE2  C Y N 11  
4J2 CE3  C Y N 12  
4J2 CE4  C Y N 13  
4J2 HE1  H N N 14  
4J2 HE3  H N N 15  
4J2 HE4  H N N 16  
4J2 C    C N N 17  
4J2 O    O N N 18  
4J2 H    H N N 19  
4J2 H2   H N N 20  
4J2 HA   H N N 21  
4J2 HB2  H N N 22  
4J2 HB1  H N N 23  
4J2 HD1  H N N 24  
4J2 HD2  H N N 25  
4J2 HZ2  H N N 26  
4J2 HZ23 H N N 27  
4J2 OXT  O N N 28  
4J2 HXT  H N N 29  
ACE C    C N N 30  
ACE O    O N N 31  
ACE CH3  C N N 32  
ACE H    H N N 33  
ACE H1   H N N 34  
ACE H2   H N N 35  
ACE H3   H N N 36  
ARG N    N N N 37  
ARG CA   C N S 38  
ARG C    C N N 39  
ARG O    O N N 40  
ARG CB   C N N 41  
ARG CG   C N N 42  
ARG CD   C N N 43  
ARG NE   N N N 44  
ARG CZ   C N N 45  
ARG NH1  N N N 46  
ARG NH2  N N N 47  
ARG OXT  O N N 48  
ARG H    H N N 49  
ARG H2   H N N 50  
ARG HA   H N N 51  
ARG HB2  H N N 52  
ARG HB3  H N N 53  
ARG HG2  H N N 54  
ARG HG3  H N N 55  
ARG HD2  H N N 56  
ARG HD3  H N N 57  
ARG HE   H N N 58  
ARG HH11 H N N 59  
ARG HH12 H N N 60  
ARG HH21 H N N 61  
ARG HH22 H N N 62  
ARG HXT  H N N 63  
ASP N    N N N 64  
ASP CA   C N S 65  
ASP C    C N N 66  
ASP O    O N N 67  
ASP CB   C N N 68  
ASP CG   C N N 69  
ASP OD1  O N N 70  
ASP OD2  O N N 71  
ASP OXT  O N N 72  
ASP H    H N N 73  
ASP H2   H N N 74  
ASP HA   H N N 75  
ASP HB2  H N N 76  
ASP HB3  H N N 77  
ASP HD2  H N N 78  
ASP HXT  H N N 79  
LYS N    N N N 80  
LYS CA   C N S 81  
LYS C    C N N 82  
LYS O    O N N 83  
LYS CB   C N N 84  
LYS CG   C N N 85  
LYS CD   C N N 86  
LYS CE   C N N 87  
LYS NZ   N N N 88  
LYS OXT  O N N 89  
LYS H    H N N 90  
LYS H2   H N N 91  
LYS HA   H N N 92  
LYS HB2  H N N 93  
LYS HB3  H N N 94  
LYS HG2  H N N 95  
LYS HG3  H N N 96  
LYS HD2  H N N 97  
LYS HD3  H N N 98  
LYS HE2  H N N 99  
LYS HE3  H N N 100 
LYS HZ1  H N N 101 
LYS HZ2  H N N 102 
LYS HZ3  H N N 103 
LYS HXT  H N N 104 
NH2 N    N N N 105 
NH2 HN1  H N N 106 
NH2 HN2  H N N 107 
NLE N    N N N 108 
NLE CA   C N S 109 
NLE C    C N N 110 
NLE O    O N N 111 
NLE OXT  O N N 112 
NLE CB   C N N 113 
NLE CG   C N N 114 
NLE CD   C N N 115 
NLE CE   C N N 116 
NLE H    H N N 117 
NLE H2   H N N 118 
NLE HA   H N N 119 
NLE HXT  H N N 120 
NLE HB2  H N N 121 
NLE HB3  H N N 122 
NLE HG2  H N N 123 
NLE HG3  H N N 124 
NLE HD2  H N N 125 
NLE HD3  H N N 126 
NLE HE1  H N N 127 
NLE HE2  H N N 128 
NLE HE3  H N N 129 
PRO N    N N N 130 
PRO CA   C N S 131 
PRO C    C N N 132 
PRO O    O N N 133 
PRO CB   C N N 134 
PRO CG   C N N 135 
PRO CD   C N N 136 
PRO OXT  O N N 137 
PRO H    H N N 138 
PRO HA   H N N 139 
PRO HB2  H N N 140 
PRO HB3  H N N 141 
PRO HG2  H N N 142 
PRO HG3  H N N 143 
PRO HD2  H N N 144 
PRO HD3  H N N 145 
PRO HXT  H N N 146 
TRP N    N N N 147 
TRP CA   C N S 148 
TRP C    C N N 149 
TRP O    O N N 150 
TRP CB   C N N 151 
TRP CG   C Y N 152 
TRP CD1  C Y N 153 
TRP CD2  C Y N 154 
TRP NE1  N Y N 155 
TRP CE2  C Y N 156 
TRP CE3  C Y N 157 
TRP CZ2  C Y N 158 
TRP CZ3  C Y N 159 
TRP CH2  C Y N 160 
TRP OXT  O N N 161 
TRP H    H N N 162 
TRP H2   H N N 163 
TRP HA   H N N 164 
TRP HB2  H N N 165 
TRP HB3  H N N 166 
TRP HD1  H N N 167 
TRP HE1  H N N 168 
TRP HE3  H N N 169 
TRP HZ2  H N N 170 
TRP HZ3  H N N 171 
TRP HH2  H N N 172 
TRP HXT  H N N 173 
# 
loop_
_chem_comp_bond.comp_id 
_chem_comp_bond.atom_id_1 
_chem_comp_bond.atom_id_2 
_chem_comp_bond.value_order 
_chem_comp_bond.pdbx_aromatic_flag 
_chem_comp_bond.pdbx_stereo_config 
_chem_comp_bond.pdbx_ordinal 
4J2 N   CA   sing N N 1   
4J2 CA  CB   sing N N 2   
4J2 CA  C    sing N N 3   
4J2 CB  CG   sing N N 4   
4J2 CG  CD1  doub Y N 5   
4J2 CG  CD2  sing Y N 6   
4J2 CD1 CE1  sing Y N 7   
4J2 CD2 CE2  doub Y N 8   
4J2 CE1 CZ1  doub Y N 9   
4J2 CE1 HE1  sing N N 10  
4J2 CZ1 CZ2  sing Y N 11  
4J2 CZ1 CE2  sing Y N 12  
4J2 CZ2 CZ3  doub Y N 13  
4J2 CZ3 CE4  sing Y N 14  
4J2 CE2 CE3  sing Y N 15  
4J2 CE3 CE4  doub Y N 16  
4J2 CE3 HE3  sing N N 17  
4J2 CE4 HE4  sing N N 18  
4J2 C   O    doub N N 19  
4J2 N   H    sing N N 20  
4J2 N   H2   sing N N 21  
4J2 CA  HA   sing N N 22  
4J2 CB  HB2  sing N N 23  
4J2 CB  HB1  sing N N 24  
4J2 CD1 HD1  sing N N 25  
4J2 CD2 HD2  sing N N 26  
4J2 CZ2 HZ2  sing N N 27  
4J2 CZ3 HZ23 sing N N 28  
4J2 C   OXT  sing N N 29  
4J2 OXT HXT  sing N N 30  
ACE C   O    doub N N 31  
ACE C   CH3  sing N N 32  
ACE C   H    sing N N 33  
ACE CH3 H1   sing N N 34  
ACE CH3 H2   sing N N 35  
ACE CH3 H3   sing N N 36  
ARG N   CA   sing N N 37  
ARG N   H    sing N N 38  
ARG N   H2   sing N N 39  
ARG CA  C    sing N N 40  
ARG CA  CB   sing N N 41  
ARG CA  HA   sing N N 42  
ARG C   O    doub N N 43  
ARG C   OXT  sing N N 44  
ARG CB  CG   sing N N 45  
ARG CB  HB2  sing N N 46  
ARG CB  HB3  sing N N 47  
ARG CG  CD   sing N N 48  
ARG CG  HG2  sing N N 49  
ARG CG  HG3  sing N N 50  
ARG CD  NE   sing N N 51  
ARG CD  HD2  sing N N 52  
ARG CD  HD3  sing N N 53  
ARG NE  CZ   sing N N 54  
ARG NE  HE   sing N N 55  
ARG CZ  NH1  sing N N 56  
ARG CZ  NH2  doub N N 57  
ARG NH1 HH11 sing N N 58  
ARG NH1 HH12 sing N N 59  
ARG NH2 HH21 sing N N 60  
ARG NH2 HH22 sing N N 61  
ARG OXT HXT  sing N N 62  
ASP N   CA   sing N N 63  
ASP N   H    sing N N 64  
ASP N   H2   sing N N 65  
ASP CA  C    sing N N 66  
ASP CA  CB   sing N N 67  
ASP CA  HA   sing N N 68  
ASP C   O    doub N N 69  
ASP C   OXT  sing N N 70  
ASP CB  CG   sing N N 71  
ASP CB  HB2  sing N N 72  
ASP CB  HB3  sing N N 73  
ASP CG  OD1  doub N N 74  
ASP CG  OD2  sing N N 75  
ASP OD2 HD2  sing N N 76  
ASP OXT HXT  sing N N 77  
LYS N   CA   sing N N 78  
LYS N   H    sing N N 79  
LYS N   H2   sing N N 80  
LYS CA  C    sing N N 81  
LYS CA  CB   sing N N 82  
LYS CA  HA   sing N N 83  
LYS C   O    doub N N 84  
LYS C   OXT  sing N N 85  
LYS CB  CG   sing N N 86  
LYS CB  HB2  sing N N 87  
LYS CB  HB3  sing N N 88  
LYS CG  CD   sing N N 89  
LYS CG  HG2  sing N N 90  
LYS CG  HG3  sing N N 91  
LYS CD  CE   sing N N 92  
LYS CD  HD2  sing N N 93  
LYS CD  HD3  sing N N 94  
LYS CE  NZ   sing N N 95  
LYS CE  HE2  sing N N 96  
LYS CE  HE3  sing N N 97  
LYS NZ  HZ1  sing N N 98  
LYS NZ  HZ2  sing N N 99  
LYS NZ  HZ3  sing N N 100 
LYS OXT HXT  sing N N 101 
NH2 N   HN1  sing N N 102 
NH2 N   HN2  sing N N 103 
NLE N   CA   sing N N 104 
NLE N   H    sing N N 105 
NLE N   H2   sing N N 106 
NLE CA  C    sing N N 107 
NLE CA  CB   sing N N 108 
NLE CA  HA   sing N N 109 
NLE C   O    doub N N 110 
NLE C   OXT  sing N N 111 
NLE OXT HXT  sing N N 112 
NLE CB  CG   sing N N 113 
NLE CB  HB2  sing N N 114 
NLE CB  HB3  sing N N 115 
NLE CG  CD   sing N N 116 
NLE CG  HG2  sing N N 117 
NLE CG  HG3  sing N N 118 
NLE CD  CE   sing N N 119 
NLE CD  HD2  sing N N 120 
NLE CD  HD3  sing N N 121 
NLE CE  HE1  sing N N 122 
NLE CE  HE2  sing N N 123 
NLE CE  HE3  sing N N 124 
PRO N   CA   sing N N 125 
PRO N   CD   sing N N 126 
PRO N   H    sing N N 127 
PRO CA  C    sing N N 128 
PRO CA  CB   sing N N 129 
PRO CA  HA   sing N N 130 
PRO C   O    doub N N 131 
PRO C   OXT  sing N N 132 
PRO CB  CG   sing N N 133 
PRO CB  HB2  sing N N 134 
PRO CB  HB3  sing N N 135 
PRO CG  CD   sing N N 136 
PRO CG  HG2  sing N N 137 
PRO CG  HG3  sing N N 138 
PRO CD  HD2  sing N N 139 
PRO CD  HD3  sing N N 140 
PRO OXT HXT  sing N N 141 
TRP N   CA   sing N N 142 
TRP N   H    sing N N 143 
TRP N   H2   sing N N 144 
TRP CA  C    sing N N 145 
TRP CA  CB   sing N N 146 
TRP CA  HA   sing N N 147 
TRP C   O    doub N N 148 
TRP C   OXT  sing N N 149 
TRP CB  CG   sing N N 150 
TRP CB  HB2  sing N N 151 
TRP CB  HB3  sing N N 152 
TRP CG  CD1  doub Y N 153 
TRP CG  CD2  sing Y N 154 
TRP CD1 NE1  sing Y N 155 
TRP CD1 HD1  sing N N 156 
TRP CD2 CE2  doub Y N 157 
TRP CD2 CE3  sing Y N 158 
TRP NE1 CE2  sing Y N 159 
TRP NE1 HE1  sing N N 160 
TRP CE2 CZ2  sing Y N 161 
TRP CE3 CZ3  doub Y N 162 
TRP CE3 HE3  sing N N 163 
TRP CZ2 CH2  doub Y N 164 
TRP CZ2 HZ2  sing N N 165 
TRP CZ3 CH2  sing Y N 166 
TRP CZ3 HZ3  sing N N 167 
TRP CH2 HH2  sing N N 168 
TRP OXT HXT  sing N N 169 
# 
_pdbx_nmr_spectrometer.field_strength    700 
_pdbx_nmr_spectrometer.manufacturer      Varian 
_pdbx_nmr_spectrometer.model             INOVA 
_pdbx_nmr_spectrometer.spectrometer_id   1 
_pdbx_nmr_spectrometer.type              'Varian INOVA' 
# 
_atom_sites.entry_id                    2N7O 
_atom_sites.fract_transf_matrix[1][1]   1.000000 
_atom_sites.fract_transf_matrix[1][2]   0.000000 
_atom_sites.fract_transf_matrix[1][3]   0.000000 
_atom_sites.fract_transf_matrix[2][1]   0.000000 
_atom_sites.fract_transf_matrix[2][2]   1.000000 
_atom_sites.fract_transf_matrix[2][3]   0.000000 
_atom_sites.fract_transf_matrix[3][1]   0.000000 
_atom_sites.fract_transf_matrix[3][2]   0.000000 
_atom_sites.fract_transf_matrix[3][3]   1.000000 
_atom_sites.fract_transf_vector[1]      0.00000 
_atom_sites.fract_transf_vector[2]      0.00000 
_atom_sites.fract_transf_vector[3]      0.00000 
# 
loop_
_atom_type.symbol 
C  
H  
HE 
N  
O  
# 
loop_
_atom_site.group_PDB 
_atom_site.id 
_atom_site.type_symbol 
_atom_site.label_atom_id 
_atom_site.label_alt_id 
_atom_site.label_comp_id 
_atom_site.label_asym_id 
_atom_site.label_entity_id 
_atom_site.label_seq_id 
_atom_site.pdbx_PDB_ins_code 
_atom_site.Cartn_x 
_atom_site.Cartn_y 
_atom_site.Cartn_z 
_atom_site.occupancy 
_atom_site.B_iso_or_equiv 
_atom_site.pdbx_formal_charge 
_atom_site.auth_seq_id 
_atom_site.auth_comp_id 
_atom_site.auth_asym_id 
_atom_site.auth_atom_id 
_atom_site.pdbx_PDB_model_num 
HETATM 1    C C    . ACE A 1 1  ? 3.697  -4.493 0.960  1.00 1.42  ? 3  ACE A C    1  
HETATM 2    O O    . ACE A 1 1  ? 4.317  -5.409 1.484  1.00 25.23 ? 3  ACE A O    1  
HETATM 3    C CH3  . ACE A 1 1  ? 3.956  -4.161 -0.507 1.00 11.32 ? 3  ACE A CH3  1  
HETATM 4    H H1   . ACE A 1 1  ? 3.042  -3.854 -1.040 1.00 11.05 ? 3  ACE A H1   1  
HETATM 5    H H2   . ACE A 1 1  ? 4.684  -3.334 -0.590 1.00 31.00 ? 3  ACE A H2   1  
HETATM 6    H H3   . ACE A 1 1  ? 4.379  -5.032 -1.036 1.00 0.00  ? 3  ACE A H3   1  
HETATM 7    N N    . NLE A 1 2  ? 2.843  -3.826 1.739  1.00 24.32 ? 4  NLE A N    1  
HETATM 8    C CA   . NLE A 1 2  ? 1.908  -2.754 1.292  1.00 22.54 ? 4  NLE A CA   1  
HETATM 9    C C    . NLE A 1 2  ? 2.558  -1.461 0.695  1.00 51.12 ? 4  NLE A C    1  
HETATM 10   O O    . NLE A 1 2  ? 3.618  -1.000 1.132  1.00 4.44  ? 4  NLE A O    1  
HETATM 11   C CB   . NLE A 1 2  ? 0.935  -2.459 2.469  1.00 51.41 ? 4  NLE A CB   1  
HETATM 12   C CG   . NLE A 1 2  ? 1.522  -1.755 3.719  1.00 53.53 ? 4  NLE A CG   1  
HETATM 13   C CD   . NLE A 1 2  ? 0.536  -1.661 4.894  1.00 13.25 ? 4  NLE A CD   1  
HETATM 14   C CE   . NLE A 1 2  ? 1.117  -0.804 6.028  1.00 21.12 ? 4  NLE A CE   1  
HETATM 15   H H    . NLE A 1 2  ? 2.856  -4.170 2.701  1.00 73.41 ? 4  NLE A H    1  
HETATM 16   H HA   . NLE A 1 2  ? 1.280  -3.209 0.500  1.00 13.34 ? 4  NLE A HA   1  
HETATM 17   H HB2  . NLE A 1 2  ? 0.455  -3.407 2.768  1.00 12.25 ? 4  NLE A HB2  1  
HETATM 18   H HB3  . NLE A 1 2  ? 0.096  -1.849 2.087  1.00 64.43 ? 4  NLE A HB3  1  
HETATM 19   H HG2  . NLE A 1 2  ? 1.859  -0.745 3.432  1.00 24.40 ? 4  NLE A HG2  1  
HETATM 20   H HG3  . NLE A 1 2  ? 2.443  -2.257 4.061  1.00 61.35 ? 4  NLE A HG3  1  
HETATM 21   H HD2  . NLE A 1 2  ? 0.298  -2.674 5.272  1.00 34.12 ? 4  NLE A HD2  1  
HETATM 22   H HD3  . NLE A 1 2  ? -0.428 -1.234 4.562  1.00 2.42  ? 4  NLE A HD3  1  
HETATM 23   H HE1  . NLE A 1 2  ? 2.059  -1.227 6.423  1.00 35.54 ? 4  NLE A HE1  1  
HETATM 24   H HE2  . NLE A 1 2  ? 1.343  0.226  5.691  1.00 13.20 ? 4  NLE A HE2  1  
HETATM 25   H HE3  . NLE A 1 2  ? 0.413  -0.719 6.875  1.00 14.24 ? 4  NLE A HE3  1  
ATOM   26   N N    . ASP A 1 3  ? 1.912  -0.904 -0.338 1.00 42.23 ? 5  ASP A N    1  
ATOM   27   C CA   . ASP A 1 3  ? 2.487  0.193  -1.162 1.00 14.33 ? 5  ASP A CA   1  
ATOM   28   C C    . ASP A 1 3  ? 1.940  1.609  -0.745 1.00 70.04 ? 5  ASP A C    1  
ATOM   29   O O    . ASP A 1 3  ? 0.721  1.731  -0.569 1.00 71.01 ? 5  ASP A O    1  
ATOM   30   C CB   . ASP A 1 3  ? 2.150  -0.096 -2.647 1.00 73.01 ? 5  ASP A CB   1  
ATOM   31   C CG   . ASP A 1 3  ? 2.925  -1.248 -3.315 1.00 3.02  ? 5  ASP A CG   1  
ATOM   32   O OD1  . ASP A 1 3  ? 4.145  -1.337 -3.173 1.00 41.31 ? 5  ASP A OD1  1  
ATOM   33   H H    . ASP A 1 3  ? 0.962  -1.268 -0.503 1.00 62.10 ? 5  ASP A H    1  
ATOM   34   H HA   . ASP A 1 3  ? 3.590  0.181  -1.062 1.00 60.50 ? 5  ASP A HA   1  
ATOM   35   H HB2  . ASP A 1 3  ? 1.055  -0.212 -2.761 1.00 0.00  ? 5  ASP A HB2  1  
ATOM   36   H HB3  . ASP A 1 3  ? 2.395  0.803  -3.236 1.00 72.20 ? 5  ASP A HB3  1  
ATOM   37   N N    . PRO A 1 4  ? 2.754  2.702  -0.592 1.00 64.04 ? 6  PRO A N    1  
ATOM   38   C CA   . PRO A 1 4  ? 2.245  4.041  -0.174 1.00 44.43 ? 6  PRO A CA   1  
ATOM   39   C C    . PRO A 1 4  ? 1.240  4.726  -1.176 1.00 31.44 ? 6  PRO A C    1  
ATOM   40   O O    . PRO A 1 4  ? 1.468  4.632  -2.388 1.00 1.02  ? 6  PRO A O    1  
ATOM   41   C CB   . PRO A 1 4  ? 3.542  4.841  0.065  1.00 53.11 ? 6  PRO A CB   1  
ATOM   42   C CG   . PRO A 1 4  ? 4.609  4.139  -0.773 1.00 4.15  ? 6  PRO A CG   1  
ATOM   43   C CD   . PRO A 1 4  ? 4.223  2.662  -0.712 1.00 41.55 ? 6  PRO A CD   1  
ATOM   44   H HA   . PRO A 1 4  ? 1.758  3.915  0.807  1.00 15.04 ? 6  PRO A HA   1  
ATOM   45   H HB2  . PRO A 1 4  ? 3.450  5.915  -0.184 1.00 0.00  ? 6  PRO A HB2  1  
ATOM   46   H HB3  . PRO A 1 4  ? 3.818  4.795  1.137  1.00 62.32 ? 6  PRO A HB3  1  
ATOM   47   H HG2  . PRO A 1 4  ? 4.564  4.498  -1.821 1.00 0.00  ? 6  PRO A HG2  1  
ATOM   48   H HG3  . PRO A 1 4  ? 5.637  4.329  -0.410 1.00 31.02 ? 6  PRO A HG3  1  
ATOM   49   H HD2  . PRO A 1 4  ? 4.575  2.124  -1.611 1.00 0.00  ? 6  PRO A HD2  1  
ATOM   50   H HD3  . PRO A 1 4  ? 4.664  2.170  0.181  1.00 72.34 ? 6  PRO A HD3  1  
ATOM   51   N N    . PRO A 1 5  ? 0.120  5.386  -0.747 1.00 22.14 ? 7  PRO A N    1  
ATOM   52   C CA   . PRO A 1 5  ? -0.153 5.771  0.679  1.00 10.30 ? 7  PRO A CA   1  
ATOM   53   C C    . PRO A 1 5  ? -0.818 4.731  1.658  1.00 31.43 ? 7  PRO A C    1  
ATOM   54   O O    . PRO A 1 5  ? -1.311 5.123  2.718  1.00 11.54 ? 7  PRO A O    1  
ATOM   55   C CB   . PRO A 1 5  ? -1.039 7.017  0.446  1.00 73.35 ? 7  PRO A CB   1  
ATOM   56   C CG   . PRO A 1 5  ? -1.840 6.712  -0.820 1.00 73.14 ? 7  PRO A CG   1  
ATOM   57   C CD   . PRO A 1 5  ? -0.838 5.977  -1.708 1.00 50.35 ? 7  PRO A CD   1  
ATOM   58   H HA   . PRO A 1 5  ? 0.778  6.105  1.175  1.00 70.33 ? 7  PRO A HA   1  
ATOM   59   H HB2  . PRO A 1 5  ? -1.691 7.266  1.306  1.00 0.00  ? 7  PRO A HB2  1  
ATOM   60   H HB3  . PRO A 1 5  ? -0.401 7.907  0.283  1.00 33.33 ? 7  PRO A HB3  1  
ATOM   61   H HG2  . PRO A 1 5  ? -2.696 6.048  -0.585 1.00 0.00  ? 7  PRO A HG2  1  
ATOM   62   H HG3  . PRO A 1 5  ? -2.251 7.617  -1.302 1.00 23.41 ? 7  PRO A HG3  1  
ATOM   63   H HD2  . PRO A 1 5  ? -1.327 5.204  -2.332 1.00 0.00  ? 7  PRO A HD2  1  
ATOM   64   H HD3  . PRO A 1 5  ? -0.321 6.680  -2.392 1.00 41.43 ? 7  PRO A HD3  1  
HETATM 65   N N    . 4J2 A 1 6  ? -0.791 3.426  1.347  1.00 55.11 ? 8  4J2 A N    1  
HETATM 66   C CA   . 4J2 A 1 6  ? -1.311 2.338  2.223  1.00 24.43 ? 8  4J2 A CA   1  
HETATM 67   C CB   . 4J2 A 1 6  ? -0.167 1.447  2.790  1.00 10.34 ? 8  4J2 A CB   1  
HETATM 68   C CG   . 4J2 A 1 6  ? 1.098  2.102  3.352  1.00 12.23 ? 8  4J2 A CG   1  
HETATM 69   C CD1  . 4J2 A 1 6  ? 2.330  1.839  2.763  1.00 0.11  ? 8  4J2 A CD1  1  
HETATM 70   C CD2  . 4J2 A 1 6  ? 1.018  2.950  4.447  1.00 72.21 ? 8  4J2 A CD2  1  
HETATM 71   C CE1  . 4J2 A 1 6  ? 3.492  2.421  3.243  1.00 51.02 ? 8  4J2 A CE1  1  
HETATM 72   C CZ1  . 4J2 A 1 6  ? 3.433  3.290  4.331  1.00 50.12 ? 8  4J2 A CZ1  1  
HETATM 73   C CZ2  . 4J2 A 1 6  ? 4.585  3.895  4.824  1.00 30.24 ? 8  4J2 A CZ2  1  
HETATM 74   C CZ3  . 4J2 A 1 6  ? 4.508  4.763  5.909  1.00 44.51 ? 8  4J2 A CZ3  1  
HETATM 75   C CE2  . 4J2 A 1 6  ? 2.165  3.564  4.952  1.00 75.11 ? 8  4J2 A CE2  1  
HETATM 76   C CE3  . 4J2 A 1 6  ? 2.113  4.437  6.039  1.00 3.32  ? 8  4J2 A CE3  1  
HETATM 77   C CE4  . 4J2 A 1 6  ? 3.280  5.032  6.512  1.00 51.13 ? 8  4J2 A CE4  1  
HETATM 78   C C    . 4J2 A 1 6  ? -2.349 1.452  1.462  1.00 22.34 ? 8  4J2 A C    1  
HETATM 79   H HE1  . 4J2 A 1 6  ? 4.432  2.188  2.758  1.00 0.00  ? 8  4J2 A HE1  1  
HETATM 80   O O    . 4J2 A 1 6  ? -3.477 1.257  1.922  1.00 52.33 ? 8  4J2 A O    1  
HETATM 81   H HE3  . 4J2 A 1 6  ? 1.174  4.664  6.524  1.00 0.00  ? 8  4J2 A HE3  1  
HETATM 82   H HE4  . 4J2 A 1 6  ? 3.235  5.708  7.355  1.00 0.00  ? 8  4J2 A HE4  1  
HETATM 83   H H    . 4J2 A 1 6  ? -0.212 3.187  0.535  1.00 71.33 ? 8  4J2 A H    1  
HETATM 84   H HA   . 4J2 A 1 6  ? -1.826 2.768  3.099  1.00 41.44 ? 8  4J2 A HA   1  
HETATM 85   H HB2  . 4J2 A 1 6  ? -0.605 0.833  3.587  1.00 40.54 ? 8  4J2 A HB2  1  
HETATM 86   H HB1  . 4J2 A 1 6  ? 0.137  0.705  2.033  1.00 60.00 ? 8  4J2 A HB1  1  
HETATM 87   H HD1  . 4J2 A 1 6  ? 2.370  1.174  1.922  1.00 0.00  ? 8  4J2 A HD1  1  
HETATM 88   H HD2  . 4J2 A 1 6  ? 0.033  3.097  4.853  1.00 0.00  ? 8  4J2 A HD2  1  
HETATM 89   H HZ2  . 4J2 A 1 6  ? 5.537  3.684  4.356  1.00 0.00  ? 8  4J2 A HZ2  1  
HETATM 90   H HZ23 . 4J2 A 1 6  ? 5.406  5.230  6.289  1.00 0.00  ? 8  4J2 A HZ23 1  
ATOM   91   N N    . ARG A 1 7  ? -1.923 0.886  0.318  1.00 0.00  ? 9  ARG A N    1  
ATOM   92   C CA   . ARG A 1 7  ? -2.718 -0.047 -0.513 1.00 0.00  ? 9  ARG A CA   1  
ATOM   93   C C    . ARG A 1 7  ? -2.101 -1.472 -0.369 1.00 0.00  ? 9  ARG A C    1  
ATOM   94   O O    . ARG A 1 7  ? -0.881 -1.665 -0.463 1.00 0.00  ? 9  ARG A O    1  
ATOM   95   C CB   . ARG A 1 7  ? -2.653 0.429  -1.986 1.00 0.00  ? 9  ARG A CB   1  
ATOM   96   C CG   . ARG A 1 7  ? -3.255 1.829  -2.281 1.00 0.00  ? 9  ARG A CG   1  
ATOM   97   C CD   . ARG A 1 7  ? -2.886 2.359  -3.676 1.00 0.00  ? 9  ARG A CD   1  
ATOM   98   N NE   . ARG A 1 7  ? -3.444 3.727  -3.828 1.00 0.00  ? 9  ARG A NE   1  
ATOM   99   C CZ   . ARG A 1 7  ? -3.128 4.587  -4.792 1.00 0.00  ? 9  ARG A CZ   1  
ATOM   100  N NH1  . ARG A 1 7  ? -2.277 4.342  -5.755 1.00 0.00  ? 9  ARG A NH1  1  
ATOM   101  N NH2  . ARG A 1 7  ? -3.709 5.743  -4.767 1.00 0.00  ? 9  ARG A NH2  1  
ATOM   102  H H    . ARG A 1 7  ? -0.973 1.186  0.048  1.00 0.00  ? 9  ARG A H    1  
ATOM   103  H HA   . ARG A 1 7  ? -3.780 -0.053 -0.191 1.00 0.00  ? 9  ARG A HA   1  
ATOM   104  H HB2  . ARG A 1 7  ? -1.597 0.392  -2.313 1.00 0.00  ? 9  ARG A HB2  1  
ATOM   105  H HB3  . ARG A 1 7  ? -3.166 -0.315 -2.622 1.00 0.00  ? 9  ARG A HB3  1  
ATOM   106  H HG2  . ARG A 1 7  ? -4.356 1.806  -2.160 1.00 0.00  ? 9  ARG A HG2  1  
ATOM   107  H HG3  . ARG A 1 7  ? -2.900 2.562  -1.529 1.00 0.00  ? 9  ARG A HG3  1  
ATOM   108  H HD2  . ARG A 1 7  ? -1.782 2.373  -3.788 1.00 0.00  ? 9  ARG A HD2  1  
ATOM   109  H HD3  . ARG A 1 7  ? -3.283 1.692  -4.466 1.00 0.00  ? 9  ARG A HD3  1  
ATOM   110  H HH11 . ARG A 1 7  ? -1.864 3.409  -5.712 1.00 0.00  ? 9  ARG A HH11 1  
ATOM   111  H HH12 . ARG A 1 7  ? -2.118 5.083  -6.438 1.00 0.00  ? 9  ARG A HH12 1  
ATOM   112  H HH21 . ARG A 1 7  ? -4.366 5.831  -3.990 1.00 0.00  ? 9  ARG A HH21 1  
ATOM   113  H HH22 . ARG A 1 7  ? -3.484 6.407  -5.509 1.00 0.00  ? 9  ARG A HH22 1  
ATOM   114  N N    . TRP A 1 8  ? -2.949 -2.485 -0.146 1.00 0.00  ? 10 TRP A N    1  
ATOM   115  C CA   . TRP A 1 8  ? -2.482 -3.871 0.087  1.00 0.00  ? 10 TRP A CA   1  
ATOM   116  C C    . TRP A 1 8  ? -2.216 -4.609 -1.265 1.00 0.00  ? 10 TRP A C    1  
ATOM   117  O O    . TRP A 1 8  ? -3.068 -4.687 -2.154 1.00 0.00  ? 10 TRP A O    1  
ATOM   118  C CB   . TRP A 1 8  ? -3.506 -4.578 1.003  1.00 0.00  ? 10 TRP A CB   1  
ATOM   119  C CG   . TRP A 1 8  ? -3.072 -5.975 1.446  1.00 0.00  ? 10 TRP A CG   1  
ATOM   120  C CD1  . TRP A 1 8  ? -3.439 -7.161 0.792  1.00 0.00  ? 10 TRP A CD1  1  
ATOM   121  C CD2  . TRP A 1 8  ? -2.145 -6.342 2.402  1.00 0.00  ? 10 TRP A CD2  1  
ATOM   122  N NE1  . TRP A 1 8  ? -2.763 -8.281 1.317  1.00 0.00  ? 10 TRP A NE1  1  
ATOM   123  C CE2  . TRP A 1 8  ? -1.958 -7.744 2.312  1.00 0.00  ? 10 TRP A CE2  1  
ATOM   124  C CE3  . TRP A 1 8  ? -1.379 -5.569 3.311  1.00 0.00  ? 10 TRP A CE3  1  
ATOM   125  C CZ2  . TRP A 1 8  ? -1.000 -8.385 3.133  1.00 0.00  ? 10 TRP A CZ2  1  
ATOM   126  C CZ3  . TRP A 1 8  ? -0.445 -6.223 4.115  1.00 0.00  ? 10 TRP A CZ3  1  
ATOM   127  C CH2  . TRP A 1 8  ? -0.258 -7.609 4.028  1.00 0.00  ? 10 TRP A CH2  1  
ATOM   128  H H    . TRP A 1 8  ? -3.913 -2.302 -0.433 1.00 0.00  ? 10 TRP A H    1  
ATOM   129  H HA   . TRP A 1 8  ? -1.543 -3.819 0.678  1.00 0.00  ? 10 TRP A HA   1  
ATOM   130  H HB2  . TRP A 1 8  ? -3.679 -3.969 1.907  1.00 0.00  ? 10 TRP A HB2  1  
ATOM   131  H HB3  . TRP A 1 8  ? -4.484 -4.636 0.493  1.00 0.00  ? 10 TRP A HB3  1  
ATOM   132  H HD1  . TRP A 1 8  ? -4.090 -7.160 -0.073 1.00 0.00  ? 10 TRP A HD1  1  
ATOM   133  H HE1  . TRP A 1 8  ? -2.809 -9.258 1.007  1.00 0.00  ? 10 TRP A HE1  1  
ATOM   134  H HE3  . TRP A 1 8  ? -1.512 -4.497 3.376  1.00 0.00  ? 10 TRP A HE3  1  
ATOM   135  H HZ2  . TRP A 1 8  ? -0.840 -9.449 3.063  1.00 0.00  ? 10 TRP A HZ2  1  
ATOM   136  H HZ3  . TRP A 1 8  ? 0.148  -5.650 4.814  1.00 0.00  ? 10 TRP A HZ3  1  
ATOM   137  H HH2  . TRP A 1 8  ? 0.478  -8.087 4.660  1.00 0.00  ? 10 TRP A HH2  1  
ATOM   138  N N    . LYS A 1 9  ? -0.998 -5.141 -1.370 1.00 74.43 ? 11 LYS A N    1  
ATOM   139  C CA   . LYS A 1 9  ? -0.451 -5.708 -2.628 1.00 4.20  ? 11 LYS A CA   1  
ATOM   140  C C    . LYS A 1 9  ? -0.485 -7.270 -2.686 1.00 11.04 ? 11 LYS A C    1  
ATOM   141  O O    . LYS A 1 9  ? -0.970 -7.856 -3.652 1.00 35.41 ? 11 LYS A O    1  
ATOM   142  C CB   . LYS A 1 9  ? 0.955  -5.065 -2.774 1.00 41.10 ? 11 LYS A CB   1  
ATOM   143  C CG   . LYS A 1 9  ? 1.627  -5.298 -4.140 1.00 44.10 ? 11 LYS A CG   1  
ATOM   144  C CD   . LYS A 1 9  ? 2.948  -4.517 -4.339 1.00 33.11 ? 11 LYS A CD   1  
ATOM   145  C CE   . LYS A 1 9  ? 2.839  -3.103 -4.956 1.00 70.12 ? 11 LYS A CE   1  
ATOM   146  N NZ   . LYS A 1 9  ? 2.211  -2.081 -4.082 1.00 43.51 ? 11 LYS A NZ   1  
ATOM   147  H H    . LYS A 1 9  ? -0.413 -4.941 -0.559 1.00 20.44 ? 11 LYS A H    1  
ATOM   148  H HA   . LYS A 1 9  ? -1.059 -5.359 -3.489 1.00 50.52 ? 11 LYS A HA   1  
ATOM   149  H HB2  . LYS A 1 9  ? 0.883  -3.971 -2.611 1.00 0.00  ? 11 LYS A HB2  1  
ATOM   150  H HB3  . LYS A 1 9  ? 1.624  -5.435 -1.975 1.00 63.23 ? 11 LYS A HB3  1  
ATOM   151  H HG2  . LYS A 1 9  ? 1.828  -6.381 -4.232 1.00 0.00  ? 11 LYS A HG2  1  
ATOM   152  H HG3  . LYS A 1 9  ? 0.913  -5.066 -4.951 1.00 60.25 ? 11 LYS A HG3  1  
ATOM   153  H HD2  . LYS A 1 9  ? 3.532  -4.475 -3.401 1.00 0.00  ? 11 LYS A HD2  1  
ATOM   154  H HD3  . LYS A 1 9  ? 3.583  -5.112 -5.022 1.00 13.13 ? 11 LYS A HD3  1  
ATOM   155  H HE2  . LYS A 1 9  ? 3.849  -2.772 -5.274 1.00 0.00  ? 11 LYS A HE2  1  
ATOM   156  H HE3  . LYS A 1 9  ? 2.268  -3.160 -5.903 1.00 35.55 ? 11 LYS A HE3  1  
ATOM   157  H HZ1  . LYS A 1 9  ? 1.206  -1.890 -4.093 1.00 44.51 ? 11 LYS A HZ1  1  
HETATM 158  N N    . NH2 A 1 10 ? 0.022  -8.020 -1.722 1.00 24.35 ? 12 NH2 A N    1  
HETATM 159  H HN1  . NH2 A 1 10 ? 0.310  -7.543 -0.865 1.00 71.12 ? 12 NH2 A HN1  1  
HETATM 160  H HN2  . NH2 A 1 10 ? -0.116 -9.025 -1.870 1.00 14.20 ? 12 NH2 A HN2  1  
HETATM 161  C C    . ACE A 1 1  ? 3.797  -4.493 1.025  1.00 1.42  ? 3  ACE A C    2  
HETATM 162  O O    . ACE A 1 1  ? 3.819  -4.369 -0.196 1.00 25.23 ? 3  ACE A O    2  
HETATM 163  C CH3  . ACE A 1 1  ? 4.696  -5.498 1.720  1.00 11.32 ? 3  ACE A CH3  2  
HETATM 164  H H1   . ACE A 1 1  ? 4.108  -6.250 2.277  1.00 11.05 ? 3  ACE A H1   2  
HETATM 165  H H2   . ACE A 1 1  ? 5.309  -6.044 0.979  1.00 31.00 ? 3  ACE A H2   2  
HETATM 166  H H3   . ACE A 1 1  ? 5.390  -5.002 2.421  1.00 0.00  ? 3  ACE A H3   2  
HETATM 167  N N    . NLE A 1 2  ? 3.008  -3.786 1.833  1.00 24.32 ? 4  NLE A N    2  
HETATM 168  C CA   . NLE A 1 2  ? 2.020  -2.786 1.345  1.00 22.54 ? 4  NLE A CA   2  
HETATM 169  C C    . NLE A 1 2  ? 2.625  -1.498 0.687  1.00 51.12 ? 4  NLE A C    2  
HETATM 170  O O    . NLE A 1 2  ? 3.679  -0.993 1.087  1.00 4.44  ? 4  NLE A O    2  
HETATM 171  C CB   . NLE A 1 2  ? 1.028  -2.497 2.505  1.00 51.41 ? 4  NLE A CB   2  
HETATM 172  C CG   . NLE A 1 2  ? 1.570  -1.782 3.766  1.00 53.53 ? 4  NLE A CG   2  
HETATM 173  C CD   . NLE A 1 2  ? 0.525  -1.664 4.888  1.00 13.25 ? 4  NLE A CD   2  
HETATM 174  C CE   . NLE A 1 2  ? 1.057  -0.828 6.060  1.00 21.12 ? 4  NLE A CE   2  
HETATM 175  H H    . NLE A 1 2  ? 3.124  -3.983 2.829  1.00 73.41 ? 4  NLE A H    2  
HETATM 176  H HA   . NLE A 1 2  ? 1.423  -3.298 0.561  1.00 13.34 ? 4  NLE A HA   2  
HETATM 177  H HB2  . NLE A 1 2  ? 0.560  -3.451 2.799  1.00 12.25 ? 4  NLE A HB2  2  
HETATM 178  H HB3  . NLE A 1 2  ? 0.188  -1.901 2.106  1.00 64.43 ? 4  NLE A HB3  2  
HETATM 179  H HG2  . NLE A 1 2  ? 1.935  -0.782 3.485  1.00 24.40 ? 4  NLE A HG2  2  
HETATM 180  H HG3  . NLE A 1 2  ? 2.463  -2.294 4.162  1.00 61.35 ? 4  NLE A HG3  2  
HETATM 181  H HD2  . NLE A 1 2  ? 0.237  -2.671 5.248  1.00 34.12 ? 4  NLE A HD2  2  
HETATM 182  H HD3  . NLE A 1 2  ? -0.407 -1.209 4.505  1.00 2.42  ? 4  NLE A HD3  2  
HETATM 183  H HE1  . NLE A 1 2  ? 1.960  -1.280 6.511  1.00 35.54 ? 4  NLE A HE1  2  
HETATM 184  H HE2  . NLE A 1 2  ? 1.329  0.197  5.742  1.00 13.20 ? 4  NLE A HE2  2  
HETATM 185  H HE3  . NLE A 1 2  ? 0.303  -0.730 6.861  1.00 14.24 ? 4  NLE A HE3  2  
ATOM   186  N N    . ASP A 1 3  ? 1.939  -0.981 -0.344 1.00 42.23 ? 5  ASP A N    2  
ATOM   187  C CA   . ASP A 1 3  ? 2.455  0.118  -1.205 1.00 14.33 ? 5  ASP A CA   2  
ATOM   188  C C    . ASP A 1 3  ? 1.895  1.532  -0.796 1.00 70.04 ? 5  ASP A C    2  
ATOM   189  O O    . ASP A 1 3  ? 0.672  1.657  -0.641 1.00 71.01 ? 5  ASP A O    2  
ATOM   190  C CB   . ASP A 1 3  ? 2.088  -0.208 -2.676 1.00 73.01 ? 5  ASP A CB   2  
ATOM   191  C CG   . ASP A 1 3  ? 2.991  -1.241 -3.362 1.00 3.02  ? 5  ASP A CG   2  
ATOM   192  O OD1  . ASP A 1 3  ? 4.144  -0.930 -3.663 1.00 41.31 ? 5  ASP A OD1  2  
ATOM   193  H H    . ASP A 1 3  ? 0.975  -1.339 -0.440 1.00 62.10 ? 5  ASP A H    2  
ATOM   194  H HA   . ASP A 1 3  ? 3.561  0.128  -1.139 1.00 60.50 ? 5  ASP A HA   2  
ATOM   195  H HB2  . ASP A 1 3  ? 1.015  -0.461 -2.766 1.00 0.00  ? 5  ASP A HB2  2  
ATOM   196  H HB3  . ASP A 1 3  ? 2.199  0.714  -3.272 1.00 72.20 ? 5  ASP A HB3  2  
ATOM   197  N N    . PRO A 1 4  ? 2.713  2.621  -0.623 1.00 64.04 ? 6  PRO A N    2  
ATOM   198  C CA   . PRO A 1 4  ? 2.212  3.948  -0.160 1.00 44.43 ? 6  PRO A CA   2  
ATOM   199  C C    . PRO A 1 4  ? 1.267  4.715  -1.156 1.00 31.44 ? 6  PRO A C    2  
ATOM   200  O O    . PRO A 1 4  ? 1.503  4.641  -2.367 1.00 1.02  ? 6  PRO A O    2  
ATOM   201  C CB   . PRO A 1 4  ? 3.511  4.708  0.173  1.00 53.11 ? 6  PRO A CB   2  
ATOM   202  C CG   . PRO A 1 4  ? 4.595  4.040  -0.675 1.00 4.15  ? 6  PRO A CG   2  
ATOM   203  C CD   . PRO A 1 4  ? 4.184  2.570  -0.710 1.00 41.55 ? 6  PRO A CD   2  
ATOM   204  H HA   . PRO A 1 4  ? 1.678  3.781  0.791  1.00 15.04 ? 6  PRO A HA   2  
ATOM   205  H HB2  . PRO A 1 4  ? 3.447  5.797  -0.010 1.00 0.00  ? 6  PRO A HB2  2  
ATOM   206  H HB3  . PRO A 1 4  ? 3.751  4.590  1.248  1.00 62.32 ? 6  PRO A HB3  2  
ATOM   207  H HG2  . PRO A 1 4  ? 4.587  4.461  -1.701 1.00 0.00  ? 6  PRO A HG2  2  
ATOM   208  H HG3  . PRO A 1 4  ? 5.613  4.190  -0.268 1.00 31.02 ? 6  PRO A HG3  2  
ATOM   209  H HD2  . PRO A 1 4  ? 4.545  2.080  -1.633 1.00 0.00  ? 6  PRO A HD2  2  
ATOM   210  H HD3  . PRO A 1 4  ? 4.595  2.016  0.159  1.00 72.34 ? 6  PRO A HD3  2  
ATOM   211  N N    . PRO A 1 5  ? 0.191  5.445  -0.719 1.00 22.14 ? 7  PRO A N    2  
ATOM   212  C CA   . PRO A 1 5  ? -0.094 5.766  0.717  1.00 10.30 ? 7  PRO A CA   2  
ATOM   213  C C    . PRO A 1 5  ? -0.861 4.722  1.614  1.00 31.43 ? 7  PRO A C    2  
ATOM   214  O O    . PRO A 1 5  ? -1.352 5.092  2.683  1.00 11.54 ? 7  PRO A O    2  
ATOM   215  C CB   . PRO A 1 5  ? -0.872 7.091  0.544  1.00 73.35 ? 7  PRO A CB   2  
ATOM   216  C CG   . PRO A 1 5  ? -1.648 6.934  -0.765 1.00 73.14 ? 7  PRO A CG   2  
ATOM   217  C CD   . PRO A 1 5  ? -0.674 6.180  -1.667 1.00 50.35 ? 7  PRO A CD   2  
ATOM   218  H HA   . PRO A 1 5  ? 0.844  6.000  1.256  1.00 70.33 ? 7  PRO A HA   2  
ATOM   219  H HB2  . PRO A 1 5  ? -1.534 7.334  1.398  1.00 0.00  ? 7  PRO A HB2  2  
ATOM   220  H HB3  . PRO A 1 5  ? -0.163 7.938  0.460  1.00 33.33 ? 7  PRO A HB3  2  
ATOM   221  H HG2  . PRO A 1 5  ? -2.562 6.330  -0.599 1.00 0.00  ? 7  PRO A HG2  2  
ATOM   222  H HG3  . PRO A 1 5  ? -1.969 7.900  -1.197 1.00 23.41 ? 7  PRO A HG3  2  
ATOM   223  H HD2  . PRO A 1 5  ? -1.195 5.498  -2.367 1.00 0.00  ? 7  PRO A HD2  2  
ATOM   224  H HD3  . PRO A 1 5  ? -0.071 6.883  -2.277 1.00 41.43 ? 7  PRO A HD3  2  
HETATM 225  N N    . 4J2 A 1 6  ? -0.912 3.434  1.234  1.00 55.11 ? 8  4J2 A N    2  
HETATM 226  C CA   . 4J2 A 1 6  ? -1.463 2.337  2.079  1.00 24.43 ? 8  4J2 A CA   2  
HETATM 227  C CB   . 4J2 A 1 6  ? -0.339 1.393  2.601  1.00 10.34 ? 8  4J2 A CB   2  
HETATM 228  C CG   . 4J2 A 1 6  ? 0.915  2.001  3.241  1.00 12.23 ? 8  4J2 A CG   2  
HETATM 229  C CD1  . 4J2 A 1 6  ? 2.164  1.738  2.694  1.00 0.11  ? 8  4J2 A CD1  2  
HETATM 230  C CD2  . 4J2 A 1 6  ? 0.806  2.825  4.353  1.00 72.21 ? 8  4J2 A CD2  2  
HETATM 231  C CE1  . 4J2 A 1 6  ? 3.315  2.307  3.217  1.00 51.02 ? 8  4J2 A CE1  2  
HETATM 232  C CZ1  . 4J2 A 1 6  ? 3.226  3.165  4.309  1.00 50.12 ? 8  4J2 A CZ1  2  
HETATM 233  C CZ2  . 4J2 A 1 6  ? 4.361  3.777  4.832  1.00 30.24 ? 8  4J2 A CZ2  2  
HETATM 234  C CZ3  . 4J2 A 1 6  ? 4.252  4.634  5.924  1.00 44.51 ? 8  4J2 A CZ3  2  
HETATM 235  C CE2  . 4J2 A 1 6  ? 1.939  3.430  4.900  1.00 75.11 ? 8  4J2 A CE2  2  
HETATM 236  C CE3  . 4J2 A 1 6  ? 1.858  4.292  5.994  1.00 3.32  ? 8  4J2 A CE3  2  
HETATM 237  C CE4  . 4J2 A 1 6  ? 3.011  4.888  6.501  1.00 51.13 ? 8  4J2 A CE4  2  
HETATM 238  C C    . 4J2 A 1 6  ? -2.546 1.491  1.336  1.00 22.34 ? 8  4J2 A C    2  
HETATM 239  H HE1  . 4J2 A 1 6  ? 4.265  2.079  2.754  1.00 0.00  ? 8  4J2 A HE1  2  
HETATM 240  O O    . 4J2 A 1 6  ? -3.610 1.219  1.893  1.00 52.33 ? 8  4J2 A O    2  
HETATM 241  H HE3  . 4J2 A 1 6  ? 0.904  4.511  6.457  1.00 0.00  ? 8  4J2 A HE3  2  
HETATM 242  H HE4  . 4J2 A 1 6  ? 2.939  5.557  7.347  1.00 0.00  ? 8  4J2 A HE4  2  
HETATM 243  H H    . 4J2 A 1 6  ? -0.321 3.201  0.431  1.00 71.33 ? 8  4J2 A H    2  
HETATM 244  H HA   . 4J2 A 1 6  ? -1.948 2.754  2.976  1.00 41.44 ? 8  4J2 A HA   2  
HETATM 245  H HB2  . 4J2 A 1 6  ? -0.796 0.723  3.342  1.00 40.54 ? 8  4J2 A HB2  2  
HETATM 246  H HB1  . 4J2 A 1 6  ? -0.028 0.711  1.793  1.00 60.00 ? 8  4J2 A HB1  2  
HETATM 247  H HD1  . 4J2 A 1 6  ? 2.227  1.086  1.844  1.00 0.00  ? 8  4J2 A HD1  2  
HETATM 248  H HD2  . 4J2 A 1 6  ? -0.189 2.975  4.730  1.00 0.00  ? 8  4J2 A HD2  2  
HETATM 249  H HZ2  . 4J2 A 1 6  ? 5.325  3.587  4.378  1.00 0.00  ? 8  4J2 A HZ2  2  
HETATM 250  H HZ23 . 4J2 A 1 6  ? 5.137  5.106  6.325  1.00 0.00  ? 8  4J2 A HZ23 2  
ATOM   251  N N    . ARG A 1 7  ? -2.217 0.997  0.125  1.00 0.00  ? 9  ARG A N    2  
ATOM   252  C CA   . ARG A 1 7  ? -2.901 -0.167 -0.493 1.00 0.00  ? 9  ARG A CA   2  
ATOM   253  C C    . ARG A 1 7  ? -2.105 -1.473 -0.200 1.00 0.00  ? 9  ARG A C    2  
ATOM   254  O O    . ARG A 1 7  ? -0.867 -1.505 -0.196 1.00 0.00  ? 9  ARG A O    2  
ATOM   255  C CB   . ARG A 1 7  ? -3.030 0.066  -2.024 1.00 0.00  ? 9  ARG A CB   2  
ATOM   256  C CG   . ARG A 1 7  ? -4.256 0.917  -2.450 1.00 0.00  ? 9  ARG A CG   2  
ATOM   257  C CD   . ARG A 1 7  ? -5.527 0.114  -2.815 1.00 0.00  ? 9  ARG A CD   2  
ATOM   258  N NE   . ARG A 1 7  ? -6.120 -0.616 -1.660 1.00 0.00  ? 9  ARG A NE   2  
ATOM   259  C CZ   . ARG A 1 7  ? -6.102 -1.935 -1.469 1.00 0.00  ? 9  ARG A CZ   2  
ATOM   260  N NH1  . ARG A 1 7  ? -5.539 -2.798 -2.275 1.00 0.00  ? 9  ARG A NH1  2  
ATOM   261  N NH2  . ARG A 1 7  ? -6.674 -2.385 -0.399 1.00 0.00  ? 9  ARG A NH2  2  
ATOM   262  H H    . ARG A 1 7  ? -1.258 1.263  -0.144 1.00 0.00  ? 9  ARG A H    2  
ATOM   263  H HA   . ARG A 1 7  ? -3.921 -0.274 -0.068 1.00 0.00  ? 9  ARG A HA   2  
ATOM   264  H HB2  . ARG A 1 7  ? -2.095 0.512  -2.407 1.00 0.00  ? 9  ARG A HB2  2  
ATOM   265  H HB3  . ARG A 1 7  ? -3.081 -0.904 -2.553 1.00 0.00  ? 9  ARG A HB3  2  
ATOM   266  H HG2  . ARG A 1 7  ? -4.496 1.670  -1.674 1.00 0.00  ? 9  ARG A HG2  2  
ATOM   267  H HG3  . ARG A 1 7  ? -3.973 1.519  -3.335 1.00 0.00  ? 9  ARG A HG3  2  
ATOM   268  H HD2  . ARG A 1 7  ? -6.294 0.823  -3.184 1.00 0.00  ? 9  ARG A HD2  2  
ATOM   269  H HD3  . ARG A 1 7  ? -5.335 -0.542 -3.685 1.00 0.00  ? 9  ARG A HD3  2  
ATOM   270  H HH11 . ARG A 1 7  ? -5.112 -2.379 -3.102 1.00 0.00  ? 9  ARG A HH11 2  
ATOM   271  H HH12 . ARG A 1 7  ? -5.607 -3.788 -2.030 1.00 0.00  ? 9  ARG A HH12 2  
ATOM   272  H HH21 . ARG A 1 7  ? -7.099 -1.637 0.153  1.00 0.00  ? 9  ARG A HH21 2  
ATOM   273  H HH22 . ARG A 1 7  ? -6.708 -3.395 -0.258 1.00 0.00  ? 9  ARG A HH22 2  
ATOM   274  N N    . TRP A 1 8  ? -2.835 -2.579 0.001  1.00 0.00  ? 10 TRP A N    2  
ATOM   275  C CA   . TRP A 1 8  ? -2.221 -3.907 0.222  1.00 0.00  ? 10 TRP A CA   2  
ATOM   276  C C    . TRP A 1 8  ? -1.769 -4.548 -1.130 1.00 0.00  ? 10 TRP A C    2  
ATOM   277  O O    . TRP A 1 8  ? -2.497 -4.576 -2.129 1.00 0.00  ? 10 TRP A O    2  
ATOM   278  C CB   . TRP A 1 8  ? -3.231 -4.756 1.035  1.00 0.00  ? 10 TRP A CB   2  
ATOM   279  C CG   . TRP A 1 8  ? -2.723 -6.158 1.388  1.00 0.00  ? 10 TRP A CG   2  
ATOM   280  C CD1  . TRP A 1 8  ? -3.000 -7.308 0.629  1.00 0.00  ? 10 TRP A CD1  2  
ATOM   281  C CD2  . TRP A 1 8  ? -1.756 -6.530 2.302  1.00 0.00  ? 10 TRP A CD2  2  
ATOM   282  N NE1  . TRP A 1 8  ? -2.219 -8.406 1.041  1.00 0.00  ? 10 TRP A NE1  2  
ATOM   283  C CE2  . TRP A 1 8  ? -1.445 -7.894 2.070  1.00 0.00  ? 10 TRP A CE2  2  
ATOM   284  C CE3  . TRP A 1 8  ? -1.038 -5.780 3.267  1.00 0.00  ? 10 TRP A CE3  2  
ATOM   285  C CZ2  . TRP A 1 8  ? -0.397 -8.511 2.791  1.00 0.00  ? 10 TRP A CZ2  2  
ATOM   286  C CZ3  . TRP A 1 8  ? -0.016 -6.416 3.975  1.00 0.00  ? 10 TRP A CZ3  2  
ATOM   287  C CH2  . TRP A 1 8  ? 0.300  -7.759 3.740  1.00 0.00  ? 10 TRP A CH2  2  
ATOM   288  H H    . TRP A 1 8  ? -3.785 -2.509 -0.372 1.00 0.00  ? 10 TRP A H    2  
ATOM   289  H HA   . TRP A 1 8  ? -1.335 -3.769 0.878  1.00 0.00  ? 10 TRP A HA   2  
ATOM   290  H HB2  . TRP A 1 8  ? -3.488 -4.237 1.973  1.00 0.00  ? 10 TRP A HB2  2  
ATOM   291  H HB3  . TRP A 1 8  ? -4.182 -4.844 0.481  1.00 0.00  ? 10 TRP A HB3  2  
ATOM   292  H HD1  . TRP A 1 8  ? -3.643 -7.284 -0.240 1.00 0.00  ? 10 TRP A HD1  2  
ATOM   293  H HE1  . TRP A 1 8  ? -2.149 -9.336 0.614  1.00 0.00  ? 10 TRP A HE1  2  
ATOM   294  H HE3  . TRP A 1 8  ? -1.270 -4.739 3.446  1.00 0.00  ? 10 TRP A HE3  2  
ATOM   295  H HZ2  . TRP A 1 8  ? -0.134 -9.540 2.596  1.00 0.00  ? 10 TRP A HZ2  2  
ATOM   296  H HZ3  . TRP A 1 8  ? 0.542  -5.858 4.714  1.00 0.00  ? 10 TRP A HZ3  2  
ATOM   297  H HH2  . TRP A 1 8  ? 1.103  -8.221 4.298  1.00 0.00  ? 10 TRP A HH2  2  
ATOM   298  N N    . LYS A 1 9  ? -0.551 -5.094 -1.112 1.00 74.43 ? 11 LYS A N    2  
ATOM   299  C CA   . LYS A 1 9  ? 0.080  -5.743 -2.281 1.00 4.20  ? 11 LYS A CA   2  
ATOM   300  C C    . LYS A 1 9  ? -0.295 -7.258 -2.328 1.00 11.04 ? 11 LYS A C    2  
ATOM   301  O O    . LYS A 1 9  ? 0.413  -8.148 -1.862 1.00 35.41 ? 11 LYS A O    2  
ATOM   302  C CB   . LYS A 1 9  ? 1.593  -5.452 -2.101 1.00 41.10 ? 11 LYS A CB   2  
ATOM   303  C CG   . LYS A 1 9  ? 2.495  -5.797 -3.298 1.00 44.10 ? 11 LYS A CG   2  
ATOM   304  C CD   . LYS A 1 9  ? 2.452  -4.817 -4.496 1.00 33.11 ? 11 LYS A CD   2  
ATOM   305  C CE   . LYS A 1 9  ? 3.233  -3.494 -4.322 1.00 70.12 ? 11 LYS A CE   2  
ATOM   306  N NZ   . LYS A 1 9  ? 2.462  -2.440 -3.625 1.00 43.51 ? 11 LYS A NZ   2  
ATOM   307  H H    . LYS A 1 9  ? -0.162 -5.220 -0.178 1.00 20.44 ? 11 LYS A H    2  
ATOM   308  H HA   . LYS A 1 9  ? -0.258 -5.257 -3.221 1.00 50.52 ? 11 LYS A HA   2  
ATOM   309  H HB2  . LYS A 1 9  ? 1.773  -4.392 -1.833 1.00 0.00  ? 11 LYS A HB2  2  
ATOM   310  H HB3  . LYS A 1 9  ? 1.965  -6.015 -1.222 1.00 63.23 ? 11 LYS A HB3  2  
ATOM   311  H HG2  . LYS A 1 9  ? 3.530  -5.874 -2.920 1.00 0.00  ? 11 LYS A HG2  2  
ATOM   312  H HG3  . LYS A 1 9  ? 2.250  -6.821 -3.639 1.00 60.25 ? 11 LYS A HG3  2  
ATOM   313  H HD2  . LYS A 1 9  ? 2.907  -5.344 -5.356 1.00 0.00  ? 11 LYS A HD2  2  
ATOM   314  H HD3  . LYS A 1 9  ? 1.413  -4.624 -4.822 1.00 13.13 ? 11 LYS A HD3  2  
ATOM   315  H HE2  . LYS A 1 9  ? 4.194  -3.681 -3.799 1.00 0.00  ? 11 LYS A HE2  2  
ATOM   316  H HE3  . LYS A 1 9  ? 3.523  -3.117 -5.323 1.00 35.55 ? 11 LYS A HE3  2  
ATOM   317  H HZ1  . LYS A 1 9  ? 1.510  -2.573 -3.274 1.00 44.51 ? 11 LYS A HZ1  2  
HETATM 318  N N    . NH2 A 1 10 ? -1.453 -7.613 -2.841 1.00 24.35 ? 12 NH2 A N    2  
HETATM 319  H HN1  . NH2 A 1 10 ? -1.681 -8.572 -2.579 1.00 71.12 ? 12 NH2 A HN1  2  
HETATM 320  H HN2  . NH2 A 1 10 ? -2.107 -6.842 -3.018 1.00 14.20 ? 12 NH2 A HN2  2  
HETATM 321  C C    . ACE A 1 1  ? 2.526  -4.875 0.283  1.00 1.42  ? 3  ACE A C    3  
HETATM 322  O O    . ACE A 1 1  ? 1.364  -4.899 -0.115 1.00 25.23 ? 3  ACE A O    3  
HETATM 323  C CH3  . ACE A 1 1  ? 3.469  -6.023 -0.024 1.00 11.32 ? 3  ACE A CH3  3  
HETATM 324  H H1   . ACE A 1 1  ? 2.968  -6.769 -0.667 1.00 11.05 ? 3  ACE A H1   3  
HETATM 325  H H2   . ACE A 1 1  ? 4.370  -5.675 -0.560 1.00 31.00 ? 3  ACE A H2   3  
HETATM 326  H H3   . ACE A 1 1  ? 3.785  -6.540 0.900  1.00 0.00  ? 3  ACE A H3   3  
HETATM 327  N N    . NLE A 1 2  ? 3.041  -3.877 1.000  1.00 24.32 ? 4  NLE A N    3  
HETATM 328  C CA   . NLE A 1 2  ? 2.255  -2.673 1.390  1.00 22.54 ? 4  NLE A CA   3  
HETATM 329  C C    . NLE A 1 2  ? 2.931  -1.379 0.848  1.00 51.12 ? 4  NLE A C    3  
HETATM 330  O O    . NLE A 1 2  ? 4.060  -1.034 1.213  1.00 4.44  ? 4  NLE A O    3  
HETATM 331  C CB   . NLE A 1 2  ? 2.097  -2.668 2.924  1.00 51.41 ? 4  NLE A CB   3  
HETATM 332  C CG   . NLE A 1 2  ? 1.014  -1.716 3.471  1.00 53.53 ? 4  NLE A CG   3  
HETATM 333  C CD   . NLE A 1 2  ? 0.811  -1.811 4.994  1.00 13.25 ? 4  NLE A CD   3  
HETATM 334  C CE   . NLE A 1 2  ? 1.940  -1.158 5.810  1.00 21.12 ? 4  NLE A CE   3  
HETATM 335  H H    . NLE A 1 2  ? 4.016  -4.009 1.285  1.00 73.41 ? 4  NLE A H    3  
HETATM 336  H HA   . NLE A 1 2  ? 1.229  -2.753 0.977  1.00 13.34 ? 4  NLE A HA   3  
HETATM 337  H HB2  . NLE A 1 2  ? 3.073  -2.431 3.378  1.00 12.25 ? 4  NLE A HB2  3  
HETATM 338  H HB3  . NLE A 1 2  ? 1.845  -3.686 3.252  1.00 64.43 ? 4  NLE A HB3  3  
HETATM 339  H HG2  . NLE A 1 2  ? 0.046  -1.916 2.971  1.00 24.40 ? 4  NLE A HG2  3  
HETATM 340  H HG3  . NLE A 1 2  ? 1.262  -0.680 3.197  1.00 61.35 ? 4  NLE A HG3  3  
HETATM 341  H HD2  . NLE A 1 2  ? 0.683  -2.868 5.297  1.00 34.12 ? 4  NLE A HD2  3  
HETATM 342  H HD3  . NLE A 1 2  ? -0.141 -1.315 5.256  1.00 2.42  ? 4  NLE A HD3  3  
HETATM 343  H HE1  . NLE A 1 2  ? 2.913  -1.654 5.640  1.00 35.54 ? 4  NLE A HE1  3  
HETATM 344  H HE2  . NLE A 1 2  ? 2.064  -0.088 5.554  1.00 13.20 ? 4  NLE A HE2  3  
HETATM 345  H HE3  . NLE A 1 2  ? 1.734  -1.213 6.895  1.00 14.24 ? 4  NLE A HE3  3  
ATOM   346  N N    . ASP A 1 3  ? 2.213  -0.672 -0.027 1.00 42.23 ? 5  ASP A N    3  
ATOM   347  C CA   . ASP A 1 3  ? 2.779  0.456  -0.823 1.00 14.33 ? 5  ASP A CA   3  
ATOM   348  C C    . ASP A 1 3  ? 2.112  1.836  -0.467 1.00 70.04 ? 5  ASP A C    3  
ATOM   349  O O    . ASP A 1 3  ? 0.874  1.901  -0.477 1.00 71.01 ? 5  ASP A O    3  
ATOM   350  C CB   . ASP A 1 3  ? 2.574  0.179  -2.332 1.00 73.01 ? 5  ASP A CB   3  
ATOM   351  C CG   . ASP A 1 3  ? 3.292  -1.038 -2.932 1.00 3.02  ? 5  ASP A CG   3  
ATOM   352  O OD1  . ASP A 1 3  ? 4.469  -1.278 -2.661 1.00 41.31 ? 5  ASP A OD1  3  
ATOM   353  H H    . ASP A 1 3  ? 1.282  -1.077 -0.182 1.00 62.10 ? 5  ASP A H    3  
ATOM   354  H HA   . ASP A 1 3  ? 3.873  0.516  -0.669 1.00 60.50 ? 5  ASP A HA   3  
ATOM   355  H HB2  . ASP A 1 3  ? 1.490  0.144  -2.537 1.00 0.00  ? 5  ASP A HB2  3  
ATOM   356  H HB3  . ASP A 1 3  ? 2.931  1.057  -2.895 1.00 72.20 ? 5  ASP A HB3  3  
ATOM   357  N N    . PRO A 1 4  ? 2.847  2.965  -0.216 1.00 64.04 ? 6  PRO A N    3  
ATOM   358  C CA   . PRO A 1 4  ? 2.234  4.308  -0.006 1.00 44.43 ? 6  PRO A CA   3  
ATOM   359  C C    . PRO A 1 4  ? 1.251  4.847  -1.114 1.00 31.44 ? 6  PRO A C    3  
ATOM   360  O O    . PRO A 1 4  ? 1.557  4.659  -2.299 1.00 1.02  ? 6  PRO A O    3  
ATOM   361  C CB   . PRO A 1 4  ? 3.470  5.220  0.132  1.00 53.11 ? 6  PRO A CB   3  
ATOM   362  C CG   . PRO A 1 4  ? 4.583  4.320  0.660  1.00 4.15  ? 6  PRO A CG   3  
ATOM   363  C CD   . PRO A 1 4  ? 4.305  2.958  0.020  1.00 41.55 ? 6  PRO A CD   3  
ATOM   364  H HA   . PRO A 1 4  ? 1.716  4.252  0.968  1.00 15.04 ? 6  PRO A HA   3  
ATOM   365  H HB2  . PRO A 1 4  ? 3.774  5.632  -0.852 1.00 0.00  ? 6  PRO A HB2  3  
ATOM   366  H HB3  . PRO A 1 4  ? 3.280  6.087  0.793  1.00 62.32 ? 6  PRO A HB3  3  
ATOM   367  H HG2  . PRO A 1 4  ? 5.592  4.702  0.417  1.00 0.00  ? 6  PRO A HG2  3  
ATOM   368  H HG3  . PRO A 1 4  ? 4.523  4.251  1.761  1.00 31.02 ? 6  PRO A HG3  3  
ATOM   369  H HD2  . PRO A 1 4  ? 4.849  2.844  -0.937 1.00 0.00  ? 6  PRO A HD2  3  
ATOM   370  H HD3  . PRO A 1 4  ? 4.624  2.141  0.698  1.00 72.34 ? 6  PRO A HD3  3  
ATOM   371  N N    . PRO A 1 5  ? 0.089  5.502  -0.811 1.00 22.14 ? 7  PRO A N    3  
ATOM   372  C CA   . PRO A 1 5  ? -0.331 5.902  0.571  1.00 10.30 ? 7  PRO A CA   3  
ATOM   373  C C    . PRO A 1 5  ? -1.033 4.843  1.499  1.00 31.43 ? 7  PRO A C    3  
ATOM   374  O O    . PRO A 1 5  ? -1.637 5.224  2.505  1.00 11.54 ? 7  PRO A O    3  
ATOM   375  C CB   . PRO A 1 5  ? -1.245 7.101  0.232  1.00 73.35 ? 7  PRO A CB   3  
ATOM   376  C CG   . PRO A 1 5  ? -1.906 6.741  -1.100 1.00 73.14 ? 7  PRO A CG   3  
ATOM   377  C CD   . PRO A 1 5  ? -0.792 6.036  -1.871 1.00 50.35 ? 7  PRO A CD   3  
ATOM   378  H HA   . PRO A 1 5  ? 0.534  6.292  1.144  1.00 70.33 ? 7  PRO A HA   3  
ATOM   379  H HB2  . PRO A 1 5  ? -1.988 7.331  1.022  1.00 0.00  ? 7  PRO A HB2  3  
ATOM   380  H HB3  . PRO A 1 5  ? -0.637 8.019  0.114  1.00 33.33 ? 7  PRO A HB3  3  
ATOM   381  H HG2  . PRO A 1 5  ? -2.754 6.049  -0.933 1.00 0.00  ? 7  PRO A HG2  3  
ATOM   382  H HG3  . PRO A 1 5  ? -2.305 7.623  -1.636 1.00 23.41 ? 7  PRO A HG3  3  
ATOM   383  H HD2  . PRO A 1 5  ? -1.184 5.235  -2.528 1.00 0.00  ? 7  PRO A HD2  3  
ATOM   384  H HD3  . PRO A 1 5  ? -0.238 6.749  -2.513 1.00 41.43 ? 7  PRO A HD3  3  
HETATM 385  N N    . 4J2 A 1 6  ? -0.914 3.535  1.213  1.00 55.11 ? 8  4J2 A N    3  
HETATM 386  C CA   . 4J2 A 1 6  ? -1.432 2.437  2.075  1.00 24.43 ? 8  4J2 A CA   3  
HETATM 387  C CB   . 4J2 A 1 6  ? -0.264 1.606  2.684  1.00 10.34 ? 8  4J2 A CB   3  
HETATM 388  C CG   . 4J2 A 1 6  ? 0.903  2.309  3.393  1.00 12.23 ? 8  4J2 A CG   3  
HETATM 389  C CD1  . 4J2 A 1 6  ? 2.210  1.939  3.092  1.00 0.11  ? 8  4J2 A CD1  3  
HETATM 390  C CD2  . 4J2 A 1 6  ? 0.667  3.329  4.306  1.00 72.21 ? 8  4J2 A CD2  3  
HETATM 391  C CE1  . 4J2 A 1 6  ? 3.293  2.591  3.665  1.00 51.02 ? 8  4J2 A CE1  3  
HETATM 392  C CZ1  . 4J2 A 1 6  ? 3.077  3.655  4.540  1.00 50.12 ? 8  4J2 A CZ1  3  
HETATM 393  C CZ2  . 4J2 A 1 6  ? 4.144  4.377  5.070  1.00 30.24 ? 8  4J2 A CZ2  3  
HETATM 394  C CZ3  . 4J2 A 1 6  ? 3.904  5.442  5.935  1.00 44.51 ? 8  4J2 A CZ3  3  
HETATM 395  C CE2  . 4J2 A 1 6  ? 1.729  4.029  4.880  1.00 75.11 ? 8  4J2 A CE2  3  
HETATM 396  C CE3  . 4J2 A 1 6  ? 1.518  5.099  5.748  1.00 3.32  ? 8  4J2 A CE3  3  
HETATM 397  C CE4  . 4J2 A 1 6  ? 2.602  5.799  6.273  1.00 51.13 ? 8  4J2 A CE4  3  
HETATM 398  C C    . 4J2 A 1 6  ? -2.412 1.485  1.320  1.00 22.34 ? 8  4J2 A C    3  
HETATM 399  H HE1  . 4J2 A 1 6  ? 4.292  2.280  3.394  1.00 0.00  ? 8  4J2 A HE1  3  
HETATM 400  O O    . 4J2 A 1 6  ? -3.466 1.136  1.852  1.00 52.33 ? 8  4J2 A O    3  
HETATM 401  H HE3  . 4J2 A 1 6  ? 0.516  5.405  6.017  1.00 0.00  ? 8  4J2 A HE3  3  
HETATM 402  H HE4  . 4J2 A 1 6  ? 2.429  6.630  6.942  1.00 0.00  ? 8  4J2 A HE4  3  
HETATM 403  H H    . 4J2 A 1 6  ? -0.260 3.316  0.452  1.00 71.33 ? 8  4J2 A H    3  
HETATM 404  H HA   . 4J2 A 1 6  ? -1.985 2.850  2.936  1.00 41.44 ? 8  4J2 A HA   3  
HETATM 405  H HB2  . 4J2 A 1 6  ? -0.702 0.900  3.405  1.00 40.54 ? 8  4J2 A HB2  3  
HETATM 406  H HB1  . 4J2 A 1 6  ? 0.147  0.962  1.891  1.00 60.00 ? 8  4J2 A HB1  3  
HETATM 407  H HD1  . 4J2 A 1 6  ? 2.376  1.154  2.375  1.00 0.00  ? 8  4J2 A HD1  3  
HETATM 408  H HD2  . 4J2 A 1 6  ? -0.366 3.571  4.493  1.00 0.00  ? 8  4J2 A HD2  3  
HETATM 409  H HZ2  . 4J2 A 1 6  ? 5.161  4.128  4.798  1.00 0.00  ? 8  4J2 A HZ2  3  
HETATM 410  H HZ23 . 4J2 A 1 6  ? 4.737  6.001  6.341  1.00 0.00  ? 8  4J2 A HZ23 3  
ATOM   411  N N    . ARG A 1 7  ? -2.014 0.997  0.127  1.00 0.00  ? 9  ARG A N    3  
ATOM   412  C CA   . ARG A 1 7  ? -2.626 -0.195 -0.511 1.00 0.00  ? 9  ARG A CA   3  
ATOM   413  C C    . ARG A 1 7  ? -1.906 -1.520 -0.099 1.00 0.00  ? 9  ARG A C    3  
ATOM   414  O O    . ARG A 1 7  ? -0.685 -1.552 0.095  1.00 0.00  ? 9  ARG A O    3  
ATOM   415  C CB   . ARG A 1 7  ? -2.648 0.002  -2.051 1.00 0.00  ? 9  ARG A CB   3  
ATOM   416  C CG   . ARG A 1 7  ? -1.286 0.037  -2.794 1.00 0.00  ? 9  ARG A CG   3  
ATOM   417  C CD   . ARG A 1 7  ? -1.424 0.026  -4.323 1.00 0.00  ? 9  ARG A CD   3  
ATOM   418  N NE   . ARG A 1 7  ? -0.069 -0.039 -4.933 1.00 0.00  ? 9  ARG A NE   3  
ATOM   419  C CZ   . ARG A 1 7  ? 0.186  -0.039 -6.240 1.00 0.00  ? 9  ARG A CZ   3  
ATOM   420  N NH1  . ARG A 1 7  ? -0.732 0.007  -7.170 1.00 0.00  ? 9  ARG A NH1  3  
ATOM   421  N NH2  . ARG A 1 7  ? 1.426  -0.088 -6.610 1.00 0.00  ? 9  ARG A NH2  3  
ATOM   422  H H    . ARG A 1 7  ? -1.098 1.357  -0.168 1.00 0.00  ? 9  ARG A H    3  
ATOM   423  H HA   . ARG A 1 7  ? -3.687 -0.263 -0.190 1.00 0.00  ? 9  ARG A HA   3  
ATOM   424  H HB2  . ARG A 1 7  ? -3.254 -0.818 -2.472 1.00 0.00  ? 9  ARG A HB2  3  
ATOM   425  H HB3  . ARG A 1 7  ? -3.222 0.918  -2.279 1.00 0.00  ? 9  ARG A HB3  3  
ATOM   426  H HG2  . ARG A 1 7  ? -0.711 0.930  -2.480 1.00 0.00  ? 9  ARG A HG2  3  
ATOM   427  H HG3  . ARG A 1 7  ? -0.674 -0.832 -2.489 1.00 0.00  ? 9  ARG A HG3  3  
ATOM   428  H HD2  . ARG A 1 7  ? -2.027 -0.845 -4.648 1.00 0.00  ? 9  ARG A HD2  3  
ATOM   429  H HD3  . ARG A 1 7  ? -1.960 0.935  -4.663 1.00 0.00  ? 9  ARG A HD3  3  
ATOM   430  H HH11 . ARG A 1 7  ? -1.686 0.047  -6.808 1.00 0.00  ? 9  ARG A HH11 3  
ATOM   431  H HH12 . ARG A 1 7  ? -0.415 0.005  -8.141 1.00 0.00  ? 9  ARG A HH12 3  
ATOM   432  H HH21 . ARG A 1 7  ? 2.080  -0.109 -5.825 1.00 0.00  ? 9  ARG A HH21 3  
ATOM   433  H HH22 . ARG A 1 7  ? 1.622  -0.076 -7.612 1.00 0.00  ? 9  ARG A HH22 3  
ATOM   434  N N    . TRP A 1 8  ? -2.668 -2.623 -0.034 1.00 0.00  ? 10 TRP A N    3  
ATOM   435  C CA   . TRP A 1 8  ? -2.104 -3.980 0.161  1.00 0.00  ? 10 TRP A CA   3  
ATOM   436  C C    . TRP A 1 8  ? -2.173 -4.787 -1.175 1.00 0.00  ? 10 TRP A C    3  
ATOM   437  O O    . TRP A 1 8  ? -3.235 -4.998 -1.767 1.00 0.00  ? 10 TRP A O    3  
ATOM   438  C CB   . TRP A 1 8  ? -2.869 -4.646 1.328  1.00 0.00  ? 10 TRP A CB   3  
ATOM   439  C CG   . TRP A 1 8  ? -2.441 -6.082 1.643  1.00 0.00  ? 10 TRP A CG   3  
ATOM   440  C CD1  . TRP A 1 8  ? -3.123 -7.227 1.198  1.00 0.00  ? 10 TRP A CD1  3  
ATOM   441  C CD2  . TRP A 1 8  ? -1.287 -6.539 2.248  1.00 0.00  ? 10 TRP A CD2  3  
ATOM   442  N NE1  . TRP A 1 8  ? -2.422 -8.410 1.515  1.00 0.00  ? 10 TRP A NE1  3  
ATOM   443  C CE2  . TRP A 1 8  ? -1.282 -7.953 2.161  1.00 0.00  ? 10 TRP A CE2  3  
ATOM   444  C CE3  . TRP A 1 8  ? -0.197 -5.847 2.826  1.00 0.00  ? 10 TRP A CE3  3  
ATOM   445  C CZ2  . TRP A 1 8  ? -0.175 -8.686 2.652  1.00 0.00  ? 10 TRP A CZ2  3  
ATOM   446  C CZ3  . TRP A 1 8  ? 0.880  -6.591 3.310  1.00 0.00  ? 10 TRP A CZ3  3  
ATOM   447  C CH2  . TRP A 1 8  ? 0.892  -7.989 3.224  1.00 0.00  ? 10 TRP A CH2  3  
ATOM   448  H H    . TRP A 1 8  ? -3.637 -2.508 -0.344 1.00 0.00  ? 10 TRP A H    3  
ATOM   449  H HA   . TRP A 1 8  ? -1.049 -3.909 0.500  1.00 0.00  ? 10 TRP A HA   3  
ATOM   450  H HB2  . TRP A 1 8  ? -2.743 -4.034 2.237  1.00 0.00  ? 10 TRP A HB2  3  
ATOM   451  H HB3  . TRP A 1 8  ? -3.951 -4.632 1.108  1.00 0.00  ? 10 TRP A HB3  3  
ATOM   452  H HD1  . TRP A 1 8  ? -4.033 -7.169 0.617  1.00 0.00  ? 10 TRP A HD1  3  
ATOM   453  H HE1  . TRP A 1 8  ? -2.687 -9.382 1.321  1.00 0.00  ? 10 TRP A HE1  3  
ATOM   454  H HE3  . TRP A 1 8  ? -0.200 -4.769 2.879  1.00 0.00  ? 10 TRP A HE3  3  
ATOM   455  H HZ2  . TRP A 1 8  ? -0.153 -9.764 2.579  1.00 0.00  ? 10 TRP A HZ2  3  
ATOM   456  H HZ3  . TRP A 1 8  ? 1.721  -6.077 3.754  1.00 0.00  ? 10 TRP A HZ3  3  
ATOM   457  H HH2  . TRP A 1 8  ? 1.744  -8.537 3.601  1.00 0.00  ? 10 TRP A HH2  3  
ATOM   458  N N    . LYS A 1 9  ? -1.004 -5.280 -1.581 1.00 74.43 ? 11 LYS A N    3  
ATOM   459  C CA   . LYS A 1 9  ? -0.818 -6.158 -2.760 1.00 4.20  ? 11 LYS A CA   3  
ATOM   460  C C    . LYS A 1 9  ? -0.103 -7.492 -2.362 1.00 11.04 ? 11 LYS A C    3  
ATOM   461  O O    . LYS A 1 9  ? 1.056  -7.764 -2.669 1.00 35.41 ? 11 LYS A O    3  
ATOM   462  C CB   . LYS A 1 9  ? -0.109 -5.328 -3.867 1.00 41.10 ? 11 LYS A CB   3  
ATOM   463  C CG   . LYS A 1 9  ? 1.248  -4.655 -3.538 1.00 44.10 ? 11 LYS A CG   3  
ATOM   464  C CD   . LYS A 1 9  ? 1.877  -3.939 -4.755 1.00 33.11 ? 11 LYS A CD   3  
ATOM   465  C CE   . LYS A 1 9  ? 3.059  -3.018 -4.392 1.00 70.12 ? 11 LYS A CE   3  
ATOM   466  N NZ   . LYS A 1 9  ? 2.557  -1.777 -3.763 1.00 43.51 ? 11 LYS A NZ   3  
ATOM   467  H H    . LYS A 1 9  ? -0.195 -4.951 -1.037 1.00 20.44 ? 11 LYS A H    3  
ATOM   468  H HA   . LYS A 1 9  ? -1.800 -6.456 -3.180 1.00 50.52 ? 11 LYS A HA   3  
ATOM   469  H HB2  . LYS A 1 9  ? 0.028  -5.991 -4.733 1.00 0.00  ? 11 LYS A HB2  3  
ATOM   470  H HB3  . LYS A 1 9  ? -0.813 -4.542 -4.204 1.00 63.23 ? 11 LYS A HB3  3  
ATOM   471  H HG2  . LYS A 1 9  ? 1.095  -3.926 -2.718 1.00 0.00  ? 11 LYS A HG2  3  
ATOM   472  H HG3  . LYS A 1 9  ? 1.960  -5.398 -3.132 1.00 60.25 ? 11 LYS A HG3  3  
ATOM   473  H HD2  . LYS A 1 9  ? 2.227  -4.706 -5.473 1.00 0.00  ? 11 LYS A HD2  3  
ATOM   474  H HD3  . LYS A 1 9  ? 1.110  -3.362 -5.309 1.00 13.13 ? 11 LYS A HD3  3  
ATOM   475  H HE2  . LYS A 1 9  ? 3.777  -3.552 -3.736 1.00 0.00  ? 11 LYS A HE2  3  
ATOM   476  H HE3  . LYS A 1 9  ? 3.626  -2.757 -5.306 1.00 35.55 ? 11 LYS A HE3  3  
ATOM   477  H HZ1  . LYS A 1 9  ? 1.603  -1.425 -3.918 1.00 44.51 ? 11 LYS A HZ1  3  
HETATM 478  N N    . NH2 A 1 10 ? -0.762 -8.404 -1.672 1.00 24.35 ? 12 NH2 A N    3  
HETATM 479  H HN1  . NH2 A 1 10 ? -1.628 -8.088 -1.222 1.00 71.12 ? 12 NH2 A HN1  3  
HETATM 480  H HN2  . NH2 A 1 10 ? -0.169 -9.190 -1.392 1.00 14.20 ? 12 NH2 A HN2  3  
HETATM 481  C C    . ACE A 1 1  ? 2.372  -4.899 0.275  1.00 1.42  ? 3  ACE A C    4  
HETATM 482  O O    . ACE A 1 1  ? 1.156  -5.054 0.348  1.00 25.23 ? 3  ACE A O    4  
HETATM 483  C CH3  . ACE A 1 1  ? 3.268  -6.010 -0.239 1.00 11.32 ? 3  ACE A CH3  4  
HETATM 484  H H1   . ACE A 1 1  ? 3.849  -5.689 -1.123 1.00 11.05 ? 3  ACE A H1   4  
HETATM 485  H H2   . ACE A 1 1  ? 3.974  -6.352 0.540  1.00 31.00 ? 3  ACE A H2   4  
HETATM 486  H H3   . ACE A 1 1  ? 2.664  -6.884 -0.543 1.00 0.00  ? 3  ACE A H3   4  
HETATM 487  N N    . NLE A 1 2  ? 2.999  -3.779 0.633  1.00 24.32 ? 4  NLE A N    4  
HETATM 488  C CA   . NLE A 1 2  ? 2.289  -2.603 1.208  1.00 22.54 ? 4  NLE A CA   4  
HETATM 489  C C    . NLE A 1 2  ? 2.917  -1.292 0.648  1.00 51.12 ? 4  NLE A C    4  
HETATM 490  O O    . NLE A 1 2  ? 4.057  -0.931 0.959  1.00 4.44  ? 4  NLE A O    4  
HETATM 491  C CB   . NLE A 1 2  ? 2.342  -2.703 2.748  1.00 51.41 ? 4  NLE A CB   4  
HETATM 492  C CG   . NLE A 1 2  ? 1.515  -1.662 3.526  1.00 53.53 ? 4  NLE A CG   4  
HETATM 493  C CD   . NLE A 1 2  ? 1.640  -1.815 5.052  1.00 13.25 ? 4  NLE A CD   4  
HETATM 494  C CE   . NLE A 1 2  ? 1.037  -0.623 5.808  1.00 21.12 ? 4  NLE A CE   4  
HETATM 495  H H    . NLE A 1 2  ? 4.018  -3.812 0.520  1.00 73.41 ? 4  NLE A H    4  
HETATM 496  H HA   . NLE A 1 2  ? 1.216  -2.644 0.931  1.00 13.34 ? 4  NLE A HA   4  
HETATM 497  H HB2  . NLE A 1 2  ? 3.399  -2.640 3.058  1.00 12.25 ? 4  NLE A HB2  4  
HETATM 498  H HB3  . NLE A 1 2  ? 1.989  -3.706 3.032  1.00 64.43 ? 4  NLE A HB3  4  
HETATM 499  H HG2  . NLE A 1 2  ? 0.450  -1.708 3.226  1.00 24.40 ? 4  NLE A HG2  4  
HETATM 500  H HG3  . NLE A 1 2  ? 1.864  -0.658 3.238  1.00 61.35 ? 4  NLE A HG3  4  
HETATM 501  H HD2  . NLE A 1 2  ? 2.706  -1.909 5.338  1.00 34.12 ? 4  NLE A HD2  4  
HETATM 502  H HD3  . NLE A 1 2  ? 1.155  -2.754 5.379  1.00 2.42  ? 4  NLE A HD3  4  
HETATM 503  H HE1  . NLE A 1 2  ? 1.567  0.320  5.571  1.00 35.54 ? 4  NLE A HE1  4  
HETATM 504  H HE2  . NLE A 1 2  ? -0.032 -0.473 5.563  1.00 13.20 ? 4  NLE A HE2  4  
HETATM 505  H HE3  . NLE A 1 2  ? 1.108  -0.761 6.901  1.00 14.24 ? 4  NLE A HE3  4  
ATOM   506  N N    . ASP A 1 3  ? 2.150  -0.595 -0.195 1.00 42.23 ? 5  ASP A N    4  
ATOM   507  C CA   . ASP A 1 3  ? 2.665  0.534  -1.026 1.00 14.33 ? 5  ASP A CA   4  
ATOM   508  C C    . ASP A 1 3  ? 2.048  1.922  -0.615 1.00 70.04 ? 5  ASP A C    4  
ATOM   509  O O    . ASP A 1 3  ? 0.815  2.014  -0.573 1.00 71.01 ? 5  ASP A O    4  
ATOM   510  C CB   . ASP A 1 3  ? 2.350  0.250  -2.515 1.00 73.01 ? 5  ASP A CB   4  
ATOM   511  C CG   . ASP A 1 3  ? 3.113  -0.918 -3.158 1.00 3.02  ? 5  ASP A CG   4  
ATOM   512  O OD1  . ASP A 1 3  ? 4.326  -0.836 -3.344 1.00 41.31 ? 5  ASP A OD1  4  
ATOM   513  H H    . ASP A 1 3  ? 1.248  -1.067 -0.348 1.00 62.10 ? 5  ASP A H    4  
ATOM   514  H HA   . ASP A 1 3  ? 3.767  0.583  -0.942 1.00 60.50 ? 5  ASP A HA   4  
ATOM   515  H HB2  . ASP A 1 3  ? 1.257  0.150  -2.652 1.00 0.00  ? 5  ASP A HB2  4  
ATOM   516  H HB3  . ASP A 1 3  ? 2.620  1.143  -3.098 1.00 72.20 ? 5  ASP A HB3  4  
ATOM   517  N N    . PRO A 1 4  ? 2.810  3.027  -0.335 1.00 64.04 ? 6  PRO A N    4  
ATOM   518  C CA   . PRO A 1 4  ? 2.233  4.310  0.164  1.00 44.43 ? 6  PRO A CA   4  
ATOM   519  C C    . PRO A 1 4  ? 1.322  5.103  -0.845 1.00 31.44 ? 6  PRO A C    4  
ATOM   520  O O    . PRO A 1 4  ? 1.679  5.172  -2.028 1.00 1.02  ? 6  PRO A O    4  
ATOM   521  C CB   . PRO A 1 4  ? 3.482  5.096  0.614  1.00 53.11 ? 6  PRO A CB   4  
ATOM   522  C CG   . PRO A 1 4  ? 4.643  4.501  -0.183 1.00 4.15  ? 6  PRO A CG   4  
ATOM   523  C CD   . PRO A 1 4  ? 4.286  3.022  -0.316 1.00 41.55 ? 6  PRO A CD   4  
ATOM   524  H HA   . PRO A 1 4  ? 1.650  4.072  1.070  1.00 15.04 ? 6  PRO A HA   4  
ATOM   525  H HB2  . PRO A 1 4  ? 3.392  6.190  0.470  1.00 0.00  ? 6  PRO A HB2  4  
ATOM   526  H HB3  . PRO A 1 4  ? 3.652  4.943  1.698  1.00 62.32 ? 6  PRO A HB3  4  
ATOM   527  H HG2  . PRO A 1 4  ? 4.694  4.970  -1.185 1.00 0.00  ? 6  PRO A HG2  4  
ATOM   528  H HG3  . PRO A 1 4  ? 5.623  4.662  0.302  1.00 31.02 ? 6  PRO A HG3  4  
ATOM   529  H HD2  . PRO A 1 4  ? 4.728  2.591  -1.233 1.00 0.00  ? 6  PRO A HD2  4  
ATOM   530  H HD3  . PRO A 1 4  ? 4.653  2.440  0.554  1.00 72.34 ? 6  PRO A HD3  4  
ATOM   531  N N    . PRO A 1 5  ? 0.150  5.698  -0.454 1.00 22.14 ? 7  PRO A N    4  
ATOM   532  C CA   . PRO A 1 5  ? -0.272 5.887  0.973  1.00 10.30 ? 7  PRO A CA   4  
ATOM   533  C C    . PRO A 1 5  ? -1.046 4.736  1.715  1.00 31.43 ? 7  PRO A C    4  
ATOM   534  O O    . PRO A 1 5  ? -1.663 4.993  2.753  1.00 11.54 ? 7  PRO A O    4  
ATOM   535  C CB   . PRO A 1 5  ? -1.109 7.179  0.834  1.00 73.35 ? 7  PRO A CB   4  
ATOM   536  C CG   . PRO A 1 5  ? -1.774 7.079  -0.540 1.00 73.14 ? 7  PRO A CG   4  
ATOM   537  C CD   . PRO A 1 5  ? -0.697 6.437  -1.412 1.00 50.35 ? 7  PRO A CD   4  
ATOM   538  H HA   . PRO A 1 5  ? 0.601  6.125  1.610  1.00 70.33 ? 7  PRO A HA   4  
ATOM   539  H HB2  . PRO A 1 5  ? -1.844 7.324  1.649  1.00 0.00  ? 7  PRO A HB2  4  
ATOM   540  H HB3  . PRO A 1 5  ? -0.444 8.065  0.866  1.00 33.33 ? 7  PRO A HB3  4  
ATOM   541  H HG2  . PRO A 1 5  ? -2.666 6.424  -0.487 1.00 0.00  ? 7  PRO A HG2  4  
ATOM   542  H HG3  . PRO A 1 5  ? -2.111 8.059  -0.928 1.00 23.41 ? 7  PRO A HG3  4  
ATOM   543  H HD2  . PRO A 1 5  ? -1.140 5.766  -2.172 1.00 0.00  ? 7  PRO A HD2  4  
ATOM   544  H HD3  . PRO A 1 5  ? -0.108 7.208  -1.947 1.00 41.43 ? 7  PRO A HD3  4  
HETATM 545  N N    . 4J2 A 1 6  ? -0.964 3.474  1.255  1.00 55.11 ? 8  4J2 A N    4  
HETATM 546  C CA   . 4J2 A 1 6  ? -1.455 2.280  2.003  1.00 24.43 ? 8  4J2 A CA   4  
HETATM 547  C CB   . 4J2 A 1 6  ? -0.287 1.450  2.617  1.00 10.34 ? 8  4J2 A CB   4  
HETATM 548  C CG   . 4J2 A 1 6  ? 0.862  2.168  3.339  1.00 12.23 ? 8  4J2 A CG   4  
HETATM 549  C CD1  . 4J2 A 1 6  ? 2.170  1.966  2.914  1.00 0.11  ? 8  4J2 A CD1  4  
HETATM 550  C CD2  . 4J2 A 1 6  ? 0.602  3.037  4.391  1.00 72.21 ? 8  4J2 A CD2  4  
HETATM 551  C CE1  . 4J2 A 1 6  ? 3.230  2.637  3.505  1.00 51.02 ? 8  4J2 A CE1  4  
HETATM 552  C CZ1  . 4J2 A 1 6  ? 2.987  3.542  4.534  1.00 50.12 ? 8  4J2 A CZ1  4  
HETATM 553  C CZ2  . 4J2 A 1 6  ? 4.027  4.268  5.109  1.00 30.24 ? 8  4J2 A CZ2  4  
HETATM 554  C CZ3  . 4J2 A 1 6  ? 3.764  5.177  6.129  1.00 44.51 ? 8  4J2 A CZ3  4  
HETATM 555  C CE2  . 4J2 A 1 6  ? 1.640  3.748  4.995  1.00 75.11 ? 8  4J2 A CE2  4  
HETATM 556  C CE3  . 4J2 A 1 6  ? 1.402  4.665  6.020  1.00 3.32  ? 8  4J2 A CE3  4  
HETATM 557  C CE4  . 4J2 A 1 6  ? 2.460  5.374  6.582  1.00 51.13 ? 8  4J2 A CE4  4  
HETATM 558  C C    . 4J2 A 1 6  ? -2.355 1.362  1.114  1.00 22.34 ? 8  4J2 A C    4  
HETATM 559  H HE1  . 4J2 A 1 6  ? 4.232  2.460  3.137  1.00 0.00  ? 8  4J2 A HE1  4  
HETATM 560  O O    . 4J2 A 1 6  ? -3.471 1.014  1.507  1.00 52.33 ? 8  4J2 A O    4  
HETATM 561  H HE3  . 4J2 A 1 6  ? 0.399  4.842  6.383  1.00 0.00  ? 8  4J2 A HE3  4  
HETATM 562  H HE4  . 4J2 A 1 6  ? 2.271  6.085  7.373  1.00 0.00  ? 8  4J2 A HE4  4  
HETATM 563  H H    . 4J2 A 1 6  ? -0.304 3.342  0.481  1.00 71.33 ? 8  4J2 A H    4  
HETATM 564  H HA   . 4J2 A 1 6  ? -2.074 2.599  2.858  1.00 41.44 ? 8  4J2 A HA   4  
HETATM 565  H HB2  . 4J2 A 1 6  ? -0.730 0.737  3.328  1.00 40.54 ? 8  4J2 A HB2  4  
HETATM 566  H HB1  . 4J2 A 1 6  ? 0.145  0.803  1.837  1.00 60.00 ? 8  4J2 A HB1  4  
HETATM 567  H HD1  . 4J2 A 1 6  ? 2.354  1.294  2.094  1.00 0.00  ? 8  4J2 A HD1  4  
HETATM 568  H HD2  . 4J2 A 1 6  ? -0.433 3.156  4.665  1.00 0.00  ? 8  4J2 A HD2  4  
HETATM 569  H HZ2  . 4J2 A 1 6  ? 5.038  4.128  4.749  1.00 0.00  ? 8  4J2 A HZ2  4  
HETATM 570  H HZ23 . 4J2 A 1 6  ? 4.576  5.737  6.570  1.00 0.00  ? 8  4J2 A HZ23 4  
ATOM   571  N N    . ARG A 1 7  ? -1.829 0.916  -0.042 1.00 0.00  ? 9  ARG A N    4  
ATOM   572  C CA   . ARG A 1 7  ? -2.443 -0.143 -0.879 1.00 0.00  ? 9  ARG A CA   4  
ATOM   573  C C    . ARG A 1 7  ? -1.813 -1.520 -0.498 1.00 0.00  ? 9  ARG A C    4  
ATOM   574  O O    . ARG A 1 7  ? -0.584 -1.671 -0.476 1.00 0.00  ? 9  ARG A O    4  
ATOM   575  C CB   . ARG A 1 7  ? -2.171 0.124  -2.383 1.00 0.00  ? 9  ARG A CB   4  
ATOM   576  C CG   . ARG A 1 7  ? -2.559 1.505  -2.963 1.00 0.00  ? 9  ARG A CG   4  
ATOM   577  C CD   . ARG A 1 7  ? -2.100 1.665  -4.431 1.00 0.00  ? 9  ARG A CD   4  
ATOM   578  N NE   . ARG A 1 7  ? -1.889 3.090  -4.803 1.00 0.00  ? 9  ARG A NE   4  
ATOM   579  C CZ   . ARG A 1 7  ? -0.808 3.814  -4.498 1.00 0.00  ? 9  ARG A CZ   4  
ATOM   580  N NH1  . ARG A 1 7  ? 0.195  3.370  -3.787 1.00 0.00  ? 9  ARG A NH1  4  
ATOM   581  N NH2  . ARG A 1 7  ? -0.764 5.035  -4.921 1.00 0.00  ? 9  ARG A NH2  4  
ATOM   582  H H    . ARG A 1 7  ? -0.887 1.292  -0.232 1.00 0.00  ? 9  ARG A H    4  
ATOM   583  H HA   . ARG A 1 7  ? -3.542 -0.158 -0.727 1.00 0.00  ? 9  ARG A HA   4  
ATOM   584  H HB2  . ARG A 1 7  ? -1.095 -0.048 -2.565 1.00 0.00  ? 9  ARG A HB2  4  
ATOM   585  H HB3  . ARG A 1 7  ? -2.682 -0.662 -2.965 1.00 0.00  ? 9  ARG A HB3  4  
ATOM   586  H HG2  . ARG A 1 7  ? -3.649 1.682  -2.886 1.00 0.00  ? 9  ARG A HG2  4  
ATOM   587  H HG3  . ARG A 1 7  ? -2.105 2.299  -2.340 1.00 0.00  ? 9  ARG A HG3  4  
ATOM   588  H HD2  . ARG A 1 7  ? -1.179 1.087  -4.645 1.00 0.00  ? 9  ARG A HD2  4  
ATOM   589  H HD3  . ARG A 1 7  ? -2.859 1.227  -5.107 1.00 0.00  ? 9  ARG A HD3  4  
ATOM   590  H HH11 . ARG A 1 7  ? 0.037  2.426  -3.429 1.00 0.00  ? 9  ARG A HH11 4  
ATOM   591  H HH12 . ARG A 1 7  ? 0.901  4.053  -3.489 1.00 0.00  ? 9  ARG A HH12 4  
ATOM   592  H HH21 . ARG A 1 7  ? -1.580 5.288  -5.480 1.00 0.00  ? 9  ARG A HH21 4  
ATOM   593  H HH22 . ARG A 1 7  ? 0.079  5.574  -4.710 1.00 0.00  ? 9  ARG A HH22 4  
ATOM   594  N N    . TRP A 1 8  ? -2.655 -2.527 -0.233 1.00 0.00  ? 10 TRP A N    4  
ATOM   595  C CA   . TRP A 1 8  ? -2.188 -3.887 0.122  1.00 0.00  ? 10 TRP A CA   4  
ATOM   596  C C    . TRP A 1 8  ? -2.218 -4.824 -1.126 1.00 0.00  ? 10 TRP A C    4  
ATOM   597  O O    . TRP A 1 8  ? -3.245 -5.024 -1.782 1.00 0.00  ? 10 TRP A O    4  
ATOM   598  C CB   . TRP A 1 8  ? -3.048 -4.391 1.303  1.00 0.00  ? 10 TRP A CB   4  
ATOM   599  C CG   . TRP A 1 8  ? -2.678 -5.790 1.805  1.00 0.00  ? 10 TRP A CG   4  
ATOM   600  C CD1  . TRP A 1 8  ? -3.334 -6.969 1.413  1.00 0.00  ? 10 TRP A CD1  4  
ATOM   601  C CD2  . TRP A 1 8  ? -1.602 -6.191 2.572  1.00 0.00  ? 10 TRP A CD2  4  
ATOM   602  N NE1  . TRP A 1 8  ? -2.692 -8.118 1.919  1.00 0.00  ? 10 TRP A NE1  4  
ATOM   603  C CE2  . TRP A 1 8  ? -1.618 -7.608 2.634  1.00 0.00  ? 10 TRP A CE2  4  
ATOM   604  C CE3  . TRP A 1 8  ? -0.564 -5.453 3.194  1.00 0.00  ? 10 TRP A CE3  4  
ATOM   605  C CZ2  . TRP A 1 8  ? -0.592 -8.296 3.323  1.00 0.00  ? 10 TRP A CZ2  4  
ATOM   606  C CZ3  . TRP A 1 8  ? 0.432  -6.154 3.875  1.00 0.00  ? 10 TRP A CZ3  4  
ATOM   607  C CH2  . TRP A 1 8  ? 0.421  -7.554 3.938  1.00 0.00  ? 10 TRP A CH2  4  
ATOM   608  H H    . TRP A 1 8  ? -3.620 -2.367 -0.529 1.00 0.00  ? 10 TRP A H    4  
ATOM   609  H HA   . TRP A 1 8  ? -1.153 -3.828 0.523  1.00 0.00  ? 10 TRP A HA   4  
ATOM   610  H HB2  . TRP A 1 8  ? -2.961 -3.686 2.147  1.00 0.00  ? 10 TRP A HB2  4  
ATOM   611  H HB3  . TRP A 1 8  ? -4.112 -4.379 1.013  1.00 0.00  ? 10 TRP A HB3  4  
ATOM   612  H HD1  . TRP A 1 8  ? -4.180 -6.961 0.738  1.00 0.00  ? 10 TRP A HD1  4  
ATOM   613  H HE1  . TRP A 1 8  ? -2.959 -9.103 1.805  1.00 0.00  ? 10 TRP A HE1  4  
ATOM   614  H HE3  . TRP A 1 8  ? -0.543 -4.375 3.133  1.00 0.00  ? 10 TRP A HE3  4  
ATOM   615  H HZ2  . TRP A 1 8  ? -0.588 -9.375 3.367  1.00 0.00  ? 10 TRP A HZ2  4  
ATOM   616  H HZ3  . TRP A 1 8  ? 1.229  -5.608 4.359  1.00 0.00  ? 10 TRP A HZ3  4  
ATOM   617  H HH2  . TRP A 1 8  ? 1.210  -8.069 4.467  1.00 0.00  ? 10 TRP A HH2  4  
ATOM   618  N N    . LYS A 1 9  ? -1.058 -5.424 -1.385 1.00 74.43 ? 11 LYS A N    4  
ATOM   619  C CA   . LYS A 1 9  ? -0.831 -6.381 -2.495 1.00 4.20  ? 11 LYS A CA   4  
ATOM   620  C C    . LYS A 1 9  ? -0.115 -7.683 -2.000 1.00 11.04 ? 11 LYS A C    4  
ATOM   621  O O    . LYS A 1 9  ? 1.003  -8.027 -2.375 1.00 35.41 ? 11 LYS A O    4  
ATOM   622  C CB   . LYS A 1 9  ? -0.104 -5.611 -3.634 1.00 41.10 ? 11 LYS A CB   4  
ATOM   623  C CG   . LYS A 1 9  ? 1.251  -4.924 -3.315 1.00 44.10 ? 11 LYS A CG   4  
ATOM   624  C CD   . LYS A 1 9  ? 1.848  -4.171 -4.525 1.00 33.11 ? 11 LYS A CD   4  
ATOM   625  C CE   . LYS A 1 9  ? 2.961  -3.168 -4.158 1.00 70.12 ? 11 LYS A CE   4  
ATOM   626  N NZ   . LYS A 1 9  ? 2.380  -1.977 -3.503 1.00 43.51 ? 11 LYS A NZ   4  
ATOM   627  H H    . LYS A 1 9  ? -0.279 -5.074 -0.813 1.00 20.44 ? 11 LYS A H    4  
ATOM   628  H HA   . LYS A 1 9  ? -1.798 -6.720 -2.915 1.00 50.52 ? 11 LYS A HA   4  
ATOM   629  H HB2  . LYS A 1 9  ? 0.047  -6.316 -4.465 1.00 0.00  ? 11 LYS A HB2  4  
ATOM   630  H HB3  . LYS A 1 9  ? -0.803 -4.845 -4.018 1.00 63.23 ? 11 LYS A HB3  4  
ATOM   631  H HG2  . LYS A 1 9  ? 1.104  -4.221 -2.475 1.00 0.00  ? 11 LYS A HG2  4  
ATOM   632  H HG3  . LYS A 1 9  ? 1.979  -5.671 -2.944 1.00 60.25 ? 11 LYS A HG3  4  
ATOM   633  H HD2  . LYS A 1 9  ? 2.253  -4.914 -5.237 1.00 0.00  ? 11 LYS A HD2  4  
ATOM   634  H HD3  . LYS A 1 9  ? 1.054  -3.646 -5.090 1.00 13.13 ? 11 LYS A HD3  4  
ATOM   635  H HE2  . LYS A 1 9  ? 3.722  -3.644 -3.507 1.00 0.00  ? 11 LYS A HE2  4  
ATOM   636  H HE3  . LYS A 1 9  ? 3.502  -2.864 -5.077 1.00 35.55 ? 11 LYS A HE3  4  
ATOM   637  H HZ1  . LYS A 1 9  ? 1.391  -1.920 -3.243 1.00 44.51 ? 11 LYS A HZ1  4  
HETATM 638  N N    . NH2 A 1 10 ? -0.732 -8.490 -1.157 1.00 24.35 ? 12 NH2 A N    4  
HETATM 639  H HN1  . NH2 A 1 10 ? -1.554 -8.103 -0.682 1.00 71.12 ? 12 NH2 A HN1  4  
HETATM 640  H HN2  . NH2 A 1 10 ? -0.140 -9.265 -0.843 1.00 14.20 ? 12 NH2 A HN2  4  
HETATM 641  C C    . ACE A 1 1  ? 2.307  -4.635 0.554  1.00 1.42  ? 3  ACE A C    5  
HETATM 642  O O    . ACE A 1 1  ? 1.259  -4.508 -0.076 1.00 25.23 ? 3  ACE A O    5  
HETATM 643  C CH3  . ACE A 1 1  ? 3.100  -5.925 0.481  1.00 11.32 ? 3  ACE A CH3  5  
HETATM 644  H H1   . ACE A 1 1  ? 2.588  -6.655 -0.174 1.00 11.05 ? 3  ACE A H1   5  
HETATM 645  H H2   . ACE A 1 1  ? 4.108  -5.757 0.062  1.00 31.00 ? 3  ACE A H2   5  
HETATM 646  H H3   . ACE A 1 1  ? 3.204  -6.394 1.476  1.00 0.00  ? 3  ACE A H3   5  
HETATM 647  N N    . NLE A 1 2  ? 2.817  -3.685 1.332  1.00 24.32 ? 4  NLE A N    5  
HETATM 648  C CA   . NLE A 1 2  ? 2.188  -2.344 1.483  1.00 22.54 ? 4  NLE A CA   5  
HETATM 649  C C    . NLE A 1 2  ? 2.926  -1.267 0.622  1.00 51.12 ? 4  NLE A C    5  
HETATM 650  O O    . NLE A 1 2  ? 4.103  -0.963 0.847  1.00 4.44  ? 4  NLE A O    5  
HETATM 651  C CB   . NLE A 1 2  ? 2.222  -1.929 2.973  1.00 51.41 ? 4  NLE A CB   5  
HETATM 652  C CG   . NLE A 1 2  ? 1.236  -2.629 3.935  1.00 53.53 ? 4  NLE A CG   5  
HETATM 653  C CD   . NLE A 1 2  ? 1.136  -1.983 5.333  1.00 13.25 ? 4  NLE A CD   5  
HETATM 654  C CE   . NLE A 1 2  ? 2.428  -2.054 6.162  1.00 21.12 ? 4  NLE A CE   5  
HETATM 655  H H    . NLE A 1 2  ? 3.698  -3.924 1.791  1.00 73.41 ? 4  NLE A H    5  
HETATM 656  H HA   . NLE A 1 2  ? 1.119  -2.387 1.183  1.00 13.34 ? 4  NLE A HA   5  
HETATM 657  H HB2  . NLE A 1 2  ? 2.007  -0.857 3.034  1.00 12.25 ? 4  NLE A HB2  5  
HETATM 658  H HB3  . NLE A 1 2  ? 3.258  -2.005 3.339  1.00 64.43 ? 4  NLE A HB3  5  
HETATM 659  H HG2  . NLE A 1 2  ? 1.503  -3.693 4.041  1.00 24.40 ? 4  NLE A HG2  5  
HETATM 660  H HG3  . NLE A 1 2  ? 0.225  -2.622 3.484  1.00 61.35 ? 4  NLE A HG3  5  
HETATM 661  H HD2  . NLE A 1 2  ? 0.324  -2.478 5.898  1.00 34.12 ? 4  NLE A HD2  5  
HETATM 662  H HD3  . NLE A 1 2  ? 0.816  -0.928 5.239  1.00 2.42  ? 4  NLE A HD3  5  
HETATM 663  H HE1  . NLE A 1 2  ? 2.780  -3.094 6.289  1.00 35.54 ? 4  NLE A HE1  5  
HETATM 664  H HE2  . NLE A 1 2  ? 3.248  -1.479 5.693  1.00 13.20 ? 4  NLE A HE2  5  
HETATM 665  H HE3  . NLE A 1 2  ? 2.279  -1.630 7.171  1.00 14.24 ? 4  NLE A HE3  5  
ATOM   666  N N    . ASP A 1 3  ? 2.201  -0.646 -0.315 1.00 42.23 ? 5  ASP A N    5  
ATOM   667  C CA   . ASP A 1 3  ? 2.722  0.474  -1.149 1.00 14.33 ? 5  ASP A CA   5  
ATOM   668  C C    . ASP A 1 3  ? 2.068  1.845  -0.736 1.00 70.04 ? 5  ASP A C    5  
ATOM   669  O O    . ASP A 1 3  ? 0.832  1.904  -0.694 1.00 71.01 ? 5  ASP A O    5  
ATOM   670  C CB   . ASP A 1 3  ? 2.422  0.189  -2.640 1.00 73.01 ? 5  ASP A CB   5  
ATOM   671  C CG   . ASP A 1 3  ? 3.230  -0.948 -3.277 1.00 3.02  ? 5  ASP A CG   5  
ATOM   672  O OD1  . ASP A 1 3  ? 4.449  -0.843 -3.419 1.00 41.31 ? 5  ASP A OD1  5  
ATOM   673  H H    . ASP A 1 3  ? 1.244  -1.012 -0.419 1.00 62.10 ? 5  ASP A H    5  
ATOM   674  H HA   . ASP A 1 3  ? 3.823  0.540  -1.057 1.00 60.50 ? 5  ASP A HA   5  
ATOM   675  H HB2  . ASP A 1 3  ? 1.332  0.059  -2.782 1.00 0.00  ? 5  ASP A HB2  5  
ATOM   676  H HB3  . ASP A 1 3  ? 2.668  1.095  -3.218 1.00 72.20 ? 5  ASP A HB3  5  
ATOM   677  N N    . PRO A 1 4  ? 2.808  2.961  -0.442 1.00 64.04 ? 6  PRO A N    5  
ATOM   678  C CA   . PRO A 1 4  ? 2.202  4.286  -0.113 1.00 44.43 ? 6  PRO A CA   5  
ATOM   679  C C    . PRO A 1 4  ? 1.084  4.857  -1.066 1.00 31.44 ? 6  PRO A C    5  
ATOM   680  O O    . PRO A 1 4  ? 1.293  4.804  -2.284 1.00 1.02  ? 6  PRO A O    5  
ATOM   681  C CB   . PRO A 1 4  ? 3.442  5.198  -0.076 1.00 53.11 ? 6  PRO A CB   5  
ATOM   682  C CG   . PRO A 1 4  ? 4.573  4.294  0.414  1.00 4.15  ? 6  PRO A CG   5  
ATOM   683  C CD   . PRO A 1 4  ? 4.267  2.933  -0.211 1.00 41.55 ? 6  PRO A CD   5  
ATOM   684  H HA   . PRO A 1 4  ? 1.819  4.198  0.919  1.00 15.04 ? 6  PRO A HA   5  
ATOM   685  H HB2  . PRO A 1 4  ? 3.685  5.579  -1.089 1.00 0.00  ? 6  PRO A HB2  5  
ATOM   686  H HB3  . PRO A 1 4  ? 3.297  6.083  0.570  1.00 62.32 ? 6  PRO A HB3  5  
ATOM   687  H HG2  . PRO A 1 4  ? 5.575  4.675  0.137  1.00 0.00  ? 6  PRO A HG2  5  
ATOM   688  H HG3  . PRO A 1 4  ? 4.550  4.226  1.520  1.00 31.02 ? 6  PRO A HG3  5  
ATOM   689  H HD2  . PRO A 1 4  ? 4.809  2.799  -1.166 1.00 0.00  ? 6  PRO A HD2  5  
ATOM   690  H HD3  . PRO A 1 4  ? 4.572  2.113  0.471  1.00 72.34 ? 6  PRO A HD3  5  
ATOM   691  N N    . PRO A 1 5  ? -0.088 5.398  -0.605 1.00 22.14 ? 7  PRO A N    5  
ATOM   692  C CA   . PRO A 1 5  ? -0.412 5.652  0.835  1.00 10.30 ? 7  PRO A CA   5  
ATOM   693  C C    . PRO A 1 5  ? -1.167 4.493  1.588  1.00 31.43 ? 7  PRO A C    5  
ATOM   694  O O    . PRO A 1 5  ? -2.245 4.683  2.158  1.00 11.54 ? 7  PRO A O    5  
ATOM   695  C CB   . PRO A 1 5  ? -1.234 6.950  0.683  1.00 73.35 ? 7  PRO A CB   5  
ATOM   696  C CG   . PRO A 1 5  ? -2.027 6.768  -0.613 1.00 73.14 ? 7  PRO A CG   5  
ATOM   697  C CD   . PRO A 1 5  ? -1.057 6.026  -1.530 1.00 50.35 ? 7  PRO A CD   5  
ATOM   698  H HA   . PRO A 1 5  ? 0.489  5.901  1.425  1.00 70.33 ? 7  PRO A HA   5  
ATOM   699  H HB2  . PRO A 1 5  ? -1.888 7.160  1.552  1.00 0.00  ? 7  PRO A HB2  5  
ATOM   700  H HB3  . PRO A 1 5  ? -0.558 7.823  0.594  1.00 33.33 ? 7  PRO A HB3  5  
ATOM   701  H HG2  . PRO A 1 5  ? -2.927 6.148  -0.425 1.00 0.00  ? 7  PRO A HG2  5  
ATOM   702  H HG3  . PRO A 1 5  ? -2.375 7.727  -1.043 1.00 23.41 ? 7  PRO A HG3  5  
ATOM   703  H HD2  . PRO A 1 5  ? -1.568 5.274  -2.159 1.00 0.00  ? 7  PRO A HD2  5  
ATOM   704  H HD3  . PRO A 1 5  ? -0.540 6.731  -2.209 1.00 41.43 ? 7  PRO A HD3  5  
HETATM 705  N N    . 4J2 A 1 6  ? -0.570 3.295  1.622  1.00 55.11 ? 8  4J2 A N    5  
HETATM 706  C CA   . 4J2 A 1 6  ? -1.149 2.092  2.283  1.00 24.43 ? 8  4J2 A CA   5  
HETATM 707  C CB   . 4J2 A 1 6  ? -0.011 1.118  2.707  1.00 10.34 ? 8  4J2 A CB   5  
HETATM 708  C CG   . 4J2 A 1 6  ? 1.183  1.677  3.488  1.00 12.23 ? 8  4J2 A CG   5  
HETATM 709  C CD1  . 4J2 A 1 6  ? 2.424  1.787  2.870  1.00 0.11  ? 8  4J2 A CD1  5  
HETATM 710  C CD2  . 4J2 A 1 6  ? 1.037  2.034  4.821  1.00 72.21 ? 8  4J2 A CD2  5  
HETATM 711  C CE1  . 4J2 A 1 6  ? 3.530  2.261  3.557  1.00 51.02 ? 8  4J2 A CE1  5  
HETATM 712  C CZ1  . 4J2 A 1 6  ? 3.403  2.643  4.889  1.00 50.12 ? 8  4J2 A CZ1  5  
HETATM 713  C CZ2  . 4J2 A 1 6  ? 4.498  3.134  5.593  1.00 30.24 ? 8  4J2 A CZ2  5  
HETATM 714  C CZ3  . 4J2 A 1 6  ? 4.359  3.502  6.929  1.00 44.51 ? 8  4J2 A CZ3  5  
HETATM 715  C CE2  . 4J2 A 1 6  ? 2.129  2.524  5.545  1.00 75.11 ? 8  4J2 A CE2  5  
HETATM 716  C CE3  . 4J2 A 1 6  ? 2.015  2.897  6.884  1.00 3.32  ? 8  4J2 A CE3  5  
HETATM 717  C CE4  . 4J2 A 1 6  ? 3.126  3.384  7.570  1.00 51.13 ? 8  4J2 A CE4  5  
HETATM 718  C C    . 4J2 A 1 6  ? -2.179 1.313  1.400  1.00 22.34 ? 8  4J2 A C    5  
HETATM 719  H HE1  . 4J2 A 1 6  ? 4.481  2.311  3.046  1.00 0.00  ? 8  4J2 A HE1  5  
HETATM 720  O O    . 4J2 A 1 6  ? -3.249 0.924  1.877  1.00 52.33 ? 8  4J2 A O    5  
HETATM 721  H HE3  . 4J2 A 1 6  ? 1.070  2.818  7.405  1.00 0.00  ? 8  4J2 A HE3  5  
HETATM 722  H HE4  . 4J2 A 1 6  ? 3.033  3.672  8.606  1.00 0.00  ? 8  4J2 A HE4  5  
HETATM 723  H H    . 4J2 A 1 6  ? 0.260  3.195  1.033  1.00 71.33 ? 8  4J2 A H    5  
HETATM 724  H HA   . 4J2 A 1 6  ? -1.660 2.403  3.211  1.00 41.44 ? 8  4J2 A HA   5  
HETATM 725  H HB2  . 4J2 A 1 6  ? -0.462 0.311  3.305  1.00 40.54 ? 8  4J2 A HB2  5  
HETATM 726  H HB1  . 4J2 A 1 6  ? 0.368  0.585  1.818  1.00 60.00 ? 8  4J2 A HB1  5  
HETATM 727  H HD1  . 4J2 A 1 6  ? 2.526  1.466  1.853  1.00 0.00  ? 8  4J2 A HD1  5  
HETATM 728  H HD2  . 4J2 A 1 6  ? 0.053  1.897  5.233  1.00 0.00  ? 8  4J2 A HD2  5  
HETATM 729  H HZ2  . 4J2 A 1 6  ? 5.454  3.230  5.091  1.00 0.00  ? 8  4J2 A HZ2  5  
HETATM 730  H HZ23 . 4J2 A 1 6  ? 5.212  3.883  7.472  1.00 0.00  ? 8  4J2 A HZ23 5  
ATOM   731  N N    . ARG A 1 7  ? -1.797 1.013  0.147  1.00 0.00  ? 9  ARG A N    5  
ATOM   732  C CA   . ARG A 1 7  ? -2.474 0.008  -0.708 1.00 0.00  ? 9  ARG A CA   5  
ATOM   733  C C    . ARG A 1 7  ? -1.806 -1.389 -0.507 1.00 0.00  ? 9  ARG A C    5  
ATOM   734  O O    . ARG A 1 7  ? -0.576 -1.524 -0.504 1.00 0.00  ? 9  ARG A O    5  
ATOM   735  C CB   . ARG A 1 7  ? -2.356 0.437  -2.190 1.00 0.00  ? 9  ARG A CB   5  
ATOM   736  C CG   . ARG A 1 7  ? -3.064 1.759  -2.589 1.00 0.00  ? 9  ARG A CG   5  
ATOM   737  C CD   . ARG A 1 7  ? -2.854 2.165  -4.060 1.00 0.00  ? 9  ARG A CD   5  
ATOM   738  N NE   . ARG A 1 7  ? -3.608 1.271  -4.979 1.00 0.00  ? 9  ARG A NE   5  
ATOM   739  C CZ   . ARG A 1 7  ? -3.566 1.322  -6.308 1.00 0.00  ? 9  ARG A CZ   5  
ATOM   740  N NH1  . ARG A 1 7  ? -2.851 2.175  -6.995 1.00 0.00  ? 9  ARG A NH1  5  
ATOM   741  N NH2  . ARG A 1 7  ? -4.285 0.463  -6.957 1.00 0.00  ? 9  ARG A NH2  5  
ATOM   742  H H    . ARG A 1 7  ? -0.862 1.388  -0.082 1.00 0.00  ? 9  ARG A H    5  
ATOM   743  H HA   . ARG A 1 7  ? -3.552 -0.041 -0.450 1.00 0.00  ? 9  ARG A HA   5  
ATOM   744  H HB2  . ARG A 1 7  ? -1.287 0.481  -2.465 1.00 0.00  ? 9  ARG A HB2  5  
ATOM   745  H HB3  . ARG A 1 7  ? -2.770 -0.371 -2.820 1.00 0.00  ? 9  ARG A HB3  5  
ATOM   746  H HG2  . ARG A 1 7  ? -4.149 1.694  -2.370 1.00 0.00  ? 9  ARG A HG2  5  
ATOM   747  H HG3  . ARG A 1 7  ? -2.692 2.579  -1.945 1.00 0.00  ? 9  ARG A HG3  5  
ATOM   748  H HD2  . ARG A 1 7  ? -3.198 3.210  -4.201 1.00 0.00  ? 9  ARG A HD2  5  
ATOM   749  H HD3  . ARG A 1 7  ? -1.772 2.163  -4.301 1.00 0.00  ? 9  ARG A HD3  5  
ATOM   750  H HH11 . ARG A 1 7  ? -2.312 2.821  -6.415 1.00 0.00  ? 9  ARG A HH11 5  
ATOM   751  H HH12 . ARG A 1 7  ? -2.901 2.114  -8.012 1.00 0.00  ? 9  ARG A HH12 5  
ATOM   752  H HH21 . ARG A 1 7  ? -4.806 -0.156 -6.333 1.00 0.00  ? 9  ARG A HH21 5  
ATOM   753  H HH22 . ARG A 1 7  ? -4.263 0.492  -7.976 1.00 0.00  ? 9  ARG A HH22 5  
ATOM   754  N N    . TRP A 1 8  ? -2.632 -2.430 -0.350 1.00 0.00  ? 10 TRP A N    5  
ATOM   755  C CA   . TRP A 1 8  ? -2.156 -3.802 -0.047 1.00 0.00  ? 10 TRP A CA   5  
ATOM   756  C C    . TRP A 1 8  ? -2.161 -4.703 -1.322 1.00 0.00  ? 10 TRP A C    5  
ATOM   757  O O    . TRP A 1 8  ? -3.182 -4.920 -1.980 1.00 0.00  ? 10 TRP A O    5  
ATOM   758  C CB   . TRP A 1 8  ? -3.028 -4.353 1.108  1.00 0.00  ? 10 TRP A CB   5  
ATOM   759  C CG   . TRP A 1 8  ? -2.771 -5.813 1.502  1.00 0.00  ? 10 TRP A CG   5  
ATOM   760  C CD1  . TRP A 1 8  ? -3.602 -6.887 1.136  1.00 0.00  ? 10 TRP A CD1  5  
ATOM   761  C CD2  . TRP A 1 8  ? -1.677 -6.380 2.128  1.00 0.00  ? 10 TRP A CD2  5  
ATOM   762  N NE1  . TRP A 1 8  ? -3.060 -8.128 1.531  1.00 0.00  ? 10 TRP A NE1  5  
ATOM   763  C CE2  . TRP A 1 8  ? -1.861 -7.785 2.141  1.00 0.00  ? 10 TRP A CE2  5  
ATOM   764  C CE3  . TRP A 1 8  ? -0.492 -5.804 2.646  1.00 0.00  ? 10 TRP A CE3  5  
ATOM   765  C CZ2  . TRP A 1 8  ? -0.858 -8.627 2.675  1.00 0.00  ? 10 TRP A CZ2  5  
ATOM   766  C CZ3  . TRP A 1 8  ? 0.482  -6.652 3.177  1.00 0.00  ? 10 TRP A CZ3  5  
ATOM   767  C CH2  . TRP A 1 8  ? 0.303  -8.042 3.190  1.00 0.00  ? 10 TRP A CH2  5  
ATOM   768  H H    . TRP A 1 8  ? -3.602 -2.252 -0.621 1.00 0.00  ? 10 TRP A H    5  
ATOM   769  H HA   . TRP A 1 8  ? -1.128 -3.750 0.371  1.00 0.00  ? 10 TRP A HA   5  
ATOM   770  H HB2  . TRP A 1 8  ? -2.884 -3.721 2.001  1.00 0.00  ? 10 TRP A HB2  5  
ATOM   771  H HB3  . TRP A 1 8  ? -4.091 -4.245 0.839  1.00 0.00  ? 10 TRP A HB3  5  
ATOM   772  H HD1  . TRP A 1 8  ? -4.509 -6.752 0.563  1.00 0.00  ? 10 TRP A HD1  5  
ATOM   773  H HE1  . TRP A 1 8  ? -3.453 -9.067 1.401  1.00 0.00  ? 10 TRP A HE1  5  
ATOM   774  H HE3  . TRP A 1 8  ? -0.340 -4.736 2.613  1.00 0.00  ? 10 TRP A HE3  5  
ATOM   775  H HZ2  . TRP A 1 8  ? -0.981 -9.699 2.679  1.00 0.00  ? 10 TRP A HZ2  5  
ATOM   776  H HZ3  . TRP A 1 8  ? 1.395  -6.229 3.572  1.00 0.00  ? 10 TRP A HZ3  5  
ATOM   777  H HH2  . TRP A 1 8  ? 1.078  -8.673 3.600  1.00 0.00  ? 10 TRP A HH2  5  
ATOM   778  N N    . LYS A 1 9  ? -0.988 -5.281 -1.581 1.00 74.43 ? 11 LYS A N    5  
ATOM   779  C CA   . LYS A 1 9  ? -0.754 -6.282 -2.647 1.00 4.20  ? 11 LYS A CA   5  
ATOM   780  C C    . LYS A 1 9  ? -0.122 -7.586 -2.056 1.00 11.04 ? 11 LYS A C    5  
ATOM   781  O O    . LYS A 1 9  ? 1.065  -7.882 -2.174 1.00 35.41 ? 11 LYS A O    5  
ATOM   782  C CB   . LYS A 1 9  ? 0.057  -5.599 -3.783 1.00 41.10 ? 11 LYS A CB   5  
ATOM   783  C CG   . LYS A 1 9  ? 1.415  -4.936 -3.433 1.00 44.10 ? 11 LYS A CG   5  
ATOM   784  C CD   . LYS A 1 9  ? 2.080  -4.240 -4.644 1.00 33.11 ? 11 LYS A CD   5  
ATOM   785  C CE   . LYS A 1 9  ? 3.160  -3.208 -4.266 1.00 70.12 ? 11 LYS A CE   5  
ATOM   786  N NZ   . LYS A 1 9  ? 2.531  -2.012 -3.665 1.00 43.51 ? 11 LYS A NZ   5  
ATOM   787  H H    . LYS A 1 9  ? -0.209 -4.881 -1.037 1.00 20.44 ? 11 LYS A H    5  
ATOM   788  H HA   . LYS A 1 9  ? -1.716 -6.591 -3.104 1.00 50.52 ? 11 LYS A HA   5  
ATOM   789  H HB2  . LYS A 1 9  ? 0.224  -6.348 -4.570 1.00 0.00  ? 11 LYS A HB2  5  
ATOM   790  H HB3  . LYS A 1 9  ? -0.597 -4.831 -4.239 1.00 63.23 ? 11 LYS A HB3  5  
ATOM   791  H HG2  . LYS A 1 9  ? 1.245  -4.194 -2.632 1.00 0.00  ? 11 LYS A HG2  5  
ATOM   792  H HG3  . LYS A 1 9  ? 2.109  -5.677 -2.994 1.00 60.25 ? 11 LYS A HG3  5  
ATOM   793  H HD2  . LYS A 1 9  ? 2.529  -5.015 -5.295 1.00 0.00  ? 11 LYS A HD2  5  
ATOM   794  H HD3  . LYS A 1 9  ? 1.317  -3.749 -5.280 1.00 13.13 ? 11 LYS A HD3  5  
ATOM   795  H HE2  . LYS A 1 9  ? 3.901  -3.652 -3.571 1.00 0.00  ? 11 LYS A HE2  5  
ATOM   796  H HE3  . LYS A 1 9  ? 3.731  -2.916 -5.171 1.00 35.55 ? 11 LYS A HE3  5  
ATOM   797  H HZ1  . LYS A 1 9  ? 1.534  -1.977 -3.432 1.00 44.51 ? 11 LYS A HZ1  5  
HETATM 798  N N    . NH2 A 1 10 ? -0.885 -8.435 -1.395 1.00 24.35 ? 12 NH2 A N    5  
HETATM 799  H HN1  . NH2 A 1 10 ? -1.802 -8.085 -1.099 1.00 71.12 ? 12 NH2 A HN1  5  
HETATM 800  H HN2  . NH2 A 1 10 ? -0.350 -9.202 -0.976 1.00 14.20 ? 12 NH2 A HN2  5  
HETATM 801  C C    . ACE A 1 1  ? 2.480  -4.978 1.277  1.00 1.42  ? 3  ACE A C    6  
HETATM 802  O O    . ACE A 1 1  ? 1.365  -5.310 0.873  1.00 25.23 ? 3  ACE A O    6  
HETATM 803  C CH3  . ACE A 1 1  ? 3.489  -6.024 1.707  1.00 11.32 ? 3  ACE A CH3  6  
HETATM 804  H H1   . ACE A 1 1  ? 4.421  -5.955 1.116  1.00 11.05 ? 3  ACE A H1   6  
HETATM 805  H H2   . ACE A 1 1  ? 3.744  -5.921 2.777  1.00 31.00 ? 3  ACE A H2   6  
HETATM 806  H H3   . ACE A 1 1  ? 3.079  -7.039 1.563  1.00 0.00  ? 3  ACE A H3   6  
HETATM 807  N N    . NLE A 1 2  ? 2.883  -3.709 1.385  1.00 24.32 ? 4  NLE A N    6  
HETATM 808  C CA   . NLE A 1 2  ? 1.983  -2.556 1.129  1.00 22.54 ? 4  NLE A CA   6  
HETATM 809  C C    . NLE A 1 2  ? 2.704  -1.315 0.507  1.00 51.12 ? 4  NLE A C    6  
HETATM 810  O O    . NLE A 1 2  ? 3.828  -0.959 0.877  1.00 4.44  ? 4  NLE A O    6  
HETATM 811  C CB   . NLE A 1 2  ? 1.193  -2.240 2.426  1.00 51.41 ? 4  NLE A CB   6  
HETATM 812  C CG   . NLE A 1 2  ? 1.963  -1.733 3.670  1.00 53.53 ? 4  NLE A CG   6  
HETATM 813  C CD   . NLE A 1 2  ? 1.072  -1.617 4.918  1.00 13.25 ? 4  NLE A CD   6  
HETATM 814  C CE   . NLE A 1 2  ? 1.822  -0.983 6.096  1.00 21.12 ? 4  NLE A CE   6  
HETATM 815  H H    . NLE A 1 2  ? 3.723  -3.577 1.947  1.00 73.41 ? 4  NLE A H    6  
HETATM 816  H HA   . NLE A 1 2  ? 1.235  -2.887 0.382  1.00 13.34 ? 4  NLE A HA   6  
HETATM 817  H HB2  . NLE A 1 2  ? 0.643  -3.154 2.694  1.00 12.25 ? 4  NLE A HB2  6  
HETATM 818  H HB3  . NLE A 1 2  ? 0.406  -1.519 2.166  1.00 64.43 ? 4  NLE A HB3  6  
HETATM 819  H HG2  . NLE A 1 2  ? 2.431  -0.760 3.441  1.00 24.40 ? 4  NLE A HG2  6  
HETATM 820  H HG3  . NLE A 1 2  ? 2.811  -2.400 3.897  1.00 61.35 ? 4  NLE A HG3  6  
HETATM 821  H HD2  . NLE A 1 2  ? 0.699  -2.619 5.209  1.00 34.12 ? 4  NLE A HD2  6  
HETATM 822  H HD3  . NLE A 1 2  ? 0.169  -1.018 4.701  1.00 2.42  ? 4  NLE A HD3  6  
HETATM 823  H HE1  . NLE A 1 2  ? 2.711  -1.574 6.388  1.00 35.54 ? 4  NLE A HE1  6  
HETATM 824  H HE2  . NLE A 1 2  ? 2.168  0.041  5.857  1.00 13.20 ? 4  NLE A HE2  6  
HETATM 825  H HE3  . NLE A 1 2  ? 1.174  -0.905 6.990  1.00 14.24 ? 4  NLE A HE3  6  
ATOM   826  N N    . ASP A 1 3  ? 2.021  -0.645 -0.436 1.00 42.23 ? 5  ASP A N    6  
ATOM   827  C CA   . ASP A 1 3  ? 2.585  0.489  -1.226 1.00 14.33 ? 5  ASP A CA   6  
ATOM   828  C C    . ASP A 1 3  ? 1.963  1.876  -0.813 1.00 70.04 ? 5  ASP A C    6  
ATOM   829  O O    . ASP A 1 3  ? 0.729  1.967  -0.775 1.00 71.01 ? 5  ASP A O    6  
ATOM   830  C CB   . ASP A 1 3  ? 2.303  0.236  -2.728 1.00 73.01 ? 5  ASP A CB   6  
ATOM   831  C CG   . ASP A 1 3  ? 3.119  -0.887 -3.379 1.00 3.02  ? 5  ASP A CG   6  
ATOM   832  O OD1  . ASP A 1 3  ? 4.293  -0.692 -3.693 1.00 41.31 ? 5  ASP A OD1  6  
ATOM   833  H H    . ASP A 1 3  ? 1.073  -1.019 -0.615 1.00 62.10 ? 5  ASP A H    6  
ATOM   834  H HA   . ASP A 1 3  ? 3.685  0.519  -1.108 1.00 60.50 ? 5  ASP A HA   6  
ATOM   835  H HB2  . ASP A 1 3  ? 1.217  0.104  -2.898 1.00 0.00  ? 5  ASP A HB2  6  
ATOM   836  H HB3  . ASP A 1 3  ? 2.555  1.152  -3.288 1.00 72.20 ? 5  ASP A HB3  6  
ATOM   837  N N    . PRO A 1 4  ? 2.731  2.979  -0.541 1.00 64.04 ? 6  PRO A N    6  
ATOM   838  C CA   . PRO A 1 4  ? 2.159  4.304  -0.156 1.00 44.43 ? 6  PRO A CA   6  
ATOM   839  C C    . PRO A 1 4  ? 1.036  4.946  -1.054 1.00 31.44 ? 6  PRO A C    6  
ATOM   840  O O    . PRO A 1 4  ? 1.155  4.846  -2.281 1.00 1.02  ? 6  PRO A O    6  
ATOM   841  C CB   . PRO A 1 4  ? 3.411  5.201  -0.130 1.00 53.11 ? 6  PRO A CB   6  
ATOM   842  C CG   . PRO A 1 4  ? 4.561  4.276  0.253  1.00 4.15  ? 6  PRO A CG   6  
ATOM   843  C CD   . PRO A 1 4  ? 4.201  2.936  -0.389 1.00 41.55 ? 6  PRO A CD   6  
ATOM   844  H HA   . PRO A 1 4  ? 1.792  4.182  0.879  1.00 15.04 ? 6  PRO A HA   6  
ATOM   845  H HB2  . PRO A 1 4  ? 3.610  5.636  -1.130 1.00 0.00  ? 6  PRO A HB2  6  
ATOM   846  H HB3  . PRO A 1 4  ? 3.305  6.053  0.568  1.00 62.32 ? 6  PRO A HB3  6  
ATOM   847  H HG2  . PRO A 1 4  ? 5.545  4.655  -0.082 1.00 0.00  ? 6  PRO A HG2  6  
ATOM   848  H HG3  . PRO A 1 4  ? 4.616  4.179  1.354  1.00 31.02 ? 6  PRO A HG3  6  
ATOM   849  H HD2  . PRO A 1 4  ? 4.689  2.820  -1.374 1.00 0.00  ? 6  PRO A HD2  6  
ATOM   850  H HD3  . PRO A 1 4  ? 4.535  2.100  0.259  1.00 72.34 ? 6  PRO A HD3  6  
ATOM   851  N N    . PRO A 1 5  ? -0.038 5.617  -0.526 1.00 22.14 ? 7  PRO A N    6  
ATOM   852  C CA   . PRO A 1 5  ? -0.288 5.830  0.940  1.00 10.30 ? 7  PRO A CA   6  
ATOM   853  C C    . PRO A 1 5  ? -0.765 4.642  1.853  1.00 31.43 ? 7  PRO A C    6  
ATOM   854  O O    . PRO A 1 5  ? -1.093 4.871  3.020  1.00 11.54 ? 7  PRO A O    6  
ATOM   855  C CB   . PRO A 1 5  ? -1.347 6.959  0.922  1.00 73.35 ? 7  PRO A CB   6  
ATOM   856  C CG   . PRO A 1 5  ? -1.265 7.606  -0.459 1.00 73.14 ? 7  PRO A CG   6  
ATOM   857  C CD   . PRO A 1 5  ? -0.934 6.430  -1.371 1.00 50.35 ? 7  PRO A CD   6  
ATOM   858  H HA   . PRO A 1 5  ? 0.631  6.239  1.402  1.00 70.33 ? 7  PRO A HA   6  
ATOM   859  H HB2  . PRO A 1 5  ? -2.369 6.556  1.066  1.00 0.00  ? 7  PRO A HB2  6  
ATOM   860  H HB3  . PRO A 1 5  ? -1.191 7.691  1.738  1.00 33.33 ? 7  PRO A HB3  6  
ATOM   861  H HG2  . PRO A 1 5  ? -2.201 8.119  -0.750 1.00 0.00  ? 7  PRO A HG2  6  
ATOM   862  H HG3  . PRO A 1 5  ? -0.454 8.360  -0.490 1.00 23.41 ? 7  PRO A HG3  6  
ATOM   863  H HD2  . PRO A 1 5  ? -1.841 5.849  -1.634 1.00 0.00  ? 7  PRO A HD2  6  
ATOM   864  H HD3  . PRO A 1 5  ? -0.472 6.772  -2.318 1.00 41.43 ? 7  PRO A HD3  6  
HETATM 865  N N    . 4J2 A 1 6  ? -0.791 3.399  1.348  1.00 55.11 ? 8  4J2 A N    6  
HETATM 866  C CA   . 4J2 A 1 6  ? -1.212 2.191  2.109  1.00 24.43 ? 8  4J2 A CA   6  
HETATM 867  C CB   . 4J2 A 1 6  ? 0.009  1.321  2.520  1.00 10.34 ? 8  4J2 A CB   6  
HETATM 868  C CG   . 4J2 A 1 6  ? 1.196  1.964  3.243  1.00 12.23 ? 8  4J2 A CG   6  
HETATM 869  C CD1  . 4J2 A 1 6  ? 2.476  1.832  2.718  1.00 0.11  ? 8  4J2 A CD1  6  
HETATM 870  C CD2  . 4J2 A 1 6  ? 1.001  2.677  4.418  1.00 72.21 ? 8  4J2 A CD2  6  
HETATM 871  C CE1  . 4J2 A 1 6  ? 3.569  2.431  3.327  1.00 51.02 ? 8  4J2 A CE1  6  
HETATM 872  C CZ1  . 4J2 A 1 6  ? 3.389  3.196  4.475  1.00 50.12 ? 8  4J2 A CZ1  6  
HETATM 873  C CZ2  . 4J2 A 1 6  ? 4.459  3.863  5.065  1.00 30.24 ? 8  4J2 A CZ2  6  
HETATM 874  C CZ3  . 4J2 A 1 6  ? 4.257  4.625  6.214  1.00 44.51 ? 8  4J2 A CZ3  6  
HETATM 875  C CE2  . 4J2 A 1 6  ? 2.073  3.316  5.046  1.00 75.11 ? 8  4J2 A CE2  6  
HETATM 876  C CE3  . 4J2 A 1 6  ? 1.898  4.083  6.198  1.00 3.32  ? 8  4J2 A CE3  6  
HETATM 877  C CE4  . 4J2 A 1 6  ? 2.986  4.731  6.777  1.00 51.13 ? 8  4J2 A CE4  6  
HETATM 878  C C    . 4J2 A 1 6  ? -2.227 1.317  1.300  1.00 22.34 ? 8  4J2 A C    6  
HETATM 879  H HE1  . 4J2 A 1 6  ? 4.548  2.300  2.887  1.00 0.00  ? 8  4J2 A HE1  6  
HETATM 880  O O    . 4J2 A 1 6  ? -3.272 0.933  1.825  1.00 52.33 ? 8  4J2 A O    6  
HETATM 881  H HE3  . 4J2 A 1 6  ? 0.921  4.194  6.648  1.00 0.00  ? 8  4J2 A HE3  6  
HETATM 882  H HE4  . 4J2 A 1 6  ? 2.843  5.329  7.667  1.00 0.00  ? 8  4J2 A HE4  6  
HETATM 883  H H    . 4J2 A 1 6  ? -0.287 3.287  0.464  1.00 71.33 ? 8  4J2 A H    6  
HETATM 884  H HA   . 4J2 A 1 6  ? -1.714 2.486  3.046  1.00 41.44 ? 8  4J2 A HA   6  
HETATM 885  H HB2  . 4J2 A 1 6  ? -0.375 0.520  3.165  1.00 40.54 ? 8  4J2 A HB2  6  
HETATM 886  H HB1  . 4J2 A 1 6  ? 0.384  0.790  1.633  1.00 60.00 ? 8  4J2 A HB1  6  
HETATM 887  H HD1  . 4J2 A 1 6  ? 2.611  1.258  1.820  1.00 0.00  ? 8  4J2 A HD1  6  
HETATM 888  H HD2  . 4J2 A 1 6  ? -0.013 2.725  4.771  1.00 0.00  ? 8  4J2 A HD2  6  
HETATM 889  H HZ2  . 4J2 A 1 6  ? 5.442  3.803  4.616  1.00 0.00  ? 8  4J2 A HZ2  6  
HETATM 890  H HZ23 . 4J2 A 1 6  ? 5.090  5.143  6.668  1.00 0.00  ? 8  4J2 A HZ23 6  
ATOM   891  N N    . ARG A 1 7  ? -1.867 0.938  0.057  1.00 0.00  ? 9  ARG A N    6  
ATOM   892  C CA   . ARG A 1 7  ? -2.555 -0.125 -0.714 1.00 0.00  ? 9  ARG A CA   6  
ATOM   893  C C    . ARG A 1 7  ? -1.844 -1.492 -0.460 1.00 0.00  ? 9  ARG A C    6  
ATOM   894  O O    . ARG A 1 7  ? -0.618 -1.598 -0.577 1.00 0.00  ? 9  ARG A O    6  
ATOM   895  C CB   . ARG A 1 7  ? -2.510 0.183  -2.234 1.00 0.00  ? 9  ARG A CB   6  
ATOM   896  C CG   . ARG A 1 7  ? -3.157 1.492  -2.757 1.00 0.00  ? 9  ARG A CG   6  
ATOM   897  C CD   . ARG A 1 7  ? -2.191 2.691  -2.841 1.00 0.00  ? 9  ARG A CD   6  
ATOM   898  N NE   . ARG A 1 7  ? -2.876 3.794  -3.566 1.00 0.00  ? 9  ARG A NE   6  
ATOM   899  C CZ   . ARG A 1 7  ? -2.286 4.708  -4.335 1.00 0.00  ? 9  ARG A CZ   6  
ATOM   900  N NH1  . ARG A 1 7  ? -0.997 4.806  -4.522 1.00 0.00  ? 9  ARG A NH1  6  
ATOM   901  N NH2  . ARG A 1 7  ? -3.056 5.560  -4.932 1.00 0.00  ? 9  ARG A NH2  6  
ATOM   902  H H    . ARG A 1 7  ? -0.951 1.319  -0.235 1.00 0.00  ? 9  ARG A H    6  
ATOM   903  H HA   . ARG A 1 7  ? -3.621 -0.184 -0.408 1.00 0.00  ? 9  ARG A HA   6  
ATOM   904  H HB2  . ARG A 1 7  ? -1.469 0.101  -2.597 1.00 0.00  ? 9  ARG A HB2  6  
ATOM   905  H HB3  . ARG A 1 7  ? -3.027 -0.654 -2.737 1.00 0.00  ? 9  ARG A HB3  6  
ATOM   906  H HG2  . ARG A 1 7  ? -3.552 1.297  -3.774 1.00 0.00  ? 9  ARG A HG2  6  
ATOM   907  H HG3  . ARG A 1 7  ? -4.048 1.761  -2.155 1.00 0.00  ? 9  ARG A HG3  6  
ATOM   908  H HD2  . ARG A 1 7  ? -1.892 3.035  -1.830 1.00 0.00  ? 9  ARG A HD2  6  
ATOM   909  H HD3  . ARG A 1 7  ? -1.258 2.384  -3.352 1.00 0.00  ? 9  ARG A HD3  6  
ATOM   910  H HH11 . ARG A 1 7  ? -0.433 4.175  -3.947 1.00 0.00  ? 9  ARG A HH11 6  
ATOM   911  H HH12 . ARG A 1 7  ? -0.673 5.566  -5.123 1.00 0.00  ? 9  ARG A HH12 6  
ATOM   912  H HH21 . ARG A 1 7  ? -4.045 5.397  -4.730 1.00 0.00  ? 9  ARG A HH21 6  
ATOM   913  H HH22 . ARG A 1 7  ? -2.620 6.257  -5.537 1.00 0.00  ? 9  ARG A HH22 6  
ATOM   914  N N    . TRP A 1 8  ? -2.604 -2.550 -0.151 1.00 0.00  ? 10 TRP A N    6  
ATOM   915  C CA   . TRP A 1 8  ? -2.033 -3.893 0.125  1.00 0.00  ? 10 TRP A CA   6  
ATOM   916  C C    . TRP A 1 8  ? -1.772 -4.691 -1.197 1.00 0.00  ? 10 TRP A C    6  
ATOM   917  O O    . TRP A 1 8  ? -2.602 -4.741 -2.108 1.00 0.00  ? 10 TRP A O    6  
ATOM   918  C CB   . TRP A 1 8  ? -3.002 -4.595 1.109  1.00 0.00  ? 10 TRP A CB   6  
ATOM   919  C CG   . TRP A 1 8  ? -2.542 -5.969 1.598  1.00 0.00  ? 10 TRP A CG   6  
ATOM   920  C CD1  . TRP A 1 8  ? -2.935 -7.187 1.023  1.00 0.00  ? 10 TRP A CD1  6  
ATOM   921  C CD2  . TRP A 1 8  ? -1.604 -6.291 2.559  1.00 0.00  ? 10 TRP A CD2  6  
ATOM   922  N NE1  . TRP A 1 8  ? -2.250 -8.281 1.591  1.00 0.00  ? 10 TRP A NE1  6  
ATOM   923  C CE2  . TRP A 1 8  ? -1.421 -7.696 2.537  1.00 0.00  ? 10 TRP A CE2  6  
ATOM   924  C CE3  . TRP A 1 8  ? -0.850 -5.481 3.440  1.00 0.00  ? 10 TRP A CE3  6  
ATOM   925  C CZ2  . TRP A 1 8  ? -0.464 -8.299 3.387  1.00 0.00  ? 10 TRP A CZ2  6  
ATOM   926  C CZ3  . TRP A 1 8  ? 0.089  -6.095 4.272  1.00 0.00  ? 10 TRP A CZ3  6  
ATOM   927  C CH2  . TRP A 1 8  ? 0.281  -7.484 4.243  1.00 0.00  ? 10 TRP A CH2  6  
ATOM   928  H H    . TRP A 1 8  ? -3.587 -2.460 -0.415 1.00 0.00  ? 10 TRP A H    6  
ATOM   929  H HA   . TRP A 1 8  ? -1.075 -3.763 0.671  1.00 0.00  ? 10 TRP A HA   6  
ATOM   930  H HB2  . TRP A 1 8  ? -3.156 -3.955 1.996  1.00 0.00  ? 10 TRP A HB2  6  
ATOM   931  H HB3  . TRP A 1 8  ? -3.998 -4.692 0.642  1.00 0.00  ? 10 TRP A HB3  6  
ATOM   932  H HD1  . TRP A 1 8  ? -3.626 -7.235 0.190  1.00 0.00  ? 10 TRP A HD1  6  
ATOM   933  H HE1  . TRP A 1 8  ? -2.351 -9.280 1.378  1.00 0.00  ? 10 TRP A HE1  6  
ATOM   934  H HE3  . TRP A 1 8  ? -1.001 -4.413 3.468  1.00 0.00  ? 10 TRP A HE3  6  
ATOM   935  H HZ2  . TRP A 1 8  ? -0.309 -9.368 3.369  1.00 0.00  ? 10 TRP A HZ2  6  
ATOM   936  H HZ3  . TRP A 1 8  ? 0.678  -5.491 4.945  1.00 0.00  ? 10 TRP A HZ3  6  
ATOM   937  H HH2  . TRP A 1 8  ? 1.016  -7.932 4.898  1.00 0.00  ? 10 TRP A HH2  6  
ATOM   938  N N    . LYS A 1 9  ? -0.602 -5.335 -1.252 1.00 74.43 ? 11 LYS A N    6  
ATOM   939  C CA   . LYS A 1 9  ? -0.151 -6.134 -2.427 1.00 4.20  ? 11 LYS A CA   6  
ATOM   940  C C    . LYS A 1 9  ? -0.863 -7.514 -2.615 1.00 11.04 ? 11 LYS A C    6  
ATOM   941  O O    . LYS A 1 9  ? -1.337 -7.840 -3.700 1.00 35.41 ? 11 LYS A O    6  
ATOM   942  C CB   . LYS A 1 9  ? 1.395  -6.297 -2.341 1.00 41.10 ? 11 LYS A CB   6  
ATOM   943  C CG   . LYS A 1 9  ? 2.259  -5.026 -2.524 1.00 44.10 ? 11 LYS A CG   6  
ATOM   944  C CD   . LYS A 1 9  ? 2.299  -4.492 -3.975 1.00 33.11 ? 11 LYS A CD   6  
ATOM   945  C CE   . LYS A 1 9  ? 3.153  -3.223 -4.160 1.00 70.12 ? 11 LYS A CE   6  
ATOM   946  N NZ   . LYS A 1 9  ? 2.484  -2.044 -3.572 1.00 43.51 ? 11 LYS A NZ   6  
ATOM   947  H H    . LYS A 1 9  ? -0.008 -5.183 -0.424 1.00 20.44 ? 11 LYS A H    6  
ATOM   948  H HA   . LYS A 1 9  ? -0.378 -5.561 -3.347 1.00 50.52 ? 11 LYS A HA   6  
ATOM   949  H HB2  . LYS A 1 9  ? 1.654  -6.759 -1.367 1.00 0.00  ? 11 LYS A HB2  6  
ATOM   950  H HB3  . LYS A 1 9  ? 1.726  -7.044 -3.083 1.00 63.23 ? 11 LYS A HB3  6  
ATOM   951  H HG2  . LYS A 1 9  ? 1.913  -4.236 -1.830 1.00 0.00  ? 11 LYS A HG2  6  
ATOM   952  H HG3  . LYS A 1 9  ? 3.292  -5.250 -2.195 1.00 60.25 ? 11 LYS A HG3  6  
ATOM   953  H HD2  . LYS A 1 9  ? 2.706  -5.284 -4.632 1.00 0.00  ? 11 LYS A HD2  6  
ATOM   954  H HD3  . LYS A 1 9  ? 1.275  -4.309 -4.356 1.00 13.13 ? 11 LYS A HD3  6  
ATOM   955  H HE2  . LYS A 1 9  ? 4.162  -3.371 -3.722 1.00 0.00  ? 11 LYS A HE2  6  
ATOM   956  H HE3  . LYS A 1 9  ? 3.323  -3.043 -5.239 1.00 35.55 ? 11 LYS A HE3  6  
ATOM   957  H HZ1  . LYS A 1 9  ? 1.526  -2.073 -3.210 1.00 44.51 ? 11 LYS A HZ1  6  
HETATM 958  N N    . NH2 A 1 10 ? -0.955 -8.391 -1.631 1.00 24.35 ? 12 NH2 A N    6  
HETATM 959  H HN1  . NH2 A 1 10 ? -0.732 -8.042 -0.693 1.00 71.12 ? 12 NH2 A HN1  6  
HETATM 960  H HN2  . NH2 A 1 10 ? -1.503 -9.218 -1.882 1.00 14.20 ? 12 NH2 A HN2  6  
HETATM 961  C C    . ACE A 1 1  ? 2.472  -5.119 0.266  1.00 1.42  ? 3  ACE A C    7  
HETATM 962  O O    . ACE A 1 1  ? 1.268  -5.366 0.320  1.00 25.23 ? 3  ACE A O    7  
HETATM 963  C CH3  . ACE A 1 1  ? 3.457  -6.157 -0.237 1.00 11.32 ? 3  ACE A CH3  7  
HETATM 964  H H1   . ACE A 1 1  ? 2.940  -7.098 -0.495 1.00 11.05 ? 3  ACE A H1   7  
HETATM 965  H H2   . ACE A 1 1  ? 3.982  -5.809 -1.144 1.00 31.00 ? 3  ACE A H2   7  
HETATM 966  H H3   . ACE A 1 1  ? 4.213  -6.402 0.532  1.00 0.00  ? 3  ACE A H3   7  
HETATM 967  N N    . NLE A 1 2  ? 3.017  -3.960 0.623  1.00 24.32 ? 4  NLE A N    7  
HETATM 968  C CA   . NLE A 1 2  ? 2.228  -2.802 1.134  1.00 22.54 ? 4  NLE A CA   7  
HETATM 969  C C    . NLE A 1 2  ? 2.861  -1.483 0.596  1.00 51.12 ? 4  NLE A C    7  
HETATM 970  O O    . NLE A 1 2  ? 4.038  -1.187 0.822  1.00 4.44  ? 4  NLE A O    7  
HETATM 971  C CB   . NLE A 1 2  ? 2.197  -2.858 2.678  1.00 51.41 ? 4  NLE A CB   7  
HETATM 972  C CG   . NLE A 1 2  ? 1.297  -1.825 3.389  1.00 53.53 ? 4  NLE A CG   7  
HETATM 973  C CD   . NLE A 1 2  ? 1.383  -1.933 4.924  1.00 13.25 ? 4  NLE A CD   7  
HETATM 974  C CE   . NLE A 1 2  ? 0.743  -0.737 5.639  1.00 21.12 ? 4  NLE A CE   7  
HETATM 975  H H    . NLE A 1 2  ? 4.035  -3.919 0.512  1.00 73.41 ? 4  NLE A H    7  
HETATM 976  H HA   . NLE A 1 2  ? 1.180  -2.885 0.779  1.00 13.34 ? 4  NLE A HA   7  
HETATM 977  H HB2  . NLE A 1 2  ? 3.233  -2.755 3.047  1.00 12.25 ? 4  NLE A HB2  7  
HETATM 978  H HB3  . NLE A 1 2  ? 1.863  -3.866 2.974  1.00 64.43 ? 4  NLE A HB3  7  
HETATM 979  H HG2  . NLE A 1 2  ? 0.247  -1.927 3.057  1.00 24.40 ? 4  NLE A HG2  7  
HETATM 980  H HG3  . NLE A 1 2  ? 1.608  -0.816 3.081  1.00 61.35 ? 4  NLE A HG3  7  
HETATM 981  H HD2  . NLE A 1 2  ? 2.441  -1.999 5.243  1.00 34.12 ? 4  NLE A HD2  7  
HETATM 982  H HD3  . NLE A 1 2  ? 0.906  -2.871 5.262  1.00 2.42  ? 4  NLE A HD3  7  
HETATM 983  H HE1  . NLE A 1 2  ? 0.778  -0.860 6.737  1.00 35.54 ? 4  NLE A HE1  7  
HETATM 984  H HE2  . NLE A 1 2  ? 1.278  0.206  5.413  1.00 13.20 ? 4  NLE A HE2  7  
HETATM 985  H HE3  . NLE A 1 2  ? -0.315 -0.596 5.356  1.00 14.24 ? 4  NLE A HE3  7  
ATOM   986  N N    . ASP A 1 3  ? 2.057  -0.705 -0.133 1.00 42.23 ? 5  ASP A N    7  
ATOM   987  C CA   . ASP A 1 3  ? 2.559  0.398  -1.000 1.00 14.33 ? 5  ASP A CA   7  
ATOM   988  C C    . ASP A 1 3  ? 1.972  1.796  -0.585 1.00 70.04 ? 5  ASP A C    7  
ATOM   989  O O    . ASP A 1 3  ? 0.740  1.916  -0.549 1.00 71.01 ? 5  ASP A O    7  
ATOM   990  C CB   . ASP A 1 3  ? 2.191  0.084  -2.471 1.00 73.01 ? 5  ASP A CB   7  
ATOM   991  C CG   . ASP A 1 3  ? 2.909  -1.122 -3.096 1.00 3.02  ? 5  ASP A CG   7  
ATOM   992  O OD1  . ASP A 1 3  ? 4.137  -1.134 -3.180 1.00 41.31 ? 5  ASP A OD1  7  
ATOM   993  H H    . ASP A 1 3  ? 1.105  -1.094 -0.212 1.00 62.10 ? 5  ASP A H    7  
ATOM   994  H HA   . ASP A 1 3  ? 3.665  0.436  -0.956 1.00 60.50 ? 5  ASP A HA   7  
ATOM   995  H HB2  . ASP A 1 3  ? 1.090  0.006  -2.566 1.00 0.00  ? 5  ASP A HB2  7  
ATOM   996  H HB3  . ASP A 1 3  ? 2.464  0.955  -3.085 1.00 72.20 ? 5  ASP A HB3  7  
ATOM   997  N N    . PRO A 1 4  ? 2.764  2.877  -0.289 1.00 64.04 ? 6  PRO A N    7  
ATOM   998  C CA   . PRO A 1 4  ? 2.211  4.186  0.166  1.00 44.43 ? 6  PRO A CA   7  
ATOM   999  C C    . PRO A 1 4  ? 1.367  4.976  -0.902 1.00 31.44 ? 6  PRO A C    7  
ATOM   1000 O O    . PRO A 1 4  ? 1.764  4.962  -2.074 1.00 1.02  ? 6  PRO A O    7  
ATOM   1001 C CB   . PRO A 1 4  ? 3.471  4.939  0.640  1.00 53.11 ? 6  PRO A CB   7  
ATOM   1002 C CG   . PRO A 1 4  ? 4.633  4.307  -0.126 1.00 4.15  ? 6  PRO A CG   7  
ATOM   1003 C CD   . PRO A 1 4  ? 4.238  2.838  -0.264 1.00 41.55 ? 6  PRO A CD   7  
ATOM   1004 H HA   . PRO A 1 4  ? 1.596  3.994  1.059  1.00 15.04 ? 6  PRO A HA   7  
ATOM   1005 H HB2  . PRO A 1 4  ? 3.414  6.034  0.491  1.00 0.00  ? 6  PRO A HB2  7  
ATOM   1006 H HB3  . PRO A 1 4  ? 3.613  4.785  1.728  1.00 62.32 ? 6  PRO A HB3  7  
ATOM   1007 H HG2  . PRO A 1 4  ? 4.717  4.769  -1.130 1.00 0.00  ? 6  PRO A HG2  7  
ATOM   1008 H HG3  . PRO A 1 4  ? 5.606  4.443  0.378  1.00 31.02 ? 6  PRO A HG3  7  
ATOM   1009 H HD2  . PRO A 1 4  ? 4.673  2.397  -1.180 1.00 0.00  ? 6  PRO A HD2  7  
ATOM   1010 H HD3  . PRO A 1 4  ? 4.587  2.243  0.606  1.00 72.34 ? 6  PRO A HD3  7  
ATOM   1011 N N    . PRO A 1 5  ? 0.224  5.667  -0.582 1.00 22.14 ? 7  PRO A N    7  
ATOM   1012 C CA   . PRO A 1 5  ? -0.260 5.927  0.816  1.00 10.30 ? 7  PRO A CA   7  
ATOM   1013 C C    . PRO A 1 5  ? -0.923 4.803  1.691  1.00 31.43 ? 7  PRO A C    7  
ATOM   1014 O O    . PRO A 1 5  ? -1.362 5.099  2.805  1.00 11.54 ? 7  PRO A O    7  
ATOM   1015 C CB   . PRO A 1 5  ? -1.258 7.091  0.600  1.00 73.35 ? 7  PRO A CB   7  
ATOM   1016 C CG   . PRO A 1 5  ? -0.891 7.725  -0.739 1.00 73.14 ? 7  PRO A CG   7  
ATOM   1017 C CD   . PRO A 1 5  ? -0.452 6.530  -1.576 1.00 50.35 ? 7  PRO A CD   7  
ATOM   1018 H HA   . PRO A 1 5  ? 0.590  6.320  1.409  1.00 70.33 ? 7  PRO A HA   7  
ATOM   1019 H HB2  . PRO A 1 5  ? -2.302 6.722  0.548  1.00 0.00  ? 7  PRO A HB2  7  
ATOM   1020 H HB3  . PRO A 1 5  ? -1.232 7.821  1.432  1.00 33.33 ? 7  PRO A HB3  7  
ATOM   1021 H HG2  . PRO A 1 5  ? -1.731 8.281  -1.195 1.00 0.00  ? 7  PRO A HG2  7  
ATOM   1022 H HG3  . PRO A 1 5  ? -0.053 8.440  -0.615 1.00 23.41 ? 7  PRO A HG3  7  
ATOM   1023 H HD2  . PRO A 1 5  ? -1.317 5.996  -2.016 1.00 0.00  ? 7  PRO A HD2  7  
ATOM   1024 H HD3  . PRO A 1 5  ? 0.199  6.848  -2.416 1.00 41.43 ? 7  PRO A HD3  7  
HETATM 1025 N N    . 4J2 A 1 6  ? -0.980 3.540  1.234  1.00 55.11 ? 8  4J2 A N    7  
HETATM 1026 C CA   . 4J2 A 1 6  ? -1.487 2.387  2.031  1.00 24.43 ? 8  4J2 A CA   7  
HETATM 1027 C CB   . 4J2 A 1 6  ? -0.336 1.500  2.596  1.00 10.34 ? 8  4J2 A CB   7  
HETATM 1028 C CG   . 4J2 A 1 6  ? 0.848  2.147  3.323  1.00 12.23 ? 8  4J2 A CG   7  
HETATM 1029 C CD1  . 4J2 A 1 6  ? 2.147  1.836  2.929  1.00 0.11  ? 8  4J2 A CD1  7  
HETATM 1030 C CD2  . 4J2 A 1 6  ? 0.638  3.028  4.374  1.00 72.21 ? 8  4J2 A CD2  7  
HETATM 1031 C CE1  . 4J2 A 1 6  ? 3.245  2.422  3.541  1.00 51.02 ? 8  4J2 A CE1  7  
HETATM 1032 C CZ1  . 4J2 A 1 6  ? 3.053  3.341  4.570  1.00 50.12 ? 8  4J2 A CZ1  7  
HETATM 1033 C CZ2  . 4J2 A 1 6  ? 4.135  3.974  5.173  1.00 30.24 ? 8  4J2 A CZ2  7  
HETATM 1034 C CZ3  . 4J2 A 1 6  ? 3.924  4.897  6.194  1.00 44.51 ? 8  4J2 A CZ3  7  
HETATM 1035 C CE2  . 4J2 A 1 6  ? 1.717  3.652  5.004  1.00 75.11 ? 8  4J2 A CE2  7  
HETATM 1036 C CE3  . 4J2 A 1 6  ? 1.531  4.581  6.030  1.00 3.32  ? 8  4J2 A CE3  7  
HETATM 1037 C CE4  . 4J2 A 1 6  ? 2.633  5.197  6.620  1.00 51.13 ? 8  4J2 A CE4  7  
HETATM 1038 C C    . 4J2 A 1 6  ? -2.470 1.496  1.205  1.00 22.34 ? 8  4J2 A C    7  
HETATM 1039 H HE1  . 4J2 A 1 6  ? 4.235  2.164  3.195  1.00 0.00  ? 8  4J2 A HE1  7  
HETATM 1040 O O    . 4J2 A 1 6  ? -3.569 1.188  1.669  1.00 52.33 ? 8  4J2 A O    7  
HETATM 1041 H HE3  . 4J2 A 1 6  ? 0.538  4.837  6.374  1.00 0.00  ? 8  4J2 A HE3  7  
HETATM 1042 H HE4  . 4J2 A 1 6  ? 2.482  5.917  7.411  1.00 0.00  ? 8  4J2 A HE4  7  
HETATM 1043 H H    . 4J2 A 1 6  ? -0.403 3.362  0.404  1.00 71.33 ? 8  4J2 A H    7  
HETATM 1044 H HA   . 4J2 A 1 6  ? -2.046 2.749  2.909  1.00 41.44 ? 8  4J2 A HA   7  
HETATM 1045 H HB2  . 4J2 A 1 6  ? -0.791 0.779  3.290  1.00 40.54 ? 8  4J2 A HB2  7  
HETATM 1046 H HB1  . 4J2 A 1 6  ? 0.057  0.864  1.786  1.00 60.00 ? 8  4J2 A HB1  7  
HETATM 1047 H HD1  . 4J2 A 1 6  ? 2.293  1.148  2.115  1.00 0.00  ? 8  4J2 A HD1  7  
HETATM 1048 H HD2  . 4J2 A 1 6  ? -0.389 3.222  4.634  1.00 0.00  ? 8  4J2 A HD2  7  
HETATM 1049 H HZ2  . 4J2 A 1 6  ? 5.139  3.751  4.836  1.00 0.00  ? 8  4J2 A HZ2  7  
HETATM 1050 H HZ23 . 4J2 A 1 6  ? 4.770  5.387  6.657  1.00 0.00  ? 8  4J2 A HZ23 7  
ATOM   1051 N N    . ARG A 1 7  ? -2.027 1.021  0.025  1.00 0.00  ? 9  ARG A N    7  
ATOM   1052 C CA   . ARG A 1 7  ? -2.669 -0.101 -0.703 1.00 0.00  ? 9  ARG A CA   7  
ATOM   1053 C C    . ARG A 1 7  ? -1.937 -1.439 -0.369 1.00 0.00  ? 9  ARG A C    7  
ATOM   1054 O O    . ARG A 1 7  ? -0.701 -1.507 -0.312 1.00 0.00  ? 9  ARG A O    7  
ATOM   1055 C CB   . ARG A 1 7  ? -2.597 0.169  -2.226 1.00 0.00  ? 9  ARG A CB   7  
ATOM   1056 C CG   . ARG A 1 7  ? -3.439 1.360  -2.751 1.00 0.00  ? 9  ARG A CG   7  
ATOM   1057 C CD   . ARG A 1 7  ? -3.316 1.594  -4.270 1.00 0.00  ? 9  ARG A CD   7  
ATOM   1058 N NE   . ARG A 1 7  ? -4.006 0.522  -5.036 1.00 0.00  ? 9  ARG A NE   7  
ATOM   1059 C CZ   . ARG A 1 7  ? -4.023 0.410  -6.362 1.00 0.00  ? 9  ARG A CZ   7  
ATOM   1060 N NH1  . ARG A 1 7  ? -3.434 1.242  -7.182 1.00 0.00  ? 9  ARG A NH1  7  
ATOM   1061 N NH2  . ARG A 1 7  ? -4.668 -0.592 -6.864 1.00 0.00  ? 9  ARG A NH2  7  
ATOM   1062 H H    . ARG A 1 7  ? -1.070 1.333  -0.198 1.00 0.00  ? 9  ARG A H    7  
ATOM   1063 H HA   . ARG A 1 7  ? -3.740 -0.178 -0.420 1.00 0.00  ? 9  ARG A HA   7  
ATOM   1064 H HB2  . ARG A 1 7  ? -1.540 0.285  -2.525 1.00 0.00  ? 9  ARG A HB2  7  
ATOM   1065 H HB3  . ARG A 1 7  ? -2.934 -0.740 -2.759 1.00 0.00  ? 9  ARG A HB3  7  
ATOM   1066 H HG2  . ARG A 1 7  ? -4.505 1.225  -2.483 1.00 0.00  ? 9  ARG A HG2  7  
ATOM   1067 H HG3  . ARG A 1 7  ? -3.128 2.285  -2.227 1.00 0.00  ? 9  ARG A HG3  7  
ATOM   1068 H HD2  . ARG A 1 7  ? -3.768 2.574  -4.525 1.00 0.00  ? 9  ARG A HD2  7  
ATOM   1069 H HD3  . ARG A 1 7  ? -2.248 1.664  -4.559 1.00 0.00  ? 9  ARG A HD3  7  
ATOM   1070 H HH11 . ARG A 1 7  ? -2.949 2.009  -6.713 1.00 0.00  ? 9  ARG A HH11 7  
ATOM   1071 H HH12 . ARG A 1 7  ? -3.520 1.053  -8.180 1.00 0.00  ? 9  ARG A HH12 7  
ATOM   1072 H HH21 . ARG A 1 7  ? -5.092 -1.179 -6.145 1.00 0.00  ? 9  ARG A HH21 7  
ATOM   1073 H HH22 . ARG A 1 7  ? -4.690 -0.688 -7.881 1.00 0.00  ? 9  ARG A HH22 7  
ATOM   1074 N N    . TRP A 1 8  ? -2.712 -2.515 -0.181 1.00 0.00  ? 10 TRP A N    7  
ATOM   1075 C CA   . TRP A 1 8  ? -2.162 -3.865 0.087  1.00 0.00  ? 10 TRP A CA   7  
ATOM   1076 C C    . TRP A 1 8  ? -2.121 -4.705 -1.227 1.00 0.00  ? 10 TRP A C    7  
ATOM   1077 O O    . TRP A 1 8  ? -3.126 -4.910 -1.913 1.00 0.00  ? 10 TRP A O    7  
ATOM   1078 C CB   . TRP A 1 8  ? -3.015 -4.505 1.208  1.00 0.00  ? 10 TRP A CB   7  
ATOM   1079 C CG   . TRP A 1 8  ? -2.587 -5.918 1.615  1.00 0.00  ? 10 TRP A CG   7  
ATOM   1080 C CD1  . TRP A 1 8  ? -3.151 -7.095 1.092  1.00 0.00  ? 10 TRP A CD1  7  
ATOM   1081 C CD2  . TRP A 1 8  ? -1.539 -6.325 2.416  1.00 0.00  ? 10 TRP A CD2  7  
ATOM   1082 N NE1  . TRP A 1 8  ? -2.482 -8.246 1.555  1.00 0.00  ? 10 TRP A NE1  7  
ATOM   1083 C CE2  . TRP A 1 8  ? -1.479 -7.742 2.368  1.00 0.00  ? 10 TRP A CE2  7  
ATOM   1084 C CE3  . TRP A 1 8  ? -0.581 -5.588 3.153  1.00 0.00  ? 10 TRP A CE3  7  
ATOM   1085 C CZ2  . TRP A 1 8  ? -0.454 -8.429 3.057  1.00 0.00  ? 10 TRP A CZ2  7  
ATOM   1086 C CZ3  . TRP A 1 8  ? 0.417  -6.289 3.833  1.00 0.00  ? 10 TRP A CZ3  7  
ATOM   1087 C CH2  . TRP A 1 8  ? 0.482  -7.688 3.785  1.00 0.00  ? 10 TRP A CH2  7  
ATOM   1088 H H    . TRP A 1 8  ? -3.673 -2.410 -0.516 1.00 0.00  ? 10 TRP A H    7  
ATOM   1089 H HA   . TRP A 1 8  ? -1.138 -3.773 0.510  1.00 0.00  ? 10 TRP A HA   7  
ATOM   1090 H HB2  . TRP A 1 8  ? -2.986 -3.863 2.105  1.00 0.00  ? 10 TRP A HB2  7  
ATOM   1091 H HB3  . TRP A 1 8  ? -4.075 -4.527 0.898  1.00 0.00  ? 10 TRP A HB3  7  
ATOM   1092 H HD1  . TRP A 1 8  ? -3.948 -7.079 0.360  1.00 0.00  ? 10 TRP A HD1  7  
ATOM   1093 H HE1  . TRP A 1 8  ? -2.653 -9.226 1.300  1.00 0.00  ? 10 TRP A HE1  7  
ATOM   1094 H HE3  . TRP A 1 8  ? -0.616 -4.508 3.178  1.00 0.00  ? 10 TRP A HE3  7  
ATOM   1095 H HZ2  . TRP A 1 8  ? -0.392 -9.506 3.017  1.00 0.00  ? 10 TRP A HZ2  7  
ATOM   1096 H HZ3  . TRP A 1 8  ? 1.155  -5.744 4.403  1.00 0.00  ? 10 TRP A HZ3  7  
ATOM   1097 H HH2  . TRP A 1 8  ? 1.269  -8.202 4.316  1.00 0.00  ? 10 TRP A HH2  7  
ATOM   1098 N N    . LYS A 1 9  ? -0.931 -5.232 -1.506 1.00 74.43 ? 11 LYS A N    7  
ATOM   1099 C CA   . LYS A 1 9  ? -0.691 -6.242 -2.569 1.00 4.20  ? 11 LYS A CA   7  
ATOM   1100 C C    . LYS A 1 9  ? -0.589 -7.698 -2.006 1.00 11.04 ? 11 LYS A C    7  
ATOM   1101 O O    . LYS A 1 9  ? -1.239 -8.616 -2.500 1.00 35.41 ? 11 LYS A O    7  
ATOM   1102 C CB   . LYS A 1 9  ? 0.579  -5.806 -3.351 1.00 41.10 ? 11 LYS A CB   7  
ATOM   1103 C CG   . LYS A 1 9  ? 0.360  -4.607 -4.306 1.00 44.10 ? 11 LYS A CG   7  
ATOM   1104 C CD   . LYS A 1 9  ? 1.643  -4.085 -4.996 1.00 33.11 ? 11 LYS A CD   7  
ATOM   1105 C CE   . LYS A 1 9  ? 2.677  -3.366 -4.102 1.00 70.12 ? 11 LYS A CE   7  
ATOM   1106 N NZ   . LYS A 1 9  ? 2.131  -2.118 -3.525 1.00 43.51 ? 11 LYS A NZ   7  
ATOM   1107 H H    . LYS A 1 9  ? -0.212 -5.008 -0.803 1.00 20.44 ? 11 LYS A H    7  
ATOM   1108 H HA   . LYS A 1 9  ? -1.537 -6.261 -3.287 1.00 50.52 ? 11 LYS A HA   7  
ATOM   1109 H HB2  . LYS A 1 9  ? 1.399  -5.588 -2.638 1.00 0.00  ? 11 LYS A HB2  7  
ATOM   1110 H HB3  . LYS A 1 9  ? 0.949  -6.659 -3.944 1.00 63.23 ? 11 LYS A HB3  7  
ATOM   1111 H HG2  . LYS A 1 9  ? -0.368 -4.903 -5.086 1.00 0.00  ? 11 LYS A HG2  7  
ATOM   1112 H HG3  . LYS A 1 9  ? -0.135 -3.776 -3.770 1.00 60.25 ? 11 LYS A HG3  7  
ATOM   1113 H HD2  . LYS A 1 9  ? 2.141  -4.927 -5.511 1.00 0.00  ? 11 LYS A HD2  7  
ATOM   1114 H HD3  . LYS A 1 9  ? 1.352  -3.398 -5.813 1.00 13.13 ? 11 LYS A HD3  7  
ATOM   1115 H HE2  . LYS A 1 9  ? 3.027  -4.034 -3.290 1.00 0.00  ? 11 LYS A HE2  7  
ATOM   1116 H HE3  . LYS A 1 9  ? 3.582  -3.150 -4.708 1.00 35.55 ? 11 LYS A HE3  7  
ATOM   1117 H HZ1  . LYS A 1 9  ? 1.129  -1.975 -3.374 1.00 44.51 ? 11 LYS A HZ1  7  
HETATM 1118 N N    . NH2 A 1 10 ? 0.204  -8.005 -0.991 1.00 24.35 ? 12 NH2 A N    7  
HETATM 1119 H HN1  . NH2 A 1 10 ? 0.577  -7.206 -0.461 1.00 71.12 ? 12 NH2 A HN1  7  
HETATM 1120 H HN2  . NH2 A 1 10 ? 0.077  -8.966 -0.663 1.00 14.20 ? 12 NH2 A HN2  7  
HETATM 1121 C C    . ACE A 1 1  ? 2.749  -4.868 0.321  1.00 1.42  ? 3  ACE A C    8  
HETATM 1122 O O    . ACE A 1 1  ? 1.726  -4.666 -0.331 1.00 25.23 ? 3  ACE A O    8  
HETATM 1123 C CH3  . ACE A 1 1  ? 3.578  -6.117 0.096  1.00 11.32 ? 3  ACE A CH3  8  
HETATM 1124 H H1   . ACE A 1 1  ? 3.688  -6.703 1.025  1.00 11.05 ? 3  ACE A H1   8  
HETATM 1125 H H2   . ACE A 1 1  ? 3.091  -6.775 -0.647 1.00 31.00 ? 3  ACE A H2   8  
HETATM 1126 H H3   . ACE A 1 1  ? 4.584  -5.868 -0.287 1.00 0.00  ? 3  ACE A H3   8  
HETATM 1127 N N    . NLE A 1 2  ? 3.197  -4.036 1.259  1.00 24.32 ? 4  NLE A N    8  
HETATM 1128 C CA   . NLE A 1 2  ? 2.476  -2.786 1.634  1.00 22.54 ? 4  NLE A CA   8  
HETATM 1129 C C    . NLE A 1 2  ? 3.121  -1.532 0.961  1.00 51.12 ? 4  NLE A C    8  
HETATM 1130 O O    . NLE A 1 2  ? 4.303  -1.223 1.135  1.00 4.44  ? 4  NLE A O    8  
HETATM 1131 C CB   . NLE A 1 2  ? 2.406  -2.728 3.175  1.00 51.41 ? 4  NLE A CB   8  
HETATM 1132 C CG   . NLE A 1 2  ? 1.519  -1.608 3.761  1.00 53.53 ? 4  NLE A CG   8  
HETATM 1133 C CD   . NLE A 1 2  ? 1.130  -1.791 5.238  1.00 13.25 ? 4  NLE A CD   8  
HETATM 1134 C CE   . NLE A 1 2  ? 2.286  -1.528 6.211  1.00 21.12 ? 4  NLE A CE   8  
HETATM 1135 H H    . NLE A 1 2  ? 4.074  -4.322 1.701  1.00 73.41 ? 4  NLE A H    8  
HETATM 1136 H HA   . NLE A 1 2  ? 1.420  -2.876 1.309  1.00 13.34 ? 4  NLE A HA   8  
HETATM 1137 H HB2  . NLE A 1 2  ? 3.427  -2.634 3.580  1.00 12.25 ? 4  NLE A HB2  8  
HETATM 1138 H HB3  . NLE A 1 2  ? 2.015  -3.694 3.535  1.00 64.43 ? 4  NLE A HB3  8  
HETATM 1139 H HG2  . NLE A 1 2  ? 0.592  -1.488 3.167  1.00 24.40 ? 4  NLE A HG2  8  
HETATM 1140 H HG3  . NLE A 1 2  ? 2.059  -0.656 3.647  1.00 61.35 ? 4  NLE A HG3  8  
HETATM 1141 H HD2  . NLE A 1 2  ? 0.708  -2.800 5.403  1.00 34.12 ? 4  NLE A HD2  8  
HETATM 1142 H HD3  . NLE A 1 2  ? 0.308  -1.090 5.476  1.00 2.42  ? 4  NLE A HD3  8  
HETATM 1143 H HE1  . NLE A 1 2  ? 2.688  -0.504 6.096  1.00 35.54 ? 4  NLE A HE1  8  
HETATM 1144 H HE2  . NLE A 1 2  ? 1.957  -1.634 7.261  1.00 13.20 ? 4  NLE A HE2  8  
HETATM 1145 H HE3  . NLE A 1 2  ? 3.123  -2.235 6.055  1.00 14.24 ? 4  NLE A HE3  8  
ATOM   1146 N N    . ASP A 1 3  ? 2.301  -0.833 0.172  1.00 42.23 ? 5  ASP A N    8  
ATOM   1147 C CA   . ASP A 1 3  ? 2.742  0.241  -0.762 1.00 14.33 ? 5  ASP A CA   8  
ATOM   1148 C C    . ASP A 1 3  ? 2.054  1.621  -0.446 1.00 70.04 ? 5  ASP A C    8  
ATOM   1149 O O    . ASP A 1 3  ? 0.846  1.632  -0.182 1.00 71.01 ? 5  ASP A O    8  
ATOM   1150 C CB   . ASP A 1 3  ? 2.364  -0.194 -2.202 1.00 73.01 ? 5  ASP A CB   8  
ATOM   1151 C CG   . ASP A 1 3  ? 3.223  -1.291 -2.841 1.00 3.02  ? 5  ASP A CG   8  
ATOM   1152 O OD1  . ASP A 1 3  ? 4.258  -0.994 -3.438 1.00 41.31 ? 5  ASP A OD1  8  
ATOM   1153 H H    . ASP A 1 3  ? 1.328  -1.179 0.214  1.00 62.10 ? 5  ASP A H    8  
ATOM   1154 H HA   . ASP A 1 3  ? 3.842  0.359  -0.711 1.00 60.50 ? 5  ASP A HA   8  
ATOM   1155 H HB2  . ASP A 1 3  ? 1.290  -0.455 -2.258 1.00 0.00  ? 5  ASP A HB2  8  
ATOM   1156 H HB3  . ASP A 1 3  ? 2.455  0.680  -2.868 1.00 72.20 ? 5  ASP A HB3  8  
ATOM   1157 N N    . PRO A 1 4  ? 2.727  2.810  -0.483 1.00 64.04 ? 6  PRO A N    8  
ATOM   1158 C CA   . PRO A 1 4  ? 2.067  4.117  -0.182 1.00 44.43 ? 6  PRO A CA   8  
ATOM   1159 C C    . PRO A 1 4  ? 1.041  4.620  -1.271 1.00 31.44 ? 6  PRO A C    8  
ATOM   1160 O O    . PRO A 1 4  ? 1.261  4.331  -2.455 1.00 1.02  ? 6  PRO A O    8  
ATOM   1161 C CB   . PRO A 1 4  ? 3.290  5.039  -0.005 1.00 53.11 ? 6  PRO A CB   8  
ATOM   1162 C CG   . PRO A 1 4  ? 4.374  4.447  -0.909 1.00 4.15  ? 6  PRO A CG   8  
ATOM   1163 C CD   . PRO A 1 4  ? 4.160  2.936  -0.815 1.00 41.55 ? 6  PRO A CD   8  
ATOM   1164 H HA   . PRO A 1 4  ? 1.560  4.034  0.794  1.00 15.04 ? 6  PRO A HA   8  
ATOM   1165 H HB2  . PRO A 1 4  ? 3.078  6.100  -0.238 1.00 0.00  ? 6  PRO A HB2  8  
ATOM   1166 H HB3  . PRO A 1 4  ? 3.627  5.014  1.050  1.00 62.32 ? 6  PRO A HB3  8  
ATOM   1167 H HG2  . PRO A 1 4  ? 4.222  4.786  -1.953 1.00 0.00  ? 6  PRO A HG2  8  
ATOM   1168 H HG3  . PRO A 1 4  ? 5.395  4.753  -0.613 1.00 31.02 ? 6  PRO A HG3  8  
ATOM   1169 H HD2  . PRO A 1 4  ? 4.418  2.435  -1.771 1.00 0.00  ? 6  PRO A HD2  8  
ATOM   1170 H HD3  . PRO A 1 4  ? 4.783  2.491  -0.015 1.00 72.34 ? 6  PRO A HD3  8  
ATOM   1171 N N    . PRO A 1 5  ? -0.069 5.367  -0.963 1.00 22.14 ? 7  PRO A N    8  
ATOM   1172 C CA   . PRO A 1 5  ? -0.390 5.910  0.391  1.00 10.30 ? 7  PRO A CA   8  
ATOM   1173 C C    . PRO A 1 5  ? -1.437 5.073  1.218  1.00 31.43 ? 7  PRO A C    8  
ATOM   1174 O O    . PRO A 1 5  ? -2.516 5.553  1.578  1.00 11.54 ? 7  PRO A O    8  
ATOM   1175 C CB   . PRO A 1 5  ? -0.881 7.315  -0.021 1.00 73.35 ? 7  PRO A CB   8  
ATOM   1176 C CG   . PRO A 1 5  ? -1.661 7.097  -1.321 1.00 73.14 ? 7  PRO A CG   8  
ATOM   1177 C CD   . PRO A 1 5  ? -0.912 5.963  -2.023 1.00 50.35 ? 7  PRO A CD   8  
ATOM   1178 H HA   . PRO A 1 5  ? 0.510  6.042  1.019  1.00 70.33 ? 7  PRO A HA   8  
ATOM   1179 H HB2  . PRO A 1 5  ? -1.488 7.811  0.759  1.00 0.00  ? 7  PRO A HB2  8  
ATOM   1180 H HB3  . PRO A 1 5  ? -0.015 7.982  -0.205 1.00 33.33 ? 7  PRO A HB3  8  
ATOM   1181 H HG2  . PRO A 1 5  ? -2.696 6.780  -1.092 1.00 0.00  ? 7  PRO A HG2  8  
ATOM   1182 H HG3  . PRO A 1 5  ? -1.729 8.011  -1.939 1.00 23.41 ? 7  PRO A HG3  8  
ATOM   1183 H HD2  . PRO A 1 5  ? -1.605 5.216  -2.457 1.00 0.00  ? 7  PRO A HD2  8  
ATOM   1184 H HD3  . PRO A 1 5  ? -0.290 6.355  -2.850 1.00 41.43 ? 7  PRO A HD3  8  
HETATM 1185 N N    . 4J2 A 1 6  ? -1.085 3.822  1.535  1.00 55.11 ? 8  4J2 A N    8  
HETATM 1186 C CA   . 4J2 A 1 6  ? -1.919 2.882  2.338  1.00 24.43 ? 8  4J2 A CA   8  
HETATM 1187 C CB   . 4J2 A 1 6  ? -1.151 2.276  3.566  1.00 10.34 ? 8  4J2 A CB   8  
HETATM 1188 C CG   . 4J2 A 1 6  ? 0.374  2.455  3.719  1.00 12.23 ? 8  4J2 A CG   8  
HETATM 1189 C CD1  . 4J2 A 1 6  ? 1.245  1.733  2.912  1.00 0.11  ? 8  4J2 A CD1  8  
HETATM 1190 C CD2  . 4J2 A 1 6  ? 0.881  3.393  4.612  1.00 72.21 ? 8  4J2 A CD2  8  
HETATM 1191 C CE1  . 4J2 A 1 6  ? 2.619  1.942  2.968  1.00 51.02 ? 8  4J2 A CE1  8  
HETATM 1192 C CZ1  . 4J2 A 1 6  ? 3.143  2.896  3.838  1.00 50.12 ? 8  4J2 A CZ1  8  
HETATM 1193 C CZ2  . 4J2 A 1 6  ? 4.515  3.147  3.899  1.00 30.24 ? 8  4J2 A CZ2  8  
HETATM 1194 C CZ3  . 4J2 A 1 6  ? 5.012  4.107  4.775  1.00 44.51 ? 8  4J2 A CZ3  8  
HETATM 1195 C CE2  . 4J2 A 1 6  ? 2.253  3.639  4.687  1.00 75.11 ? 8  4J2 A CE2  8  
HETATM 1196 C CE3  . 4J2 A 1 6  ? 2.776  4.596  5.557  1.00 3.32  ? 8  4J2 A CE3  8  
HETATM 1197 C CE4  . 4J2 A 1 6  ? 4.149  4.827  5.597  1.00 51.13 ? 8  4J2 A CE4  8  
HETATM 1198 C C    . 4J2 A 1 6  ? -2.599 1.810  1.429  1.00 22.34 ? 8  4J2 A C    8  
HETATM 1199 H HE1  . 4J2 A 1 6  ? 3.265  1.361  2.324  1.00 0.00  ? 8  4J2 A HE1  8  
HETATM 1200 O O    . 4J2 A 1 6  ? -3.827 1.780  1.316  1.00 52.33 ? 8  4J2 A O    8  
HETATM 1201 H HE3  . 4J2 A 1 6  ? 2.130  5.171  6.206  1.00 0.00  ? 8  4J2 A HE3  8  
HETATM 1202 H HE4  . 4J2 A 1 6  ? 4.548  5.570  6.274  1.00 0.00  ? 8  4J2 A HE4  8  
HETATM 1203 H H    . 4J2 A 1 6  ? -0.175 3.519  1.182  1.00 71.33 ? 8  4J2 A H    8  
HETATM 1204 H HA   . 4J2 A 1 6  ? -2.768 3.438  2.776  1.00 41.44 ? 8  4J2 A HA   8  
HETATM 1205 H HB2  . 4J2 A 1 6  ? -1.640 2.682  4.463  1.00 40.54 ? 8  4J2 A HB2  8  
HETATM 1206 H HB1  . 4J2 A 1 6  ? -1.363 1.198  3.652  1.00 60.00 ? 8  4J2 A HB1  8  
HETATM 1207 H HD1  . 4J2 A 1 6  ? 0.835  1.004  2.229  1.00 0.00  ? 8  4J2 A HD1  8  
HETATM 1208 H HD2  . 4J2 A 1 6  ? 0.176  3.919  5.232  1.00 0.00  ? 8  4J2 A HD2  8  
HETATM 1209 H HZ2  . 4J2 A 1 6  ? 5.208  2.602  3.273  1.00 0.00  ? 8  4J2 A HZ2  8  
HETATM 1210 H HZ23 . 4J2 A 1 6  ? 6.075  4.297  4.817  1.00 0.00  ? 8  4J2 A HZ23 8  
ATOM   1211 N N    . ARG A 1 7  ? -1.799 0.950  0.780  1.00 0.00  ? 9  ARG A N    8  
ATOM   1212 C CA   . ARG A 1 7  ? -2.276 -0.023 -0.238 1.00 0.00  ? 9  ARG A CA   8  
ATOM   1213 C C    . ARG A 1 7  ? -1.593 -1.408 -0.004 1.00 0.00  ? 9  ARG A C    8  
ATOM   1214 O O    . ARG A 1 7  ? -0.423 -1.487 0.385  1.00 0.00  ? 9  ARG A O    8  
ATOM   1215 C CB   . ARG A 1 7  ? -1.941 0.492  -1.667 1.00 0.00  ? 9  ARG A CB   8  
ATOM   1216 C CG   . ARG A 1 7  ? -2.483 1.877  -2.105 1.00 0.00  ? 9  ARG A CG   8  
ATOM   1217 C CD   . ARG A 1 7  ? -4.018 1.962  -2.209 1.00 0.00  ? 9  ARG A CD   8  
ATOM   1218 N NE   . ARG A 1 7  ? -4.439 3.343  -2.564 1.00 0.00  ? 9  ARG A NE   8  
ATOM   1219 C CZ   . ARG A 1 7  ? -4.721 4.318  -1.699 1.00 0.00  ? 9  ARG A CZ   8  
ATOM   1220 N NH1  . ARG A 1 7  ? -4.656 4.198  -0.398 1.00 0.00  ? 9  ARG A NH1  8  
ATOM   1221 N NH2  . ARG A 1 7  ? -5.079 5.461  -2.190 1.00 0.00  ? 9  ARG A NH2  8  
ATOM   1222 H H    . ARG A 1 7  ? -0.807 1.219  0.821  1.00 0.00  ? 9  ARG A H    8  
ATOM   1223 H HA   . ARG A 1 7  ? -3.374 -0.156 -0.156 1.00 0.00  ? 9  ARG A HA   8  
ATOM   1224 H HB2  . ARG A 1 7  ? -0.842 0.511  -1.779 1.00 0.00  ? 9  ARG A HB2  8  
ATOM   1225 H HB3  . ARG A 1 7  ? -2.274 -0.261 -2.401 1.00 0.00  ? 9  ARG A HB3  8  
ATOM   1226 H HG2  . ARG A 1 7  ? -2.108 2.659  -1.416 1.00 0.00  ? 9  ARG A HG2  8  
ATOM   1227 H HG3  . ARG A 1 7  ? -2.044 2.148  -3.086 1.00 0.00  ? 9  ARG A HG3  8  
ATOM   1228 H HD2  . ARG A 1 7  ? -4.380 1.271  -2.995 1.00 0.00  ? 9  ARG A HD2  8  
ATOM   1229 H HD3  . ARG A 1 7  ? -4.511 1.618  -1.280 1.00 0.00  ? 9  ARG A HD3  8  
ATOM   1230 H HH11 . ARG A 1 7  ? -4.351 3.277  -0.068 1.00 0.00  ? 9  ARG A HH11 8  
ATOM   1231 H HH12 . ARG A 1 7  ? -4.838 5.033  0.162  1.00 0.00  ? 9  ARG A HH12 8  
ATOM   1232 H HH21 . ARG A 1 7  ? -5.118 5.448  -3.211 1.00 0.00  ? 9  ARG A HH21 8  
ATOM   1233 H HH22 . ARG A 1 7  ? -5.325 6.202  -1.535 1.00 0.00  ? 9  ARG A HH22 8  
ATOM   1234 N N    . TRP A 1 8  ? -2.312 -2.509 -0.270 1.00 0.00  ? 10 TRP A N    8  
ATOM   1235 C CA   . TRP A 1 8  ? -1.794 -3.884 -0.057 1.00 0.00  ? 10 TRP A CA   8  
ATOM   1236 C C    . TRP A 1 8  ? -1.812 -4.704 -1.388 1.00 0.00  ? 10 TRP A C    8  
ATOM   1237 O O    . TRP A 1 8  ? -2.845 -4.886 -2.039 1.00 0.00  ? 10 TRP A O    8  
ATOM   1238 C CB   . TRP A 1 8  ? -2.631 -4.512 1.084  1.00 0.00  ? 10 TRP A CB   8  
ATOM   1239 C CG   . TRP A 1 8  ? -2.281 -5.963 1.423  1.00 0.00  ? 10 TRP A CG   8  
ATOM   1240 C CD1  . TRP A 1 8  ? -3.005 -7.075 0.957  1.00 0.00  ? 10 TRP A CD1  8  
ATOM   1241 C CD2  . TRP A 1 8  ? -1.153 -6.474 2.032  1.00 0.00  ? 10 TRP A CD2  8  
ATOM   1242 N NE1  . TRP A 1 8  ? -2.355 -8.286 1.263  1.00 0.00  ? 10 TRP A NE1  8  
ATOM   1243 C CE2  . TRP A 1 8  ? -1.197 -7.885 1.913  1.00 0.00  ? 10 TRP A CE2  8  
ATOM   1244 C CE3  . TRP A 1 8  ? -0.036 -5.835 2.626  1.00 0.00  ? 10 TRP A CE3  8  
ATOM   1245 C CZ2  . TRP A 1 8  ? -0.112 -8.669 2.366  1.00 0.00  ? 10 TRP A CZ2  8  
ATOM   1246 C CZ3  . TRP A 1 8  ? 1.015  -6.631 3.086  1.00 0.00  ? 10 TRP A CZ3  8  
ATOM   1247 C CH2  . TRP A 1 8  ? 0.980  -8.025 2.954  1.00 0.00  ? 10 TRP A CH2  8  
ATOM   1248 H H    . TRP A 1 8  ? -3.238 -2.360 -0.677 1.00 0.00  ? 10 TRP A H    8  
ATOM   1249 H HA   . TRP A 1 8  ? -0.752 -3.848 0.324  1.00 0.00  ? 10 TRP A HA   8  
ATOM   1250 H HB2  . TRP A 1 8  ? -2.515 -3.901 1.996  1.00 0.00  ? 10 TRP A HB2  8  
ATOM   1251 H HB3  . TRP A 1 8  ? -3.702 -4.456 0.826  1.00 0.00  ? 10 TRP A HB3  8  
ATOM   1252 H HD1  . TRP A 1 8  ? -3.895 -6.972 0.350  1.00 0.00  ? 10 TRP A HD1  8  
ATOM   1253 H HE1  . TRP A 1 8  ? -2.637 -9.242 1.022  1.00 0.00  ? 10 TRP A HE1  8  
ATOM   1254 H HE3  . TRP A 1 8  ? 0.005  -4.758 2.711  1.00 0.00  ? 10 TRP A HE3  8  
ATOM   1255 H HZ2  . TRP A 1 8  ? -0.127 -9.739 2.239  1.00 0.00  ? 10 TRP A HZ2  8  
ATOM   1256 H HZ3  . TRP A 1 8  ? 1.877  -6.162 3.540  1.00 0.00  ? 10 TRP A HZ3  8  
ATOM   1257 H HH2  . TRP A 1 8  ? 1.817  -8.614 3.303  1.00 0.00  ? 10 TRP A HH2  8  
ATOM   1258 N N    . LYS A 1 9  ? -0.645 -5.262 -1.715 1.00 74.43 ? 11 LYS A N    8  
ATOM   1259 C CA   . LYS A 1 9  ? -0.458 -6.216 -2.838 1.00 4.20  ? 11 LYS A CA   8  
ATOM   1260 C C    . LYS A 1 9  ? -0.564 -7.685 -2.316 1.00 11.04 ? 11 LYS A C    8  
ATOM   1261 O O    . LYS A 1 9  ? 0.402  -8.335 -1.921 1.00 35.41 ? 11 LYS A O    8  
ATOM   1262 C CB   . LYS A 1 9  ? 0.929  -5.918 -3.475 1.00 41.10 ? 11 LYS A CB   8  
ATOM   1263 C CG   . LYS A 1 9  ? 1.021  -4.612 -4.301 1.00 44.10 ? 11 LYS A CG   8  
ATOM   1264 C CD   . LYS A 1 9  ? 2.465  -4.161 -4.634 1.00 33.11 ? 11 LYS A CD   8  
ATOM   1265 C CE   . LYS A 1 9  ? 3.348  -3.691 -3.453 1.00 70.12 ? 11 LYS A CE   8  
ATOM   1266 N NZ   . LYS A 1 9  ? 2.752  -2.537 -2.741 1.00 43.51 ? 11 LYS A NZ   8  
ATOM   1267 H H    . LYS A 1 9  ? 0.126  -5.015 -1.075 1.00 20.44 ? 11 LYS A H    8  
ATOM   1268 H HA   . LYS A 1 9  ? -1.229 -6.067 -3.622 1.00 50.52 ? 11 LYS A HA   8  
ATOM   1269 H HB2  . LYS A 1 9  ? 1.699  -5.929 -2.680 1.00 0.00  ? 11 LYS A HB2  8  
ATOM   1270 H HB3  . LYS A 1 9  ? 1.217  -6.758 -4.130 1.00 63.23 ? 11 LYS A HB3  8  
ATOM   1271 H HG2  . LYS A 1 9  ? 0.452  -4.742 -5.243 1.00 0.00  ? 11 LYS A HG2  8  
ATOM   1272 H HG3  . LYS A 1 9  ? 0.499  -3.789 -3.777 1.00 60.25 ? 11 LYS A HG3  8  
ATOM   1273 H HD2  . LYS A 1 9  ? 2.985  -4.979 -5.167 1.00 0.00  ? 11 LYS A HD2  8  
ATOM   1274 H HD3  . LYS A 1 9  ? 2.415  -3.338 -5.373 1.00 13.13 ? 11 LYS A HD3  8  
ATOM   1275 H HE2  . LYS A 1 9  ? 3.496  -4.518 -2.733 1.00 0.00  ? 11 LYS A HE2  8  
ATOM   1276 H HE3  . LYS A 1 9  ? 4.368  -3.463 -3.823 1.00 35.55 ? 11 LYS A HE3  8  
ATOM   1277 H HZ1  . LYS A 1 9  ? 1.927  -2.631 -2.142 1.00 44.51 ? 11 LYS A HZ1  8  
HETATM 1278 N N    . NH2 A 1 10 ? -1.744 -8.271 -2.276 1.00 24.35 ? 12 NH2 A N    8  
HETATM 1279 H HN1  . NH2 A 1 10 ? -2.549 -7.641 -2.334 1.00 71.12 ? 12 NH2 A HN1  8  
HETATM 1280 H HN2  . NH2 A 1 10 ? -1.701 -9.178 -1.804 1.00 14.20 ? 12 NH2 A HN2  8  
HETATM 1281 C C    . ACE A 1 1  ? 2.408  -5.407 0.776  1.00 1.42  ? 3  ACE A C    9  
HETATM 1282 O O    . ACE A 1 1  ? 1.218  -5.658 0.600  1.00 25.23 ? 3  ACE A O    9  
HETATM 1283 C CH3  . ACE A 1 1  ? 3.446  -6.512 0.711  1.00 11.32 ? 3  ACE A CH3  9  
HETATM 1284 H H1   . ACE A 1 1  ? 4.143  -6.358 -0.133 1.00 11.05 ? 3  ACE A H1   9  
HETATM 1285 H H2   . ACE A 1 1  ? 4.032  -6.573 1.646  1.00 31.00 ? 3  ACE A H2   9  
HETATM 1286 H H3   . ACE A 1 1  ? 2.959  -7.493 0.567  1.00 0.00  ? 3  ACE A H3   9  
HETATM 1287 N N    . NLE A 1 2  ? 2.888  -4.189 1.021  1.00 24.32 ? 4  NLE A N    9  
HETATM 1288 C CA   . NLE A 1 2  ? 2.025  -2.987 1.198  1.00 22.54 ? 4  NLE A CA   9  
HETATM 1289 C C    . NLE A 1 2  ? 2.712  -1.727 0.580  1.00 51.12 ? 4  NLE A C    9  
HETATM 1290 O O    . NLE A 1 2  ? 3.897  -1.458 0.800  1.00 4.44  ? 4  NLE A O    9  
HETATM 1291 C CB   . NLE A 1 2  ? 1.747  -2.844 2.713  1.00 51.41 ? 4  NLE A CB   9  
HETATM 1292 C CG   . NLE A 1 2  ? 0.722  -1.774 3.134  1.00 53.53 ? 4  NLE A CG   9  
HETATM 1293 C CD   . NLE A 1 2  ? 0.432  -1.762 4.647  1.00 13.25 ? 4  NLE A CD   9  
HETATM 1294 C CE   . NLE A 1 2  ? 1.548  -1.125 5.492  1.00 21.12 ? 4  NLE A CE   9  
HETATM 1295 H H    . NLE A 1 2  ? 3.891  -4.158 1.217  1.00 73.41 ? 4  NLE A H    9  
HETATM 1296 H HA   . NLE A 1 2  ? 1.054  -3.153 0.687  1.00 13.34 ? 4  NLE A HA   9  
HETATM 1297 H HB2  . NLE A 1 2  ? 2.703  -2.653 3.231  1.00 12.25 ? 4  NLE A HB2  9  
HETATM 1298 H HB3  . NLE A 1 2  ? 1.384  -3.814 3.089  1.00 64.43 ? 4  NLE A HB3  9  
HETATM 1299 H HG2  . NLE A 1 2  ? -0.230 -1.913 2.587  1.00 24.40 ? 4  NLE A HG2  9  
HETATM 1300 H HG3  . NLE A 1 2  ? 1.085  -0.784 2.820  1.00 61.35 ? 4  NLE A HG3  9  
HETATM 1301 H HD2  . NLE A 1 2  ? 0.224  -2.789 5.002  1.00 34.12 ? 4  NLE A HD2  9  
HETATM 1302 H HD3  . NLE A 1 2  ? -0.503 -1.200 4.823  1.00 2.42  ? 4  NLE A HD3  9  
HETATM 1303 H HE1  . NLE A 1 2  ? 1.743  -0.077 5.198  1.00 35.54 ? 4  NLE A HE1  9  
HETATM 1304 H HE2  . NLE A 1 2  ? 1.282  -1.114 6.567  1.00 13.20 ? 4  NLE A HE2  9  
HETATM 1305 H HE3  . NLE A 1 2  ? 2.504  -1.674 5.402  1.00 14.24 ? 4  NLE A HE3  9  
ATOM   1306 N N    . ASP A 1 3  ? 1.938  -0.955 -0.196 1.00 42.23 ? 5  ASP A N    9  
ATOM   1307 C CA   . ASP A 1 3  ? 2.466  0.154  -1.040 1.00 14.33 ? 5  ASP A CA   9  
ATOM   1308 C C    . ASP A 1 3  ? 1.905  1.564  -0.619 1.00 70.04 ? 5  ASP A C    9  
ATOM   1309 O O    . ASP A 1 3  ? 0.679  1.696  -0.500 1.00 71.01 ? 5  ASP A O    9  
ATOM   1310 C CB   . ASP A 1 3  ? 2.086  -0.129 -2.517 1.00 73.01 ? 5  ASP A CB   9  
ATOM   1311 C CG   . ASP A 1 3  ? 2.924  -1.188 -3.257 1.00 3.02  ? 5  ASP A CG   9  
ATOM   1312 O OD1  . ASP A 1 3  ? 4.124  -1.326 -3.014 1.00 41.31 ? 5  ASP A OD1  9  
ATOM   1313 H H    . ASP A 1 3  ? 0.940  -1.205 -0.164 1.00 62.10 ? 5  ASP A H    9  
ATOM   1314 H HA   . ASP A 1 3  ? 3.570  0.171  -0.992 1.00 60.50 ? 5  ASP A HA   9  
ATOM   1315 H HB2  . ASP A 1 3  ? 1.003  -0.349 -2.579 1.00 0.00  ? 5  ASP A HB2  9  
ATOM   1316 H HB3  . ASP A 1 3  ? 2.217  0.801  -3.093 1.00 72.20 ? 5  ASP A HB3  9  
ATOM   1317 N N    . PRO A 1 4  ? 2.725  2.652  -0.457 1.00 64.04 ? 6  PRO A N    9  
ATOM   1318 C CA   . PRO A 1 4  ? 2.216  4.035  -0.225 1.00 44.43 ? 6  PRO A CA   9  
ATOM   1319 C C    . PRO A 1 4  ? 1.182  4.621  -1.260 1.00 31.44 ? 6  PRO A C    9  
ATOM   1320 O O    . PRO A 1 4  ? 1.349  4.360  -2.458 1.00 1.02  ? 6  PRO A O    9  
ATOM   1321 C CB   . PRO A 1 4  ? 3.513  4.869  -0.211 1.00 53.11 ? 6  PRO A CB   9  
ATOM   1322 C CG   . PRO A 1 4  ? 4.609  3.909  0.242  1.00 4.15  ? 6  PRO A CG   9  
ATOM   1323 C CD   . PRO A 1 4  ? 4.195  2.560  -0.345 1.00 41.55 ? 6  PRO A CD   9  
ATOM   1324 H HA   . PRO A 1 4  ? 1.780  4.032  0.791  1.00 15.04 ? 6  PRO A HA   9  
ATOM   1325 H HB2  . PRO A 1 4  ? 3.758  5.244  -1.225 1.00 0.00  ? 6  PRO A HB2  9  
ATOM   1326 H HB3  . PRO A 1 4  ? 3.435  5.758  0.444  1.00 62.32 ? 6  PRO A HB3  9  
ATOM   1327 H HG2  . PRO A 1 4  ? 5.617  4.223  -0.088 1.00 0.00  ? 6  PRO A HG2  9  
ATOM   1328 H HG3  . PRO A 1 4  ? 4.637  3.860  1.347  1.00 31.02 ? 6  PRO A HG3  9  
ATOM   1329 H HD2  . PRO A 1 4  ? 4.644  2.400  -1.344 1.00 0.00  ? 6  PRO A HD2  9  
ATOM   1330 H HD3  . PRO A 1 4  ? 4.520  1.732  0.317  1.00 72.34 ? 6  PRO A HD3  9  
ATOM   1331 N N    . PRO A 1 5  ? 0.124  5.401  -0.880 1.00 22.14 ? 7  PRO A N    9  
ATOM   1332 C CA   . PRO A 1 5  ? -0.133 5.872  0.519  1.00 10.30 ? 7  PRO A CA   9  
ATOM   1333 C C    . PRO A 1 5  ? -0.840 4.901  1.536  1.00 31.43 ? 7  PRO A C    9  
ATOM   1334 O O    . PRO A 1 5  ? -1.304 5.352  2.585  1.00 11.54 ? 7  PRO A O    9  
ATOM   1335 C CB   . PRO A 1 5  ? -0.965 7.140  0.226  1.00 73.35 ? 7  PRO A CB   9  
ATOM   1336 C CG   . PRO A 1 5  ? -1.770 6.809  -1.034 1.00 73.14 ? 7  PRO A CG   9  
ATOM   1337 C CD   . PRO A 1 5  ? -0.798 5.988  -1.877 1.00 50.35 ? 7  PRO A CD   9  
ATOM   1338 H HA   . PRO A 1 5  ? 0.811  6.193  1.002  1.00 70.33 ? 7  PRO A HA   9  
ATOM   1339 H HB2  . PRO A 1 5  ? -1.611 7.453  1.068  1.00 0.00  ? 7  PRO A HB2  9  
ATOM   1340 H HB3  . PRO A 1 5  ? -0.291 7.996  0.024  1.00 33.33 ? 7  PRO A HB3  9  
ATOM   1341 H HG2  . PRO A 1 5  ? -2.658 6.200  -0.772 1.00 0.00  ? 7  PRO A HG2  9  
ATOM   1342 H HG3  . PRO A 1 5  ? -2.136 7.711  -1.561 1.00 23.41 ? 7  PRO A HG3  9  
ATOM   1343 H HD2  . PRO A 1 5  ? -1.317 5.211  -2.471 1.00 0.00  ? 7  PRO A HD2  9  
ATOM   1344 H HD3  . PRO A 1 5  ? -0.242 6.633  -2.586 1.00 41.43 ? 7  PRO A HD3  9  
HETATM 1345 N N    . 4J2 A 1 6  ? -0.877 3.586  1.266  1.00 55.11 ? 8  4J2 A N    9  
HETATM 1346 C CA   . 4J2 A 1 6  ? -1.427 2.554  2.187  1.00 24.43 ? 8  4J2 A CA   9  
HETATM 1347 C CB   . 4J2 A 1 6  ? -0.297 1.641  2.745  1.00 10.34 ? 8  4J2 A CB   9  
HETATM 1348 C CG   . 4J2 A 1 6  ? 0.976  2.253  3.343  1.00 12.23 ? 8  4J2 A CG   9  
HETATM 1349 C CD1  . 4J2 A 1 6  ? 2.222  1.808  2.911  1.00 0.11  ? 8  4J2 A CD1  9  
HETATM 1350 C CD2  . 4J2 A 1 6  ? 0.891  3.259  4.296  1.00 72.21 ? 8  4J2 A CD2  9  
HETATM 1351 C CE1  . 4J2 A 1 6  ? 3.392  2.374  3.396  1.00 51.02 ? 8  4J2 A CE1  9  
HETATM 1352 C CZ1  . 4J2 A 1 6  ? 3.328  3.421  4.313  1.00 50.12 ? 8  4J2 A CZ1  9  
HETATM 1353 C CZ2  . 4J2 A 1 6  ? 4.486  4.054  4.762  1.00 30.24 ? 8  4J2 A CZ2  9  
HETATM 1354 C CZ3  . 4J2 A 1 6  ? 4.399  5.104  5.672  1.00 44.51 ? 8  4J2 A CZ3  9  
HETATM 1355 C CE2  . 4J2 A 1 6  ? 2.047  3.872  4.785  1.00 75.11 ? 8  4J2 A CE2  9  
HETATM 1356 C CE3  . 4J2 A 1 6  ? 1.987  4.925  5.698  1.00 3.32  ? 8  4J2 A CE3  9  
HETATM 1357 C CE4  . 4J2 A 1 6  ? 3.159  5.534  6.138  1.00 51.13 ? 8  4J2 A CE4  9  
HETATM 1358 C C    . 4J2 A 1 6  ? -2.517 1.675  1.494  1.00 22.34 ? 8  4J2 A C    9  
HETATM 1359 H HE1  . 4J2 A 1 6  ? 4.340  2.006  3.027  1.00 0.00  ? 8  4J2 A HE1  9  
HETATM 1360 O O    . 4J2 A 1 6  ? -3.609 1.493  2.035  1.00 52.33 ? 8  4J2 A O    9  
HETATM 1361 H HE3  . 4J2 A 1 6  ? 1.036  5.286  6.067  1.00 0.00  ? 8  4J2 A HE3  9  
HETATM 1362 H HE4  . 4J2 A 1 6  ? 3.106  6.352  6.842  1.00 0.00  ? 8  4J2 A HE4  9  
HETATM 1363 H H    . 4J2 A 1 6  ? -0.325 3.298  0.452  1.00 71.33 ? 8  4J2 A H    9  
HETATM 1364 H HA   . 4J2 A 1 6  ? -1.898 3.028  3.064  1.00 41.44 ? 8  4J2 A HA   9  
HETATM 1365 H HB2  . 4J2 A 1 6  ? -0.743 0.992  3.512  1.00 40.54 ? 8  4J2 A HB2  9  
HETATM 1366 H HB1  . 4J2 A 1 6  ? 0.001  0.947  1.945  1.00 60.00 ? 8  4J2 A HB1  9  
HETATM 1367 H HD1  . 4J2 A 1 6  ? 2.269  1.033  2.167  1.00 0.00  ? 8  4J2 A HD1  9  
HETATM 1368 H HD2  . 4J2 A 1 6  ? -0.104 3.552  4.588  1.00 0.00  ? 8  4J2 A HD2  9  
HETATM 1369 H HZ2  . 4J2 A 1 6  ? 5.453  3.742  4.389  1.00 0.00  ? 8  4J2 A HZ2  9  
HETATM 1370 H HZ23 . 4J2 A 1 6  ? 5.301  5.592  6.014  1.00 0.00  ? 8  4J2 A HZ23 9  
ATOM   1371 N N    . ARG A 1 7  ? -2.173 1.072  0.339  1.00 0.00  ? 9  ARG A N    9  
ATOM   1372 C CA   . ARG A 1 7  ? -2.918 -0.064 -0.255 1.00 0.00  ? 9  ARG A CA   9  
ATOM   1373 C C    . ARG A 1 7  ? -2.133 -1.398 -0.046 1.00 0.00  ? 9  ARG A C    9  
ATOM   1374 O O    . ARG A 1 7  ? -0.896 -1.432 -0.033 1.00 0.00  ? 9  ARG A O    9  
ATOM   1375 C CB   . ARG A 1 7  ? -3.131 0.221  -1.766 1.00 0.00  ? 9  ARG A CB   9  
ATOM   1376 C CG   . ARG A 1 7  ? -4.081 1.391  -2.145 1.00 0.00  ? 9  ARG A CG   9  
ATOM   1377 C CD   . ARG A 1 7  ? -5.526 1.308  -1.609 1.00 0.00  ? 9  ARG A CD   9  
ATOM   1378 N NE   . ARG A 1 7  ? -6.242 0.121  -2.148 1.00 0.00  ? 9  ARG A NE   9  
ATOM   1379 C CZ   . ARG A 1 7  ? -7.437 -0.308 -1.746 1.00 0.00  ? 9  ARG A CZ   9  
ATOM   1380 N NH1  . ARG A 1 7  ? -8.155 0.268  -0.816 1.00 0.00  ? 9  ARG A NH1  9  
ATOM   1381 N NH2  . ARG A 1 7  ? -7.910 -1.367 -2.318 1.00 0.00  ? 9  ARG A NH2  9  
ATOM   1382 H H    . ARG A 1 7  ? -1.218 1.311  0.031  1.00 0.00  ? 9  ARG A H    9  
ATOM   1383 H HA   . ARG A 1 7  ? -3.913 -0.169 0.223  1.00 0.00  ? 9  ARG A HA   9  
ATOM   1384 H HB2  . ARG A 1 7  ? -2.149 0.371  -2.253 1.00 0.00  ? 9  ARG A HB2  9  
ATOM   1385 H HB3  . ARG A 1 7  ? -3.529 -0.694 -2.242 1.00 0.00  ? 9  ARG A HB3  9  
ATOM   1386 H HG2  . ARG A 1 7  ? -3.631 2.342  -1.803 1.00 0.00  ? 9  ARG A HG2  9  
ATOM   1387 H HG3  . ARG A 1 7  ? -4.119 1.479  -3.248 1.00 0.00  ? 9  ARG A HG3  9  
ATOM   1388 H HD2  . ARG A 1 7  ? -5.517 1.302  -0.500 1.00 0.00  ? 9  ARG A HD2  9  
ATOM   1389 H HD3  . ARG A 1 7  ? -6.075 2.228  -1.895 1.00 0.00  ? 9  ARG A HD3  9  
ATOM   1390 H HH11 . ARG A 1 7  ? -7.720 1.100  -0.415 1.00 0.00  ? 9  ARG A HH11 9  
ATOM   1391 H HH12 . ARG A 1 7  ? -9.057 -0.154 -0.597 1.00 0.00  ? 9  ARG A HH12 9  
ATOM   1392 H HH21 . ARG A 1 7  ? -7.277 -1.737 -3.031 1.00 0.00  ? 9  ARG A HH21 9  
ATOM   1393 H HH22 . ARG A 1 7  ? -8.826 -1.702 -2.023 1.00 0.00  ? 9  ARG A HH22 9  
ATOM   1394 N N    . TRP A 1 8  ? -2.865 -2.518 0.088  1.00 0.00  ? 10 TRP A N    9  
ATOM   1395 C CA   . TRP A 1 8  ? -2.248 -3.860 0.192  1.00 0.00  ? 10 TRP A CA   9  
ATOM   1396 C C    . TRP A 1 8  ? -1.960 -4.449 -1.228 1.00 0.00  ? 10 TRP A C    9  
ATOM   1397 O O    . TRP A 1 8  ? -2.803 -4.452 -2.131 1.00 0.00  ? 10 TRP A O    9  
ATOM   1398 C CB   . TRP A 1 8  ? -3.172 -4.741 1.067  1.00 0.00  ? 10 TRP A CB   9  
ATOM   1399 C CG   . TRP A 1 8  ? -2.609 -6.135 1.357  1.00 0.00  ? 10 TRP A CG   9  
ATOM   1400 C CD1  . TRP A 1 8  ? -2.906 -7.280 0.598  1.00 0.00  ? 10 TRP A CD1  9  
ATOM   1401 C CD2  . TRP A 1 8  ? -1.619 -6.514 2.241  1.00 0.00  ? 10 TRP A CD2  9  
ATOM   1402 N NE1  . TRP A 1 8  ? -2.121 -8.384 0.989  1.00 0.00  ? 10 TRP A NE1  9  
ATOM   1403 C CE2  . TRP A 1 8  ? -1.322 -7.879 2.003  1.00 0.00  ? 10 TRP A CE2  9  
ATOM   1404 C CE3  . TRP A 1 8  ? -0.884 -5.772 3.199  1.00 0.00  ? 10 TRP A CE3  9  
ATOM   1405 C CZ2  . TRP A 1 8  ? -0.278 -8.510 2.718  1.00 0.00  ? 10 TRP A CZ2  9  
ATOM   1406 C CZ3  . TRP A 1 8  ? 0.135  -6.420 3.901  1.00 0.00  ? 10 TRP A CZ3  9  
ATOM   1407 C CH2  . TRP A 1 8  ? 0.436  -7.767 3.663  1.00 0.00  ? 10 TRP A CH2  9  
ATOM   1408 H H    . TRP A 1 8  ? -3.840 -2.437 -0.205 1.00 0.00  ? 10 TRP A H    9  
ATOM   1409 H HA   . TRP A 1 8  ? -1.296 -3.766 0.759  1.00 0.00  ? 10 TRP A HA   9  
ATOM   1410 H HB2  . TRP A 1 8  ? -3.359 -4.241 2.033  1.00 0.00  ? 10 TRP A HB2  9  
ATOM   1411 H HB3  . TRP A 1 8  ? -4.162 -4.835 0.588  1.00 0.00  ? 10 TRP A HB3  9  
ATOM   1412 H HD1  . TRP A 1 8  ? -3.586 -7.251 -0.242 1.00 0.00  ? 10 TRP A HD1  9  
ATOM   1413 H HE1  . TRP A 1 8  ? -2.095 -9.322 0.575  1.00 0.00  ? 10 TRP A HE1  9  
ATOM   1414 H HE3  . TRP A 1 8  ? -1.096 -4.725 3.369  1.00 0.00  ? 10 TRP A HE3  9  
ATOM   1415 H HZ2  . TRP A 1 8  ? -0.030 -9.544 2.531  1.00 0.00  ? 10 TRP A HZ2  9  
ATOM   1416 H HZ3  . TRP A 1 8  ? 0.709  -5.868 4.632  1.00 0.00  ? 10 TRP A HZ3  9  
ATOM   1417 H HH2  . TRP A 1 8  ? 1.236  -8.239 4.214  1.00 0.00  ? 10 TRP A HH2  9  
ATOM   1418 N N    . LYS A 1 9  ? -0.739 -4.960 -1.371 1.00 74.43 ? 11 LYS A N    9  
ATOM   1419 C CA   . LYS A 1 9  ? -0.209 -5.543 -2.627 1.00 4.20  ? 11 LYS A CA   9  
ATOM   1420 C C    . LYS A 1 9  ? -0.105 -7.103 -2.572 1.00 11.04 ? 11 LYS A C    9  
ATOM   1421 O O    . LYS A 1 9  ? -0.599 -7.802 -3.451 1.00 35.41 ? 11 LYS A O    9  
ATOM   1422 C CB   . LYS A 1 9  ? 1.135  -4.797 -2.859 1.00 41.10 ? 11 LYS A CB   9  
ATOM   1423 C CG   . LYS A 1 9  ? 1.819  -5.096 -4.204 1.00 44.10 ? 11 LYS A CG   9  
ATOM   1424 C CD   . LYS A 1 9  ? 3.115  -4.286 -4.442 1.00 33.11 ? 11 LYS A CD   9  
ATOM   1425 C CE   . LYS A 1 9  ? 2.958  -2.878 -5.067 1.00 70.12 ? 11 LYS A CE   9  
ATOM   1426 N NZ   . LYS A 1 9  ? 2.282  -1.884 -4.201 1.00 43.51 ? 11 LYS A NZ   9  
ATOM   1427 H H    . LYS A 1 9  ? -0.181 -4.973 -0.511 1.00 20.44 ? 11 LYS A H    9  
ATOM   1428 H HA   . LYS A 1 9  ? -0.880 -5.300 -3.476 1.00 50.52 ? 11 LYS A HA   9  
ATOM   1429 H HB2  . LYS A 1 9  ? 0.959  -3.706 -2.790 1.00 0.00  ? 11 LYS A HB2  9  
ATOM   1430 H HB3  . LYS A 1 9  ? 1.845  -5.021 -2.039 1.00 63.23 ? 11 LYS A HB3  9  
ATOM   1431 H HG2  . LYS A 1 9  ? 2.061  -6.175 -4.227 1.00 0.00  ? 11 LYS A HG2  9  
ATOM   1432 H HG3  . LYS A 1 9  ? 1.098  -4.941 -5.026 1.00 60.25 ? 11 LYS A HG3  9  
ATOM   1433 H HD2  . LYS A 1 9  ? 3.709  -4.216 -3.510 1.00 0.00  ? 11 LYS A HD2  9  
ATOM   1434 H HD3  . LYS A 1 9  ? 3.755  -4.872 -5.127 1.00 13.13 ? 11 LYS A HD3  9  
ATOM   1435 H HE2  . LYS A 1 9  ? 3.957  -2.502 -5.366 1.00 0.00  ? 11 LYS A HE2  9  
ATOM   1436 H HE3  . LYS A 1 9  ? 2.401  -2.961 -6.019 1.00 35.55 ? 11 LYS A HE3  9  
ATOM   1437 H HZ1  . LYS A 1 9  ? 1.282  -1.679 -4.272 1.00 44.51 ? 11 LYS A HZ1  9  
HETATM 1438 N N    . NH2 A 1 10 ? 0.532  -7.726 -1.593 1.00 24.35 ? 12 NH2 A N    9  
HETATM 1439 H HN1  . NH2 A 1 10 ? 0.784  -7.146 -0.781 1.00 71.12 ? 12 NH2 A HN1  9  
HETATM 1440 H HN2  . NH2 A 1 10 ? 0.446  -8.745 -1.636 1.00 14.20 ? 12 NH2 A HN2  9  
HETATM 1441 C C    . ACE A 1 1  ? 2.352  -4.831 0.675  1.00 1.42  ? 3  ACE A C    10 
HETATM 1442 O O    . ACE A 1 1  ? 1.359  -4.878 -0.051 1.00 25.23 ? 3  ACE A O    10 
HETATM 1443 C CH3  . ACE A 1 1  ? 3.266  -6.034 0.812  1.00 11.32 ? 3  ACE A CH3  10 
HETATM 1444 H H1   . ACE A 1 1  ? 2.976  -6.829 0.104  1.00 11.05 ? 3  ACE A H1   10 
HETATM 1445 H H2   . ACE A 1 1  ? 4.318  -5.774 0.600  1.00 31.00 ? 3  ACE A H2   10 
HETATM 1446 H H3   . ACE A 1 1  ? 3.209  -6.462 1.830  1.00 0.00  ? 3  ACE A H3   10 
HETATM 1447 N N    . NLE A 1 2  ? 2.705  -3.770 1.400  1.00 24.32 ? 4  NLE A N    10 
HETATM 1448 C CA   . NLE A 1 2  ? 1.934  -2.498 1.432  1.00 22.54 ? 4  NLE A CA   10 
HETATM 1449 C C    . NLE A 1 2  ? 2.656  -1.350 0.657  1.00 51.12 ? 4  NLE A C    10 
HETATM 1450 O O    . NLE A 1 2  ? 3.808  -1.007 0.940  1.00 4.44  ? 4  NLE A O    10 
HETATM 1451 C CB   . NLE A 1 2  ? 1.609  -2.164 2.912  1.00 51.41 ? 4  NLE A CB   10 
HETATM 1452 C CG   . NLE A 1 2  ? 2.765  -1.747 3.862  1.00 53.53 ? 4  NLE A CG   10 
HETATM 1453 C CD   . NLE A 1 2  ? 2.439  -1.863 5.362  1.00 13.25 ? 4  NLE A CD   10 
HETATM 1454 C CE   . NLE A 1 2  ? 1.609  -0.697 5.909  1.00 21.12 ? 4  NLE A CE   10 
HETATM 1455 H H    . NLE A 1 2  ? 3.495  -3.919 2.030  1.00 73.41 ? 4  NLE A H    10 
HETATM 1456 H HA   . NLE A 1 2  ? 0.944  -2.666 0.957  1.00 13.34 ? 4  NLE A HA   10 
HETATM 1457 H HB2  . NLE A 1 2  ? 1.085  -3.038 3.329  1.00 12.25 ? 4  NLE A HB2  10 
HETATM 1458 H HB3  . NLE A 1 2  ? 0.846  -1.373 2.930  1.00 64.43 ? 4  NLE A HB3  10 
HETATM 1459 H HG2  . NLE A 1 2  ? 3.115  -0.727 3.621  1.00 24.40 ? 4  NLE A HG2  10 
HETATM 1460 H HG3  . NLE A 1 2  ? 3.646  -2.373 3.663  1.00 61.35 ? 4  NLE A HG3  10 
HETATM 1461 H HD2  . NLE A 1 2  ? 3.389  -1.906 5.928  1.00 34.12 ? 4  NLE A HD2  10 
HETATM 1462 H HD3  . NLE A 1 2  ? 1.936  -2.827 5.574  1.00 2.42  ? 4  NLE A HD3  10 
HETATM 1463 H HE1  . NLE A 1 2  ? 0.642  -0.590 5.385  1.00 35.54 ? 4  NLE A HE1  10 
HETATM 1464 H HE2  . NLE A 1 2  ? 1.388  -0.827 6.985  1.00 13.20 ? 4  NLE A HE2  10 
HETATM 1465 H HE3  . NLE A 1 2  ? 2.151  0.261  5.808  1.00 14.24 ? 4  NLE A HE3  10 
ATOM   1466 N N    . ASP A 1 3  ? 1.952  -0.744 -0.309 1.00 42.23 ? 5  ASP A N    10 
ATOM   1467 C CA   . ASP A 1 3  ? 2.508  0.329  -1.180 1.00 14.33 ? 5  ASP A CA   10 
ATOM   1468 C C    . ASP A 1 3  ? 1.962  1.749  -0.781 1.00 70.04 ? 5  ASP A C    10 
ATOM   1469 O O    . ASP A 1 3  ? 0.744  1.866  -0.593 1.00 71.01 ? 5  ASP A O    10 
ATOM   1470 C CB   . ASP A 1 3  ? 2.131  0.027  -2.651 1.00 73.01 ? 5  ASP A CB   10 
ATOM   1471 C CG   . ASP A 1 3  ? 2.843  -1.174 -3.289 1.00 3.02  ? 5  ASP A CG   10 
ATOM   1472 O OD1  . ASP A 1 3  ? 4.072  -1.232 -3.300 1.00 41.31 ? 5  ASP A OD1  10 
ATOM   1473 H H    . ASP A 1 3  ? 0.995  -1.108 -0.432 1.00 62.10 ? 5  ASP A H    10 
ATOM   1474 H HA   . ASP A 1 3  ? 3.614  0.325  -1.116 1.00 60.50 ? 5  ASP A HA   10 
ATOM   1475 H HB2  . ASP A 1 3  ? 1.028  -0.046 -2.742 1.00 0.00  ? 5  ASP A HB2  10 
ATOM   1476 H HB3  . ASP A 1 3  ? 2.402  0.899  -3.268 1.00 72.20 ? 5  ASP A HB3  10 
ATOM   1477 N N    . PRO A 1 4  ? 2.770  2.847  -0.641 1.00 64.04 ? 6  PRO A N    10 
ATOM   1478 C CA   . PRO A 1 4  ? 2.263  4.173  -0.177 1.00 44.43 ? 6  PRO A CA   10 
ATOM   1479 C C    . PRO A 1 4  ? 1.214  4.873  -1.121 1.00 31.44 ? 6  PRO A C    10 
ATOM   1480 O O    . PRO A 1 4  ? 1.433  4.857  -2.339 1.00 1.02  ? 6  PRO A O    10 
ATOM   1481 C CB   . PRO A 1 4  ? 3.563  4.980  0.029  1.00 53.11 ? 6  PRO A CB   10 
ATOM   1482 C CG   . PRO A 1 4  ? 4.609  4.298  -0.854 1.00 4.15  ? 6  PRO A CG   10 
ATOM   1483 C CD   . PRO A 1 4  ? 4.237  2.818  -0.796 1.00 41.55 ? 6  PRO A CD   10 
ATOM   1484 H HA   . PRO A 1 4  ? 1.824  4.021  0.822  1.00 15.04 ? 6  PRO A HA   10 
ATOM   1485 H HB2  . PRO A 1 4  ? 3.455  6.058  -0.206 1.00 0.00  ? 6  PRO A HB2  10 
ATOM   1486 H HB3  . PRO A 1 4  ? 3.875  4.925  1.090  1.00 62.32 ? 6  PRO A HB3  10 
ATOM   1487 H HG2  . PRO A 1 4  ? 4.526  4.669  -1.894 1.00 0.00  ? 6  PRO A HG2  10 
ATOM   1488 H HG3  . PRO A 1 4  ? 5.647  4.491  -0.520 1.00 31.02 ? 6  PRO A HG3  10 
ATOM   1489 H HD2  . PRO A 1 4  ? 4.570  2.288  -1.707 1.00 0.00  ? 6  PRO A HD2  10 
ATOM   1490 H HD3  . PRO A 1 4  ? 4.703  2.321  0.081  1.00 72.34 ? 6  PRO A HD3  10 
ATOM   1491 N N    . PRO A 1 5  ? 0.078  5.477  -0.645 1.00 22.14 ? 7  PRO A N    10 
ATOM   1492 C CA   . PRO A 1 5  ? -0.199 5.757  0.802  1.00 10.30 ? 7  PRO A CA   10 
ATOM   1493 C C    . PRO A 1 5  ? -0.983 4.665  1.626  1.00 31.43 ? 7  PRO A C    10 
ATOM   1494 O O    . PRO A 1 5  ? -1.875 4.981  2.417  1.00 11.54 ? 7  PRO A O    10 
ATOM   1495 C CB   . PRO A 1 5  ? -0.959 7.095  0.657  1.00 73.35 ? 7  PRO A CB   10 
ATOM   1496 C CG   . PRO A 1 5  ? -1.784 6.944  -0.623 1.00 73.14 ? 7  PRO A CG   10 
ATOM   1497 C CD   . PRO A 1 5  ? -0.862 6.165  -1.555 1.00 50.35 ? 7  PRO A CD   10 
ATOM   1498 H HA   . PRO A 1 5  ? 0.734  5.965  1.359  1.00 70.33 ? 7  PRO A HA   10 
ATOM   1499 H HB2  . PRO A 1 5  ? -1.582 7.347  1.536  1.00 0.00  ? 7  PRO A HB2  10 
ATOM   1500 H HB3  . PRO A 1 5  ? -0.239 7.930  0.546  1.00 33.33 ? 7  PRO A HB3  10 
ATOM   1501 H HG2  . PRO A 1 5  ? -2.702 6.359  -0.420 1.00 0.00  ? 7  PRO A HG2  10 
ATOM   1502 H HG3  . PRO A 1 5  ? -2.103 7.915  -1.047 1.00 23.41 ? 7  PRO A HG3  10 
ATOM   1503 H HD2  . PRO A 1 5  ? -1.421 5.446  -2.187 1.00 0.00  ? 7  PRO A HD2  10 
ATOM   1504 H HD3  . PRO A 1 5  ? -0.317 6.849  -2.236 1.00 41.43 ? 7  PRO A HD3  10 
HETATM 1505 N N    . 4J2 A 1 6  ? -0.602 3.386  1.492  1.00 55.11 ? 8  4J2 A N    10 
HETATM 1506 C CA   . 4J2 A 1 6  ? -1.127 2.259  2.307  1.00 24.43 ? 8  4J2 A CA   10 
HETATM 1507 C CB   . 4J2 A 1 6  ? 0.032  1.324  2.772  1.00 10.34 ? 8  4J2 A CB   10 
HETATM 1508 C CG   . 4J2 A 1 6  ? 1.306  1.944  3.359  1.00 12.23 ? 8  4J2 A CG   10 
HETATM 1509 C CD1  . 4J2 A 1 6  ? 2.515  1.824  2.682  1.00 0.11  ? 8  4J2 A CD1  10 
HETATM 1510 C CD2  . 4J2 A 1 6  ? 1.249  2.646  4.553  1.00 72.21 ? 8  4J2 A CD2  10 
HETATM 1511 C CE1  . 4J2 A 1 6  ? 3.669  2.424  3.160  1.00 51.02 ? 8  4J2 A CE1  10 
HETATM 1512 C CZ1  . 4J2 A 1 6  ? 3.628  3.158  4.342  1.00 50.12 ? 8  4J2 A CZ1  10 
HETATM 1513 C CZ2  . 4J2 A 1 6  ? 4.769  3.785  4.834  1.00 30.24 ? 8  4J2 A CZ2  10 
HETATM 1514 C CZ3  . 4J2 A 1 6  ? 4.711  4.509  6.023  1.00 44.51 ? 8  4J2 A CZ3  10 
HETATM 1515 C CE2  . 4J2 A 1 6  ? 2.389  3.268  5.066  1.00 75.11 ? 8  4J2 A CE2  10 
HETATM 1516 C CE3  . 4J2 A 1 6  ? 2.357  3.995  6.256  1.00 3.32  ? 8  4J2 A CE3  10 
HETATM 1517 C CE4  . 4J2 A 1 6  ? 3.515  4.611  6.729  1.00 51.13 ? 8  4J2 A CE4  10 
HETATM 1518 C C    . 4J2 A 1 6  ? -2.217 1.447  1.539  1.00 22.34 ? 8  4J2 A C    10 
HETATM 1519 H HE1  . 4J2 A 1 6  ? 4.587  2.308  2.601  1.00 0.00  ? 8  4J2 A HE1  10 
HETATM 1520 O O    . 4J2 A 1 6  ? -3.353 1.322  2.002  1.00 52.33 ? 8  4J2 A O    10 
HETATM 1521 H HE3  . 4J2 A 1 6  ? 1.441  4.095  6.822  1.00 0.00  ? 8  4J2 A HE3  10 
HETATM 1522 H HE4  . 4J2 A 1 6  ? 3.483  5.175  7.650  1.00 0.00  ? 8  4J2 A HE4  10 
HETATM 1523 H H    . 4J2 A 1 6  ? 0.099  3.199  0.768  1.00 71.33 ? 8  4J2 A H    10 
HETATM 1524 H HA   . 4J2 A 1 6  ? -1.584 2.650  3.234  1.00 41.44 ? 8  4J2 A HA   10 
HETATM 1525 H HB2  . 4J2 A 1 6  ? -0.382 0.627  3.516  1.00 40.54 ? 8  4J2 A HB2  10 
HETATM 1526 H HB1  . 4J2 A 1 6  ? 0.326  0.666  1.937  1.00 60.00 ? 8  4J2 A HB1  10 
HETATM 1527 H HD1  . 4J2 A 1 6  ? 2.545  1.257  1.774  1.00 0.00  ? 8  4J2 A HD1  10 
HETATM 1528 H HD2  . 4J2 A 1 6  ? 0.292  2.654  5.040  1.00 0.00  ? 8  4J2 A HD2  10 
HETATM 1529 H HZ2  . 4J2 A 1 6  ? 5.697  3.710  4.283  1.00 0.00  ? 8  4J2 A HZ2  10 
HETATM 1530 H HZ23 . 4J2 A 1 6  ? 5.600  4.994  6.399  1.00 0.00  ? 8  4J2 A HZ23 10 
ATOM   1531 N N    . ARG A 1 7  ? -1.843 0.881  0.377  1.00 0.00  ? 9  ARG A N    10 
ATOM   1532 C CA   . ARG A 1 7  ? -2.688 -0.043 -0.417 1.00 0.00  ? 9  ARG A CA   10 
ATOM   1533 C C    . ARG A 1 7  ? -1.982 -1.435 -0.483 1.00 0.00  ? 9  ARG A C    10 
ATOM   1534 O O    . ARG A 1 7  ? -0.770 -1.539 -0.704 1.00 0.00  ? 9  ARG A O    10 
ATOM   1535 C CB   . ARG A 1 7  ? -2.910 0.538  -1.838 1.00 0.00  ? 9  ARG A CB   10 
ATOM   1536 C CG   . ARG A 1 7  ? -3.522 1.960  -1.952 1.00 0.00  ? 9  ARG A CG   10 
ATOM   1537 C CD   . ARG A 1 7  ? -4.943 2.107  -1.372 1.00 0.00  ? 9  ARG A CD   10 
ATOM   1538 N NE   . ARG A 1 7  ? -5.350 3.536  -1.343 1.00 0.00  ? 9  ARG A NE   10 
ATOM   1539 C CZ   . ARG A 1 7  ? -5.140 4.384  -0.332 1.00 0.00  ? 9  ARG A CZ   10 
ATOM   1540 N NH1  . ARG A 1 7  ? -4.535 4.071  0.785  1.00 0.00  ? 9  ARG A NH1  10 
ATOM   1541 N NH2  . ARG A 1 7  ? -5.565 5.597  -0.478 1.00 0.00  ? 9  ARG A NH2  10 
ATOM   1542 H H    . ARG A 1 7  ? -0.912 1.189  0.057  1.00 0.00  ? 9  ARG A H    10 
ATOM   1543 H HA   . ARG A 1 7  ? -3.680 -0.167 0.063  1.00 0.00  ? 9  ARG A HA   10 
ATOM   1544 H HB2  . ARG A 1 7  ? -1.941 0.529  -2.370 1.00 0.00  ? 9  ARG A HB2  10 
ATOM   1545 H HB3  . ARG A 1 7  ? -3.540 -0.166 -2.407 1.00 0.00  ? 9  ARG A HB3  10 
ATOM   1546 H HG2  . ARG A 1 7  ? -2.843 2.686  -1.459 1.00 0.00  ? 9  ARG A HG2  10 
ATOM   1547 H HG3  . ARG A 1 7  ? -3.535 2.277  -3.012 1.00 0.00  ? 9  ARG A HG3  10 
ATOM   1548 H HD2  . ARG A 1 7  ? -5.663 1.544  -1.997 1.00 0.00  ? 9  ARG A HD2  10 
ATOM   1549 H HD3  . ARG A 1 7  ? -5.028 1.653  -0.365 1.00 0.00  ? 9  ARG A HD3  10 
ATOM   1550 H HH11 . ARG A 1 7  ? -4.218 3.099  0.838  1.00 0.00  ? 9  ARG A HH11 10 
ATOM   1551 H HH12 . ARG A 1 7  ? -4.391 4.814  1.472  1.00 0.00  ? 9  ARG A HH12 10 
ATOM   1552 H HH21 . ARG A 1 7  ? -6.034 5.739  -1.375 1.00 0.00  ? 9  ARG A HH21 10 
ATOM   1553 H HH22 . ARG A 1 7  ? -5.431 6.245  0.299  1.00 0.00  ? 9  ARG A HH22 10 
ATOM   1554 N N    . TRP A 1 8  ? -2.746 -2.517 -0.272 1.00 0.00  ? 10 TRP A N    10 
ATOM   1555 C CA   . TRP A 1 8  ? -2.179 -3.874 -0.099 1.00 0.00  ? 10 TRP A CA   10 
ATOM   1556 C C    . TRP A 1 8  ? -2.128 -4.666 -1.444 1.00 0.00  ? 10 TRP A C    10 
ATOM   1557 O O    . TRP A 1 8  ? -3.131 -4.863 -2.136 1.00 0.00  ? 10 TRP A O    10 
ATOM   1558 C CB   . TRP A 1 8  ? -3.012 -4.581 0.998  1.00 0.00  ? 10 TRP A CB   10 
ATOM   1559 C CG   . TRP A 1 8  ? -2.510 -5.977 1.380  1.00 0.00  ? 10 TRP A CG   10 
ATOM   1560 C CD1  . TRP A 1 8  ? -3.001 -7.173 0.834  1.00 0.00  ? 10 TRP A CD1  10 
ATOM   1561 C CD2  . TRP A 1 8  ? -1.444 -6.335 2.179  1.00 0.00  ? 10 TRP A CD2  10 
ATOM   1562 N NE1  . TRP A 1 8  ? -2.266 -8.291 1.277  1.00 0.00  ? 10 TRP A NE1  10 
ATOM   1563 C CE2  . TRP A 1 8  ? -1.297 -7.743 2.106  1.00 0.00  ? 10 TRP A CE2  10 
ATOM   1564 C CE3  . TRP A 1 8  ? -0.537 -5.554 2.934  1.00 0.00  ? 10 TRP A CE3  10 
ATOM   1565 C CZ2  . TRP A 1 8  ? -0.232 -8.377 2.786  1.00 0.00  ? 10 TRP A CZ2  10 
ATOM   1566 C CZ3  . TRP A 1 8  ? 0.501  -6.202 3.604  1.00 0.00  ? 10 TRP A CZ3  10 
ATOM   1567 C CH2  . TRP A 1 8  ? 0.653  -7.594 3.531  1.00 0.00  ? 10 TRP A CH2  10 
ATOM   1568 H H    . TRP A 1 8  ? -3.751 -2.379 -0.388 1.00 0.00  ? 10 TRP A H    10 
ATOM   1569 H HA   . TRP A 1 8  ? -1.154 -3.782 0.321  1.00 0.00  ? 10 TRP A HA   10 
ATOM   1570 H HB2  . TRP A 1 8  ? -3.023 -3.961 1.912  1.00 0.00  ? 10 TRP A HB2  10 
ATOM   1571 H HB3  . TRP A 1 8  ? -4.065 -4.651 0.675  1.00 0.00  ? 10 TRP A HB3  10 
ATOM   1572 H HD1  . TRP A 1 8  ? -3.792 -7.186 0.097  1.00 0.00  ? 10 TRP A HD1  10 
ATOM   1573 H HE1  . TRP A 1 8  ? -2.372 -9.273 0.995  1.00 0.00  ? 10 TRP A HE1  10 
ATOM   1574 H HE3  . TRP A 1 8  ? -0.647 -4.481 2.976  1.00 0.00  ? 10 TRP A HE3  10 
ATOM   1575 H HZ2  . TRP A 1 8  ? -0.104 -9.450 2.726  1.00 0.00  ? 10 TRP A HZ2  10 
ATOM   1576 H HZ3  . TRP A 1 8  ? 1.203  -5.619 4.183  1.00 0.00  ? 10 TRP A HZ3  10 
ATOM   1577 H HH2  . TRP A 1 8  ? 1.471  -8.067 4.057  1.00 0.00  ? 10 TRP A HH2  10 
ATOM   1578 N N    . LYS A 1 9  ? -0.934 -5.182 -1.724 1.00 74.43 ? 11 LYS A N    10 
ATOM   1579 C CA   . LYS A 1 9  ? -0.685 -6.204 -2.776 1.00 4.20  ? 11 LYS A CA   10 
ATOM   1580 C C    . LYS A 1 9  ? -0.512 -7.633 -2.164 1.00 11.04 ? 11 LYS A C    10 
ATOM   1581 O O    . LYS A 1 9  ? -1.224 -8.568 -2.520 1.00 35.41 ? 11 LYS A O    10 
ATOM   1582 C CB   . LYS A 1 9  ? 0.548  -5.744 -3.601 1.00 41.10 ? 11 LYS A CB   10 
ATOM   1583 C CG   . LYS A 1 9  ? 0.269  -4.577 -4.578 1.00 44.10 ? 11 LYS A CG   10 
ATOM   1584 C CD   . LYS A 1 9  ? 1.521  -4.045 -5.316 1.00 33.11 ? 11 LYS A CD   10 
ATOM   1585 C CE   . LYS A 1 9  ? 2.592  -3.329 -4.462 1.00 70.12 ? 11 LYS A CE   10 
ATOM   1586 N NZ   . LYS A 1 9  ? 2.055  -2.104 -3.832 1.00 43.51 ? 11 LYS A NZ   10 
ATOM   1587 H H    . LYS A 1 9  ? -0.207 -4.919 -1.045 1.00 20.44 ? 11 LYS A H    10 
ATOM   1588 H HA   . LYS A 1 9  ? -1.551 -6.275 -3.466 1.00 50.52 ? 11 LYS A HA   10 
ATOM   1589 H HB2  . LYS A 1 9  ? 1.376  -5.484 -2.914 1.00 0.00  ? 11 LYS A HB2  10 
ATOM   1590 H HB3  . LYS A 1 9  ? 0.931  -6.600 -4.184 1.00 63.23 ? 11 LYS A HB3  10 
ATOM   1591 H HG2  . LYS A 1 9  ? -0.476 -4.906 -5.327 1.00 0.00  ? 11 LYS A HG2  10 
ATOM   1592 H HG3  . LYS A 1 9  ? -0.226 -3.744 -4.042 1.00 60.25 ? 11 LYS A HG3  10 
ATOM   1593 H HD2  . LYS A 1 9  ? 2.002  -4.883 -5.857 1.00 0.00  ? 11 LYS A HD2  10 
ATOM   1594 H HD3  . LYS A 1 9  ? 1.194  -3.356 -6.118 1.00 13.13 ? 11 LYS A HD3  10 
ATOM   1595 H HE2  . LYS A 1 9  ? 2.993  -4.008 -3.685 1.00 0.00  ? 11 LYS A HE2  10 
ATOM   1596 H HE3  . LYS A 1 9  ? 3.459  -3.080 -5.106 1.00 35.55 ? 11 LYS A HE3  10 
ATOM   1597 H HZ1  . LYS A 1 9  ? 1.053  -1.939 -3.713 1.00 44.51 ? 11 LYS A HZ1  10 
HETATM 1598 N N    . NH2 A 1 10 ? 0.409  -7.890 -1.248 1.00 24.35 ? 12 NH2 A N    10 
HETATM 1599 H HN1  . NH2 A 1 10 ? 0.330  -8.831 -0.855 1.00 71.12 ? 12 NH2 A HN1  10 
HETATM 1600 H HN2  . NH2 A 1 10 ? 0.854  -7.069 -0.824 1.00 14.20 ? 12 NH2 A HN2  10 
# 
